data_4PLB
#
_entry.id   4PLB
#
_cell.length_a   93.310
_cell.length_b   93.310
_cell.length_c   410.197
_cell.angle_alpha   90.00
_cell.angle_beta   90.00
_cell.angle_gamma   120.00
#
_symmetry.space_group_name_H-M   'P 61'
#
loop_
_entity.id
_entity.type
_entity.pdbx_description
1 polymer "DNA (5'-D(P*AP*GP*CP*CP*GP*TP*AP*GP*GP*GP*CP*CP*CP*TP*AP*CP*GP*GP*CP*T)-3')"
2 polymer 'Chimera protein of DNA gyrase subunits B and A'
3 non-polymer 6-[({(1r,4S)-1-[(1S)-2-(3-fluoro-6-methoxy-1,5-naphthyridin-4-yl)-1-hydroxyethyl]-2-oxabicyclo[2.2.2]oct-4-yl}amino)methyl]-2H-pyrido[3,2-b][1,4]oxazin-3(4H)-one
4 non-polymer 'SULFATE ION'
5 non-polymer 'MANGANESE (II) ION'
6 water water
#
loop_
_entity_poly.entity_id
_entity_poly.type
_entity_poly.pdbx_seq_one_letter_code
_entity_poly.pdbx_strand_id
1 'polydeoxyribonucleotide' (DA)(DG)(DC)(DC)(DG)(DT)(DA)(DG)(DG)(DG)(DC)(DC)(DC)(DT)(DA)(DC)(DG)(DG)(DC)(DT) E,F
2 'polypeptide(L)'
;PDVASLPGKLADCSSKSPEECEIFLVEGDSAGGSTKSGRDSRTQAILPLRGKILNVEKARLDRILNNNEIRQMITAFGTG
IGGDFDLAKARYHKIVIMTDADVDGAHIRTLLLTFFYRFMRPLIEAGYVYIAQPPTGYKGLGEMNADQLWETTMNPEHRA
LLQVKLEDAIEADQTFEMLMGDVVENRRQFIEDNAVYANLDFAELPQSRINERNITSEMRESFLDYAMSVIVARALPDVR
DGLKPVHRRILYGLNEQGMTPDKSYKKSARIVGDVMGKYHPHGDSSIYEAMVRMAQDFSYRYPLVDGQGNFGSMDGDGAA
AMRFTEARMTKITLELLRDINKDTIDFIDNYDGNEREPSVLPARFPNLLANGASGIAVGMATNIPPHNLTELINGVLSLS
KNPDISIAELMEDIEGPDFPTAGLILGKSGIRRAYETGRGSIQMRSRAVIEERGGGRQRIVVTEIPFQVNKARMIEKIAE
LVRDKKIDGITDLRDETSLRTGVRVVIDVRKDANASVILNNLYKQTPLQTSFGVNMIALVNGRPKLINLKEALVHYLEHQ
KTVVRRRTQYNLRKAKDRAHILEGLRIALDHIDEIISTIRESDTDKVAMESLQQRFKLSEKQAQAILDMRLRRLTGLERD
KIEAEYNELLNYISELETILADEEVLLQLVRDELTEIRDRFGDDRRTEIQLG
;
B,D
#
loop_
_chem_comp.id
_chem_comp.type
_chem_comp.name
_chem_comp.formula
31N non-polymer 6-[({(1r,4S)-1-[(1S)-2-(3-fluoro-6-methoxy-1,5-naphthyridin-4-yl)-1-hydroxyethyl]-2-oxabicyclo[2.2.2]oct-4-yl}amino)methyl]-2H-pyrido[3,2-b][1,4]oxazin-3(4H)-one 'C26 H28 F N5 O5'
DA DNA linking 2'-DEOXYADENOSINE-5'-MONOPHOSPHATE 'C10 H14 N5 O6 P'
DC DNA linking 2'-DEOXYCYTIDINE-5'-MONOPHOSPHATE 'C9 H14 N3 O7 P'
DG DNA linking 2'-DEOXYGUANOSINE-5'-MONOPHOSPHATE 'C10 H14 N5 O7 P'
DT DNA linking THYMIDINE-5'-MONOPHOSPHATE 'C10 H15 N2 O8 P'
MN non-polymer 'MANGANESE (II) ION' 'Mn 2'
SO4 non-polymer 'SULFATE ION' 'O4 S -2'
#
# COMPACT_ATOMS: atom_id res chain seq x y z
N LYS C 9 11.41 24.85 -8.40
CA LYS C 9 10.81 24.16 -7.24
C LYS C 9 10.34 25.12 -6.14
N LEU C 10 10.93 26.32 -6.10
CA LEU C 10 10.60 27.38 -5.15
C LEU C 10 9.24 28.00 -5.49
N ALA C 11 8.39 28.18 -4.48
CA ALA C 11 7.08 28.81 -4.62
C ALA C 11 7.26 30.10 -3.84
N ASP C 12 7.82 31.13 -4.51
CA ASP C 12 8.12 32.41 -3.90
C ASP C 12 6.91 33.23 -3.51
N CYS C 13 7.16 34.26 -2.70
CA CYS C 13 6.14 35.21 -2.28
C CYS C 13 6.11 36.46 -3.20
N SER C 14 4.94 37.13 -3.28
CA SER C 14 4.73 38.30 -4.14
C SER C 14 5.55 39.51 -3.73
N SER C 15 5.64 39.83 -2.41
CA SER C 15 6.43 40.97 -1.92
C SER C 15 7.91 40.77 -2.25
N LYS C 16 8.61 41.85 -2.65
CA LYS C 16 10.05 41.77 -2.98
C LYS C 16 10.93 42.51 -1.97
N SER C 17 10.37 42.76 -0.75
CA SER C 17 11.05 43.42 0.37
C SER C 17 11.59 42.35 1.34
N PRO C 18 12.90 42.01 1.27
CA PRO C 18 13.47 41.00 2.17
C PRO C 18 13.09 41.10 3.65
N GLU C 19 12.97 42.34 4.19
CA GLU C 19 12.62 42.58 5.60
C GLU C 19 11.31 41.89 6.05
N GLU C 20 10.30 41.90 5.18
CA GLU C 20 9.01 41.29 5.49
C GLU C 20 8.85 39.86 4.97
N CYS C 21 9.85 39.39 4.19
CA CYS C 21 9.86 38.07 3.58
C CYS C 21 10.50 36.94 4.40
N GLU C 22 9.83 35.76 4.36
CA GLU C 22 10.22 34.52 5.04
C GLU C 22 10.26 33.37 4.08
N ILE C 23 11.24 32.46 4.24
CA ILE C 23 11.36 31.26 3.40
C ILE C 23 11.26 30.04 4.28
N PHE C 24 10.33 29.14 3.96
CA PHE C 24 10.14 27.90 4.71
C PHE C 24 10.80 26.75 3.96
N LEU C 25 11.63 25.96 4.68
CA LEU C 25 12.32 24.80 4.11
C LEU C 25 11.60 23.55 4.59
N VAL C 26 11.02 22.80 3.65
CA VAL C 26 10.27 21.57 3.93
C VAL C 26 10.96 20.35 3.27
N GLU C 27 10.68 19.12 3.73
CA GLU C 27 11.30 17.85 3.26
C GLU C 27 11.03 17.41 1.83
N GLY C 28 9.85 17.75 1.31
CA GLY C 28 9.42 17.42 -0.04
C GLY C 28 8.09 18.02 -0.40
N ASP C 29 7.56 17.63 -1.58
CA ASP C 29 6.30 18.10 -2.15
C ASP C 29 5.03 17.79 -1.37
N SER C 30 5.00 16.71 -0.57
CA SER C 30 3.85 16.33 0.25
C SER C 30 3.62 17.40 1.35
N ALA C 31 4.72 17.81 2.04
CA ALA C 31 4.73 18.84 3.07
C ALA C 31 4.50 20.22 2.42
N GLY C 32 5.09 20.42 1.24
CA GLY C 32 4.96 21.65 0.46
C GLY C 32 3.53 22.07 0.14
N GLY C 33 2.71 21.12 -0.27
CA GLY C 33 1.31 21.36 -0.61
C GLY C 33 0.53 21.94 0.54
N SER C 34 0.58 21.25 1.70
CA SER C 34 -0.07 21.67 2.92
C SER C 34 0.43 23.08 3.30
N THR C 35 1.78 23.27 3.24
CA THR C 35 2.47 24.52 3.52
C THR C 35 2.02 25.62 2.60
N LYS C 36 2.02 25.38 1.29
CA LYS C 36 1.62 26.32 0.24
C LYS C 36 0.17 26.76 0.39
N SER C 37 -0.69 25.87 0.89
CA SER C 37 -2.11 26.11 1.09
C SER C 37 -2.46 26.98 2.31
N GLY C 38 -1.69 26.82 3.39
CA GLY C 38 -1.90 27.54 4.64
C GLY C 38 -1.22 28.89 4.75
N ARG C 39 -0.07 29.05 4.07
CA ARG C 39 0.75 30.27 4.09
C ARG C 39 0.10 31.54 3.58
N ASP C 40 0.80 32.67 3.83
CA ASP C 40 0.49 34.01 3.36
C ASP C 40 1.41 34.09 2.14
N SER C 41 0.81 34.05 0.93
CA SER C 41 1.57 34.09 -0.33
C SER C 41 2.35 35.40 -0.54
N ARG C 42 1.97 36.46 0.19
CA ARG C 42 2.61 37.76 0.09
C ARG C 42 3.97 37.82 0.78
N THR C 43 4.07 37.27 1.99
CA THR C 43 5.28 37.31 2.81
C THR C 43 6.05 36.00 2.96
N GLN C 44 5.39 34.86 2.76
CA GLN C 44 5.98 33.54 2.94
C GLN C 44 6.27 32.76 1.65
N ALA C 45 7.53 32.30 1.48
CA ALA C 45 8.03 31.49 0.35
C ALA C 45 8.29 30.03 0.79
N ILE C 46 8.08 29.05 -0.11
CA ILE C 46 8.33 27.64 0.23
C ILE C 46 9.33 26.99 -0.69
N LEU C 47 10.32 26.36 -0.07
CA LEU C 47 11.29 25.60 -0.80
C LEU C 47 11.26 24.15 -0.31
N PRO C 48 10.63 23.24 -1.09
CA PRO C 48 10.63 21.82 -0.69
C PRO C 48 11.93 21.14 -1.12
N LEU C 49 12.63 20.52 -0.18
CA LEU C 49 13.88 19.79 -0.44
C LEU C 49 13.54 18.37 -0.96
N ARG C 50 14.50 17.42 -0.94
CA ARG C 50 14.25 16.06 -1.44
C ARG C 50 14.77 14.99 -0.46
N GLY C 51 14.31 15.12 0.78
CA GLY C 51 14.66 14.21 1.86
C GLY C 51 15.93 14.56 2.58
N LYS C 52 16.80 13.56 2.73
CA LYS C 52 18.04 13.79 3.43
C LYS C 52 18.97 14.58 2.58
N ILE C 53 19.39 15.72 3.07
CA ILE C 53 20.32 16.57 2.40
C ILE C 53 21.74 16.08 2.56
N LEU C 54 22.60 16.51 1.69
CA LEU C 54 24.00 16.09 1.76
C LEU C 54 24.63 16.59 3.07
N ASN C 55 25.54 15.78 3.69
CA ASN C 55 26.27 16.16 4.90
C ASN C 55 27.51 16.88 4.37
N VAL C 56 27.54 18.21 4.49
CA VAL C 56 28.66 19.04 4.00
C VAL C 56 29.98 18.85 4.76
N GLU C 57 29.91 18.48 6.06
CA GLU C 57 31.07 18.22 6.90
C GLU C 57 31.90 17.02 6.36
N LYS C 58 31.21 15.99 5.80
CA LYS C 58 31.81 14.78 5.23
C LYS C 58 32.02 14.86 3.72
N ALA C 59 31.57 15.93 3.06
CA ALA C 59 31.71 16.05 1.61
C ALA C 59 32.74 17.07 1.15
N ARG C 60 33.33 16.81 -0.03
CA ARG C 60 34.29 17.71 -0.65
C ARG C 60 33.48 18.69 -1.51
N LEU C 61 34.04 19.88 -1.81
CA LEU C 61 33.42 20.95 -2.57
C LEU C 61 32.81 20.60 -3.93
N ASP C 62 33.49 19.78 -4.76
CA ASP C 62 32.94 19.41 -6.08
C ASP C 62 31.53 18.79 -5.91
N ARG C 63 31.38 17.89 -4.91
CA ARG C 63 30.15 17.23 -4.55
C ARG C 63 29.12 18.23 -3.99
N ILE C 64 29.52 19.08 -3.00
CA ILE C 64 28.65 20.08 -2.40
C ILE C 64 28.02 20.98 -3.48
N LEU C 65 28.86 21.54 -4.38
CA LEU C 65 28.48 22.44 -5.48
C LEU C 65 27.70 21.80 -6.62
N ASN C 66 27.76 20.47 -6.79
CA ASN C 66 27.00 19.83 -7.86
C ASN C 66 25.59 19.40 -7.41
N ASN C 67 25.36 19.40 -6.08
CA ASN C 67 24.09 19.02 -5.44
C ASN C 67 22.91 19.95 -5.75
N ASN C 68 21.82 19.37 -6.30
CA ASN C 68 20.59 20.10 -6.66
C ASN C 68 19.92 20.84 -5.54
N GLU C 69 19.91 20.27 -4.34
CA GLU C 69 19.27 20.91 -3.18
C GLU C 69 20.10 22.04 -2.64
N ILE C 70 21.42 21.85 -2.53
CA ILE C 70 22.32 22.88 -2.04
C ILE C 70 22.16 24.07 -3.02
N ARG C 71 22.34 23.82 -4.33
CA ARG C 71 22.23 24.83 -5.39
C ARG C 71 20.96 25.63 -5.30
N GLN C 72 19.80 24.93 -5.18
CA GLN C 72 18.47 25.49 -5.04
C GLN C 72 18.38 26.40 -3.83
N MET C 73 19.07 26.07 -2.74
CA MET C 73 19.04 26.93 -1.55
C MET C 73 19.88 28.21 -1.72
N ILE C 74 21.08 28.10 -2.34
CA ILE C 74 21.96 29.25 -2.56
C ILE C 74 21.22 30.27 -3.43
N THR C 75 20.66 29.81 -4.57
CA THR C 75 19.91 30.61 -5.54
C THR C 75 18.72 31.36 -4.89
N ALA C 76 17.89 30.65 -4.09
CA ALA C 76 16.72 31.21 -3.40
C ALA C 76 17.11 32.27 -2.36
N PHE C 77 18.26 32.13 -1.71
CA PHE C 77 18.70 33.10 -0.71
C PHE C 77 19.45 34.28 -1.36
N GLY C 78 20.11 34.03 -2.49
CA GLY C 78 20.86 35.02 -3.26
C GLY C 78 22.08 35.65 -2.59
N THR C 79 22.42 35.18 -1.38
CA THR C 79 23.56 35.68 -0.59
C THR C 79 24.93 35.21 -1.06
N GLY C 80 25.00 34.04 -1.70
CA GLY C 80 26.25 33.43 -2.11
C GLY C 80 26.78 32.57 -0.97
N ILE C 81 28.00 32.04 -1.13
CA ILE C 81 28.59 31.17 -0.13
C ILE C 81 30.04 31.51 0.18
N GLY C 82 30.50 31.10 1.38
CA GLY C 82 31.85 31.26 1.90
C GLY C 82 32.40 32.67 1.89
N GLY C 83 33.45 32.87 1.08
CA GLY C 83 34.12 34.15 0.93
C GLY C 83 33.29 35.22 0.25
N ASP C 84 32.39 34.79 -0.66
CA ASP C 84 31.49 35.67 -1.41
C ASP C 84 30.11 35.84 -0.75
N PHE C 85 30.01 35.53 0.56
CA PHE C 85 28.76 35.68 1.30
C PHE C 85 28.41 37.16 1.54
N ASP C 86 27.23 37.59 1.06
CA ASP C 86 26.75 38.95 1.22
C ASP C 86 25.37 39.00 1.86
N LEU C 87 25.29 39.44 3.12
CA LEU C 87 24.02 39.53 3.87
C LEU C 87 23.03 40.55 3.29
N ALA C 88 23.52 41.56 2.53
CA ALA C 88 22.71 42.59 1.88
C ALA C 88 21.94 41.98 0.71
N LYS C 89 22.52 40.94 0.08
CA LYS C 89 21.92 40.24 -1.04
C LYS C 89 20.80 39.25 -0.62
N ALA C 90 20.60 39.03 0.71
CA ALA C 90 19.57 38.14 1.25
C ALA C 90 18.20 38.56 0.77
N ARG C 91 17.45 37.61 0.17
CA ARG C 91 16.09 37.80 -0.36
C ARG C 91 15.03 37.58 0.72
N TYR C 92 15.45 37.07 1.89
CA TYR C 92 14.60 36.77 3.03
C TYR C 92 15.34 37.05 4.32
N HIS C 93 14.67 37.67 5.29
CA HIS C 93 15.22 37.99 6.59
C HIS C 93 14.91 36.91 7.62
N LYS C 94 14.16 35.87 7.17
CA LYS C 94 13.77 34.73 7.97
C LYS C 94 13.82 33.43 7.15
N ILE C 95 14.82 32.57 7.44
CA ILE C 95 14.99 31.24 6.82
C ILE C 95 14.48 30.28 7.89
N VAL C 96 13.26 29.76 7.71
CA VAL C 96 12.60 28.87 8.67
C VAL C 96 12.77 27.39 8.30
N ILE C 97 13.46 26.61 9.16
CA ILE C 97 13.63 25.18 8.93
C ILE C 97 12.34 24.55 9.43
N MET C 98 11.60 23.88 8.54
CA MET C 98 10.35 23.24 8.90
C MET C 98 10.27 21.77 8.45
N THR C 99 11.09 20.94 9.08
CA THR C 99 11.12 19.51 8.79
C THR C 99 10.00 18.85 9.62
N ASP C 100 9.70 17.57 9.34
CA ASP C 100 8.67 16.83 10.04
C ASP C 100 9.03 16.57 11.51
N ALA C 101 8.00 16.50 12.34
CA ALA C 101 8.10 16.28 13.78
C ALA C 101 8.37 14.81 14.08
N ASP C 102 9.48 14.29 13.55
CA ASP C 102 9.96 12.92 13.70
C ASP C 102 11.51 12.88 13.80
N VAL C 103 12.11 11.71 14.11
CA VAL C 103 13.58 11.62 14.29
C VAL C 103 14.38 11.97 13.06
N ASP C 104 13.83 11.68 11.88
CA ASP C 104 14.44 11.97 10.60
C ASP C 104 14.35 13.44 10.28
N GLY C 105 13.28 14.09 10.76
CA GLY C 105 13.10 15.53 10.61
C GLY C 105 14.17 16.26 11.42
N ALA C 106 14.55 15.71 12.58
CA ALA C 106 15.58 16.26 13.44
C ALA C 106 16.96 16.07 12.75
N HIS C 107 17.19 14.91 12.09
CA HIS C 107 18.42 14.65 11.35
C HIS C 107 18.57 15.63 10.20
N ILE C 108 17.49 15.82 9.37
CA ILE C 108 17.50 16.74 8.24
C ILE C 108 17.82 18.18 8.75
N ARG C 109 17.31 18.54 9.96
CA ARG C 109 17.57 19.83 10.60
C ARG C 109 19.06 20.00 10.92
N THR C 110 19.72 18.94 11.47
CA THR C 110 21.15 18.96 11.80
C THR C 110 21.95 19.07 10.49
N LEU C 111 21.45 18.41 9.41
CA LEU C 111 22.07 18.41 8.08
C LEU C 111 22.01 19.83 7.46
N LEU C 112 20.84 20.50 7.58
CA LEU C 112 20.62 21.86 7.09
C LEU C 112 21.43 22.86 7.91
N LEU C 113 21.47 22.73 9.26
CA LEU C 113 22.26 23.63 10.11
C LEU C 113 23.76 23.50 9.79
N THR C 114 24.28 22.28 9.50
CA THR C 114 25.69 22.04 9.15
C THR C 114 26.06 22.84 7.91
N PHE C 115 25.17 22.85 6.88
CA PHE C 115 25.38 23.60 5.62
C PHE C 115 25.37 25.12 5.88
N PHE C 116 24.39 25.61 6.68
CA PHE C 116 24.26 27.02 7.06
C PHE C 116 25.49 27.42 7.86
N TYR C 117 25.94 26.59 8.84
CA TYR C 117 27.12 26.91 9.63
C TYR C 117 28.42 26.90 8.86
N ARG C 118 28.58 25.98 7.89
CA ARG C 118 29.83 25.90 7.15
C ARG C 118 29.96 26.81 5.98
N PHE C 119 28.86 27.11 5.29
CA PHE C 119 28.85 27.95 4.09
C PHE C 119 28.19 29.32 4.23
N MET C 120 27.27 29.48 5.18
CA MET C 120 26.54 30.74 5.36
C MET C 120 26.53 31.17 6.83
N ARG C 121 27.72 31.19 7.46
CA ARG C 121 27.84 31.56 8.86
C ARG C 121 27.27 32.94 9.29
N PRO C 122 27.49 34.07 8.54
CA PRO C 122 26.94 35.37 8.99
C PRO C 122 25.42 35.46 9.06
N LEU C 123 24.72 34.59 8.28
CA LEU C 123 23.26 34.45 8.20
C LEU C 123 22.73 33.96 9.58
N ILE C 124 23.52 33.13 10.29
CA ILE C 124 23.21 32.63 11.64
C ILE C 124 23.52 33.75 12.66
N GLU C 125 24.68 34.43 12.46
CA GLU C 125 25.18 35.53 13.28
C GLU C 125 24.17 36.70 13.32
N ALA C 126 23.52 36.97 12.17
CA ALA C 126 22.50 38.00 11.98
C ALA C 126 21.15 37.59 12.58
N GLY C 127 20.99 36.33 12.94
CA GLY C 127 19.74 35.83 13.50
C GLY C 127 18.61 35.66 12.49
N TYR C 128 18.98 35.39 11.21
CA TYR C 128 18.05 35.18 10.08
C TYR C 128 17.55 33.72 9.99
N VAL C 129 18.22 32.76 10.67
CA VAL C 129 17.88 31.32 10.67
C VAL C 129 16.98 31.01 11.87
N TYR C 130 15.81 30.45 11.59
CA TYR C 130 14.84 30.10 12.62
C TYR C 130 14.41 28.65 12.44
N ILE C 131 13.80 28.05 13.49
CA ILE C 131 13.31 26.65 13.50
C ILE C 131 11.80 26.70 13.81
N ALA C 132 10.96 26.17 12.90
CA ALA C 132 9.51 26.12 13.06
C ALA C 132 9.17 25.05 14.09
N GLN C 133 7.99 25.16 14.68
CA GLN C 133 7.62 24.16 15.68
C GLN C 133 6.23 23.56 15.40
N PRO C 134 6.14 22.63 14.42
CA PRO C 134 4.82 22.04 14.12
C PRO C 134 4.41 20.99 15.17
N PRO C 135 3.10 20.66 15.32
CA PRO C 135 2.72 19.64 16.32
C PRO C 135 3.14 18.22 15.93
N THR C 136 3.34 17.42 16.95
CA THR C 136 3.69 16.05 16.80
C THR C 136 2.41 15.28 16.70
N GLY C 137 2.52 14.02 16.38
CA GLY C 137 1.34 13.22 16.14
C GLY C 137 0.98 13.26 14.70
N TYR C 138 1.82 13.88 13.87
CA TYR C 138 1.65 13.83 12.45
C TYR C 138 2.83 13.17 11.80
N LYS C 139 2.60 12.56 10.65
CA LYS C 139 3.59 11.77 9.93
C LYS C 139 4.44 12.66 9.07
N GLY C 140 3.91 13.82 8.78
CA GLY C 140 4.61 14.76 7.98
C GLY C 140 3.62 15.86 7.80
N LEU C 141 4.11 17.01 7.46
CA LEU C 141 3.22 18.16 7.31
C LEU C 141 2.10 17.89 6.30
N GLY C 142 2.31 16.88 5.45
CA GLY C 142 1.37 16.40 4.44
C GLY C 142 0.15 15.71 5.03
N GLU C 143 0.21 15.34 6.34
CA GLU C 143 -0.89 14.72 7.09
C GLU C 143 -1.79 15.81 7.73
N MET C 144 -1.27 17.04 7.84
CA MET C 144 -2.00 18.17 8.41
C MET C 144 -2.81 18.91 7.36
N ASN C 145 -3.94 19.48 7.79
CA ASN C 145 -4.79 20.28 6.93
C ASN C 145 -4.17 21.66 6.91
N ALA C 146 -4.42 22.41 5.86
CA ALA C 146 -3.79 23.67 5.67
C ALA C 146 -4.13 24.64 6.77
N ASP C 147 -5.38 24.68 7.19
CA ASP C 147 -5.79 25.60 8.24
C ASP C 147 -5.12 25.29 9.55
N GLN C 148 -4.95 24.02 9.81
CA GLN C 148 -4.25 23.54 10.98
C GLN C 148 -2.82 23.99 10.99
N LEU C 149 -2.17 23.92 9.85
CA LEU C 149 -0.79 24.35 9.72
C LEU C 149 -0.57 25.82 9.93
N TRP C 150 -1.45 26.65 9.38
CA TRP C 150 -1.30 28.08 9.47
C TRP C 150 -1.38 28.58 10.89
N GLU C 151 -2.36 28.06 11.59
CA GLU C 151 -2.64 28.45 12.96
C GLU C 151 -1.56 28.10 13.95
N THR C 152 -1.19 26.82 13.99
CA THR C 152 -0.18 26.27 14.90
C THR C 152 1.26 26.59 14.56
N THR C 153 1.60 26.80 13.26
CA THR C 153 3.01 26.96 12.87
C THR C 153 3.43 28.15 12.03
N MET C 154 2.54 28.69 11.20
CA MET C 154 2.91 29.75 10.28
C MET C 154 2.39 31.14 10.54
N ASN C 155 1.22 31.25 11.20
CA ASN C 155 0.60 32.53 11.54
C ASN C 155 1.53 33.29 12.50
N PRO C 156 2.03 34.52 12.18
CA PRO C 156 2.90 35.25 13.13
C PRO C 156 2.20 35.63 14.45
N GLU C 157 0.85 35.74 14.40
CA GLU C 157 -0.05 36.05 15.50
C GLU C 157 -0.18 34.91 16.52
N HIS C 158 0.22 33.64 16.16
CA HIS C 158 0.09 32.48 17.06
C HIS C 158 1.28 31.51 17.14
N ARG C 159 2.17 31.48 16.11
CA ARG C 159 3.33 30.58 16.03
C ARG C 159 4.41 30.83 17.07
N ALA C 160 5.23 29.80 17.31
CA ALA C 160 6.36 29.79 18.24
C ALA C 160 7.63 29.39 17.47
N LEU C 161 8.40 30.40 17.05
CA LEU C 161 9.65 30.21 16.31
C LEU C 161 10.85 30.29 17.20
N LEU C 162 11.83 29.38 17.01
CA LEU C 162 13.09 29.43 17.74
C LEU C 162 14.07 30.13 16.80
N GLN C 163 14.83 31.12 17.29
CA GLN C 163 15.81 31.83 16.48
C GLN C 163 17.17 31.22 16.79
N VAL C 164 17.84 30.70 15.77
CA VAL C 164 19.15 30.06 15.95
C VAL C 164 20.17 31.09 16.32
N LYS C 165 20.85 30.87 17.46
CA LYS C 165 21.88 31.76 17.99
C LYS C 165 23.23 31.07 18.15
N LEU C 166 24.26 31.69 17.59
CA LEU C 166 25.65 31.22 17.66
C LEU C 166 26.33 31.96 18.82
N GLU C 167 26.53 31.24 19.94
CA GLU C 167 27.13 31.77 21.15
C GLU C 167 28.65 31.78 21.01
N ASP C 168 29.30 30.67 21.41
CA ASP C 168 30.74 30.40 21.39
C ASP C 168 31.08 29.65 20.09
N ALA C 169 31.74 30.36 19.16
CA ALA C 169 32.15 29.83 17.85
C ALA C 169 33.16 28.67 17.89
N ILE C 170 34.03 28.61 18.91
CA ILE C 170 35.03 27.54 19.07
C ILE C 170 34.29 26.24 19.42
N GLU C 171 33.31 26.37 20.32
CA GLU C 171 32.46 25.30 20.81
C GLU C 171 31.62 24.75 19.66
N ALA C 172 31.11 25.62 18.75
CA ALA C 172 30.27 25.20 17.62
C ALA C 172 31.05 24.41 16.56
N ASP C 173 32.31 24.82 16.26
CA ASP C 173 33.21 24.16 15.30
C ASP C 173 33.40 22.71 15.70
N GLN C 174 33.67 22.49 16.99
CA GLN C 174 33.89 21.18 17.62
C GLN C 174 32.65 20.32 17.63
N THR C 175 31.46 20.93 17.85
CA THR C 175 30.16 20.25 17.86
C THR C 175 29.84 19.81 16.42
N PHE C 176 30.14 20.65 15.43
CA PHE C 176 29.94 20.28 14.04
C PHE C 176 30.92 19.21 13.62
N GLU C 177 32.17 19.26 14.13
CA GLU C 177 33.23 18.29 13.87
C GLU C 177 32.87 16.93 14.45
N MET C 178 32.65 16.88 15.78
CA MET C 178 32.31 15.65 16.51
C MET C 178 31.05 14.92 15.99
N LEU C 179 29.94 15.66 15.80
CA LEU C 179 28.67 15.10 15.37
C LEU C 179 28.57 14.80 13.88
N MET C 180 28.93 15.75 13.02
CA MET C 180 28.77 15.57 11.59
C MET C 180 30.01 15.15 10.84
N GLY C 181 31.18 15.19 11.51
CA GLY C 181 32.47 14.84 10.94
C GLY C 181 32.67 13.40 10.50
N ASP C 182 33.76 13.15 9.78
CA ASP C 182 34.08 11.82 9.28
C ASP C 182 34.62 10.82 10.33
N VAL C 183 35.12 11.31 11.48
CA VAL C 183 35.64 10.44 12.55
C VAL C 183 34.48 9.91 13.38
N VAL C 184 34.22 8.60 13.26
CA VAL C 184 33.15 7.86 13.94
C VAL C 184 33.36 7.73 15.46
N GLU C 185 34.62 7.57 15.94
CA GLU C 185 34.89 7.41 17.38
C GLU C 185 34.35 8.49 18.30
N ASN C 186 34.59 9.77 17.98
CA ASN C 186 34.16 10.93 18.77
C ASN C 186 32.64 11.04 18.84
N ARG C 187 31.97 10.67 17.75
CA ARG C 187 30.52 10.63 17.59
C ARG C 187 29.99 9.47 18.49
N ARG C 188 30.63 8.28 18.41
CA ARG C 188 30.27 7.11 19.22
C ARG C 188 30.41 7.43 20.72
N GLN C 189 31.55 8.05 21.10
CA GLN C 189 31.84 8.47 22.48
C GLN C 189 30.79 9.52 22.94
N PHE C 190 30.33 10.43 22.05
CA PHE C 190 29.29 11.40 22.38
C PHE C 190 27.96 10.67 22.76
N ILE C 191 27.57 9.63 21.97
CA ILE C 191 26.34 8.88 22.21
C ILE C 191 26.49 8.06 23.52
N GLU C 192 27.65 7.43 23.74
CA GLU C 192 27.93 6.67 24.95
C GLU C 192 27.78 7.60 26.20
N ASP C 193 28.41 8.78 26.16
CA ASP C 193 28.40 9.76 27.22
C ASP C 193 27.03 10.38 27.48
N ASN C 194 26.20 10.59 26.43
CA ASN C 194 24.91 11.28 26.56
C ASN C 194 23.64 10.47 26.52
N ALA C 195 23.66 9.26 25.93
CA ALA C 195 22.49 8.41 25.84
C ALA C 195 21.89 8.00 27.17
N VAL C 196 20.56 7.99 27.22
CA VAL C 196 19.74 7.60 28.37
C VAL C 196 18.78 6.54 27.80
N TYR C 197 19.02 5.27 28.16
CA TYR C 197 18.21 4.12 27.70
C TYR C 197 17.03 3.75 28.64
N ALA C 198 16.03 3.00 28.11
CA ALA C 198 14.80 2.55 28.79
C ALA C 198 13.94 3.74 29.20
N ASN C 211 11.40 33.13 21.33
CA ASN C 211 12.42 32.37 22.06
C ASN C 211 13.63 32.11 21.19
N GLU C 212 14.82 32.03 21.81
CA GLU C 212 16.06 31.77 21.07
C GLU C 212 16.73 30.45 21.45
N ARG C 213 17.34 29.79 20.44
CA ARG C 213 17.98 28.48 20.57
C ARG C 213 19.45 28.48 20.20
N ASN C 214 20.28 27.94 21.11
CA ASN C 214 21.72 27.85 20.91
C ASN C 214 22.03 26.74 19.91
N ILE C 215 22.71 27.09 18.78
CA ILE C 215 23.08 26.16 17.72
C ILE C 215 23.73 24.85 18.23
N THR C 216 24.67 24.95 19.20
CA THR C 216 25.35 23.81 19.82
C THR C 216 24.37 22.88 20.55
N SER C 217 23.49 23.45 21.40
CA SER C 217 22.46 22.71 22.16
C SER C 217 21.48 22.01 21.21
N GLU C 218 21.08 22.70 20.12
CA GLU C 218 20.17 22.22 19.09
C GLU C 218 20.80 21.01 18.39
N MET C 219 22.04 21.17 17.91
CA MET C 219 22.80 20.11 17.25
C MET C 219 22.96 18.87 18.14
N ARG C 220 23.34 19.07 19.41
CA ARG C 220 23.54 17.98 20.36
C ARG C 220 22.25 17.24 20.68
N GLU C 221 21.12 17.95 20.86
CA GLU C 221 19.83 17.31 21.18
C GLU C 221 19.16 16.62 19.99
N SER C 222 19.14 17.28 18.81
CA SER C 222 18.53 16.73 17.62
C SER C 222 19.32 15.55 17.13
N PHE C 223 20.65 15.67 17.01
CA PHE C 223 21.47 14.55 16.55
C PHE C 223 21.42 13.36 17.51
N LEU C 224 21.36 13.61 18.84
CA LEU C 224 21.27 12.52 19.81
C LEU C 224 19.91 11.83 19.74
N ASP C 225 18.81 12.56 19.45
CA ASP C 225 17.50 11.93 19.30
C ASP C 225 17.51 11.03 18.08
N TYR C 226 18.18 11.47 17.00
CA TYR C 226 18.29 10.72 15.78
C TYR C 226 19.17 9.49 16.02
N ALA C 227 20.42 9.69 16.50
CA ALA C 227 21.37 8.62 16.79
C ALA C 227 20.77 7.53 17.69
N MET C 228 20.11 7.92 18.80
CA MET C 228 19.49 6.97 19.72
C MET C 228 18.37 6.17 19.08
N SER C 229 17.62 6.79 18.16
CA SER C 229 16.49 6.17 17.47
C SER C 229 16.94 5.13 16.45
N VAL C 230 18.02 5.40 15.71
CA VAL C 230 18.56 4.46 14.72
C VAL C 230 19.15 3.23 15.46
N ILE C 231 19.82 3.45 16.59
CA ILE C 231 20.45 2.43 17.42
C ILE C 231 19.43 1.48 18.08
N VAL C 232 18.49 2.03 18.88
CA VAL C 232 17.51 1.21 19.62
C VAL C 232 16.24 0.85 18.90
N ALA C 233 15.91 1.55 17.81
CA ALA C 233 14.67 1.35 17.07
C ALA C 233 14.76 1.35 15.52
N ARG C 234 15.89 0.87 14.96
CA ARG C 234 16.03 0.79 13.51
C ARG C 234 16.97 -0.26 12.94
N ALA C 235 18.28 0.01 13.09
CA ALA C 235 19.41 -0.75 12.55
C ALA C 235 19.95 -1.95 13.31
N LEU C 236 19.77 -1.99 14.63
CA LEU C 236 20.33 -3.08 15.42
C LEU C 236 19.34 -4.15 15.86
N PRO C 237 19.74 -5.43 15.79
CA PRO C 237 18.83 -6.51 16.20
C PRO C 237 18.79 -6.68 17.72
N ASP C 238 17.69 -7.23 18.25
CA ASP C 238 17.58 -7.48 19.66
C ASP C 238 18.27 -8.81 19.90
N VAL C 239 19.02 -8.96 21.02
CA VAL C 239 19.70 -10.23 21.31
C VAL C 239 18.73 -11.41 21.48
N ARG C 240 17.53 -11.15 22.03
CA ARG C 240 16.52 -12.18 22.33
C ARG C 240 15.85 -12.82 21.14
N ASP C 241 15.33 -12.01 20.21
CA ASP C 241 14.64 -12.58 19.04
C ASP C 241 15.43 -12.48 17.73
N GLY C 242 16.51 -11.70 17.73
CA GLY C 242 17.35 -11.46 16.56
C GLY C 242 16.72 -10.54 15.54
N LEU C 243 15.61 -9.89 15.88
CA LEU C 243 14.92 -9.03 14.95
C LEU C 243 15.08 -7.54 15.20
N LYS C 244 14.94 -6.75 14.10
CA LYS C 244 14.96 -5.31 14.07
C LYS C 244 13.47 -4.95 14.10
N PRO C 245 13.07 -3.71 14.54
CA PRO C 245 11.64 -3.37 14.59
C PRO C 245 10.85 -3.70 13.33
N VAL C 246 11.33 -3.32 12.13
CA VAL C 246 10.62 -3.57 10.87
C VAL C 246 10.22 -5.06 10.67
N HIS C 247 11.14 -5.98 10.92
CA HIS C 247 10.94 -7.41 10.78
C HIS C 247 10.00 -7.97 11.84
N ARG C 248 10.12 -7.47 13.07
CA ARG C 248 9.27 -7.90 14.16
C ARG C 248 7.84 -7.44 13.88
N ARG C 249 7.69 -6.22 13.32
CA ARG C 249 6.40 -5.66 12.95
C ARG C 249 5.78 -6.43 11.81
N ILE C 250 6.56 -6.77 10.76
CA ILE C 250 6.07 -7.58 9.63
C ILE C 250 5.54 -8.95 10.13
N LEU C 251 6.36 -9.67 10.93
CA LEU C 251 6.02 -10.98 11.50
C LEU C 251 4.79 -10.94 12.45
N TYR C 252 4.62 -9.83 13.23
CA TYR C 252 3.46 -9.68 14.10
C TYR C 252 2.26 -9.39 13.22
N GLY C 253 2.46 -8.56 12.19
CA GLY C 253 1.46 -8.20 11.20
C GLY C 253 0.86 -9.42 10.54
N LEU C 254 1.72 -10.37 10.11
CA LEU C 254 1.28 -11.64 9.49
C LEU C 254 0.54 -12.51 10.52
N ASN C 255 1.06 -12.53 11.76
CA ASN C 255 0.43 -13.30 12.82
C ASN C 255 -0.98 -12.79 13.11
N GLU C 256 -1.16 -11.45 13.25
CA GLU C 256 -2.48 -10.85 13.52
C GLU C 256 -3.55 -11.21 12.49
N GLN C 257 -3.20 -11.11 11.19
CA GLN C 257 -4.09 -11.38 10.07
C GLN C 257 -4.19 -12.83 9.61
N GLY C 258 -3.70 -13.75 10.45
CA GLY C 258 -3.70 -15.19 10.23
C GLY C 258 -3.13 -15.67 8.90
N MET C 259 -2.04 -15.04 8.44
CA MET C 259 -1.38 -15.38 7.19
C MET C 259 -0.31 -16.47 7.48
N THR C 260 -0.79 -17.62 8.01
CA THR C 260 -0.03 -18.81 8.42
C THR C 260 0.30 -19.75 7.23
N PRO C 261 1.25 -20.71 7.38
CA PRO C 261 1.59 -21.60 6.26
C PRO C 261 0.45 -22.47 5.71
N ASP C 262 -0.58 -22.77 6.56
CA ASP C 262 -1.76 -23.56 6.19
C ASP C 262 -2.75 -22.77 5.36
N LYS C 263 -2.91 -21.45 5.60
CA LYS C 263 -3.82 -20.57 4.84
C LYS C 263 -3.17 -20.20 3.51
N SER C 264 -3.95 -19.66 2.58
CA SER C 264 -3.45 -19.27 1.27
C SER C 264 -2.60 -17.99 1.36
N TYR C 265 -1.80 -17.71 0.29
CA TYR C 265 -0.96 -16.54 0.18
C TYR C 265 -1.86 -15.29 0.19
N LYS C 266 -1.41 -14.26 0.86
CA LYS C 266 -2.11 -12.98 0.96
C LYS C 266 -1.34 -11.94 0.13
N LYS C 267 -2.06 -10.94 -0.38
CA LYS C 267 -1.49 -9.90 -1.23
C LYS C 267 -0.44 -9.06 -0.50
N SER C 268 0.76 -8.87 -1.12
CA SER C 268 1.86 -8.08 -0.54
C SER C 268 1.44 -6.68 -0.08
N ALA C 269 0.64 -5.96 -0.91
CA ALA C 269 0.17 -4.60 -0.57
C ALA C 269 -0.71 -4.55 0.68
N ARG C 270 -1.56 -5.55 0.90
CA ARG C 270 -2.45 -5.61 2.06
C ARG C 270 -1.61 -5.75 3.33
N ILE C 271 -0.51 -6.56 3.27
CA ILE C 271 0.42 -6.77 4.39
C ILE C 271 1.14 -5.44 4.66
N VAL C 272 1.73 -4.83 3.61
CA VAL C 272 2.48 -3.58 3.67
C VAL C 272 1.68 -2.41 4.27
N GLY C 273 0.45 -2.18 3.75
CA GLY C 273 -0.45 -1.14 4.21
C GLY C 273 -0.88 -1.29 5.65
N ASP C 274 -1.24 -2.53 6.04
CA ASP C 274 -1.67 -2.93 7.39
C ASP C 274 -0.54 -2.67 8.40
N VAL C 275 0.70 -3.13 8.07
CA VAL C 275 1.92 -2.97 8.89
C VAL C 275 2.31 -1.49 9.00
N MET C 276 2.22 -0.73 7.90
CA MET C 276 2.52 0.70 7.90
C MET C 276 1.52 1.48 8.74
N GLY C 277 0.23 1.14 8.57
CA GLY C 277 -0.86 1.79 9.28
C GLY C 277 -0.80 1.57 10.77
N LYS C 278 -0.83 0.29 11.18
CA LYS C 278 -0.81 -0.12 12.57
C LYS C 278 0.51 -0.05 13.36
N TYR C 279 1.64 -0.50 12.76
CA TYR C 279 2.89 -0.56 13.52
C TYR C 279 4.09 0.23 13.10
N HIS C 280 4.35 0.38 11.80
CA HIS C 280 5.55 1.00 11.23
C HIS C 280 5.32 2.33 10.50
N PRO C 281 5.48 3.52 11.14
CA PRO C 281 5.22 4.79 10.44
C PRO C 281 6.36 5.24 9.52
N HIS C 282 6.71 4.43 8.54
CA HIS C 282 7.85 4.65 7.71
C HIS C 282 7.50 4.34 6.30
N GLY C 283 8.36 4.66 5.37
CA GLY C 283 8.05 4.50 3.98
C GLY C 283 7.85 3.08 3.55
N ASP C 284 7.07 2.92 2.50
CA ASP C 284 6.61 1.65 1.97
C ASP C 284 7.64 0.65 1.45
N SER C 285 8.65 1.13 0.78
CA SER C 285 9.73 0.35 0.26
C SER C 285 10.50 -0.34 1.34
N SER C 286 10.65 0.34 2.46
CA SER C 286 11.34 -0.15 3.61
C SER C 286 10.68 -1.38 4.20
N ILE C 287 9.37 -1.35 4.27
CA ILE C 287 8.55 -2.47 4.71
C ILE C 287 8.62 -3.62 3.70
N TYR C 288 8.24 -3.35 2.44
CA TYR C 288 8.24 -4.36 1.40
C TYR C 288 9.59 -5.01 1.19
N GLU C 289 10.67 -4.21 1.14
CA GLU C 289 11.99 -4.78 0.94
C GLU C 289 12.51 -5.66 2.11
N ALA C 290 12.05 -5.37 3.36
CA ALA C 290 12.46 -6.19 4.51
C ALA C 290 11.72 -7.54 4.42
N MET C 291 10.47 -7.50 3.91
CA MET C 291 9.60 -8.66 3.69
C MET C 291 10.15 -9.51 2.57
N VAL C 292 10.69 -8.88 1.54
CA VAL C 292 11.29 -9.55 0.42
C VAL C 292 12.53 -10.28 0.88
N ARG C 293 13.45 -9.60 1.60
CA ARG C 293 14.68 -10.22 2.09
C ARG C 293 14.39 -11.46 2.92
N MET C 294 13.43 -11.38 3.85
CA MET C 294 13.04 -12.51 4.70
C MET C 294 12.50 -13.71 3.90
N ALA C 295 12.14 -13.50 2.61
CA ALA C 295 11.61 -14.51 1.69
C ALA C 295 12.65 -15.15 0.73
N GLN C 296 13.85 -14.54 0.60
CA GLN C 296 14.98 -14.94 -0.25
C GLN C 296 15.83 -16.00 0.40
N ASP C 297 15.92 -17.20 -0.25
CA ASP C 297 16.70 -18.33 0.27
C ASP C 297 18.20 -18.13 0.19
N PHE C 298 18.66 -17.09 -0.58
CA PHE C 298 20.06 -16.73 -0.70
C PHE C 298 20.41 -15.65 0.35
N SER C 299 19.39 -15.01 0.96
CA SER C 299 19.58 -13.95 1.98
C SER C 299 19.46 -14.52 3.37
N TYR C 300 18.45 -15.40 3.59
CA TYR C 300 18.14 -16.01 4.86
C TYR C 300 18.47 -17.52 4.92
N ARG C 301 19.21 -17.92 5.97
CA ARG C 301 19.62 -19.31 6.23
C ARG C 301 18.35 -20.15 6.54
N TYR C 302 17.40 -19.54 7.27
CA TYR C 302 16.09 -20.07 7.63
C TYR C 302 15.09 -18.97 7.27
N PRO C 303 14.58 -18.95 6.00
CA PRO C 303 13.64 -17.89 5.60
C PRO C 303 12.42 -17.75 6.49
N LEU C 304 12.04 -16.49 6.79
CA LEU C 304 10.88 -16.24 7.65
C LEU C 304 9.59 -15.94 6.86
N VAL C 305 9.73 -15.65 5.54
CA VAL C 305 8.61 -15.30 4.66
C VAL C 305 8.51 -16.29 3.51
N ASP C 306 7.29 -16.68 3.20
CA ASP C 306 6.99 -17.58 2.10
C ASP C 306 6.34 -16.71 1.04
N GLY C 307 7.05 -16.50 -0.08
CA GLY C 307 6.62 -15.68 -1.20
C GLY C 307 6.24 -16.39 -2.49
N GLN C 308 5.24 -15.83 -3.16
CA GLN C 308 4.67 -16.27 -4.43
C GLN C 308 4.94 -15.12 -5.39
N GLY C 309 5.63 -15.42 -6.46
CA GLY C 309 6.01 -14.44 -7.46
C GLY C 309 7.47 -14.10 -7.40
N ASN C 310 7.85 -13.10 -8.19
CA ASN C 310 9.21 -12.60 -8.30
C ASN C 310 9.66 -11.82 -7.03
N PHE C 311 10.51 -12.46 -6.23
CA PHE C 311 11.08 -11.92 -5.01
C PHE C 311 12.59 -11.64 -5.14
N GLY C 312 13.07 -11.34 -6.34
CA GLY C 312 14.48 -11.01 -6.53
C GLY C 312 15.40 -12.18 -6.77
N SER C 313 16.65 -11.88 -7.16
CA SER C 313 17.67 -12.87 -7.47
C SER C 313 19.05 -12.52 -6.90
N MET C 314 19.98 -13.48 -7.02
CA MET C 314 21.37 -13.32 -6.60
C MET C 314 22.09 -12.31 -7.52
N ASP C 315 21.46 -11.92 -8.63
CA ASP C 315 22.01 -11.00 -9.60
C ASP C 315 21.69 -9.54 -9.32
N GLY C 316 21.23 -9.27 -8.11
CA GLY C 316 20.88 -7.93 -7.66
C GLY C 316 19.52 -7.47 -8.14
N ASP C 317 18.81 -8.32 -8.92
CA ASP C 317 17.48 -7.98 -9.41
C ASP C 317 16.57 -7.87 -8.21
N GLY C 318 15.76 -6.83 -8.19
CA GLY C 318 14.82 -6.63 -7.11
C GLY C 318 13.57 -7.46 -7.30
N ALA C 319 12.67 -7.42 -6.32
CA ALA C 319 11.40 -8.13 -6.39
C ALA C 319 10.47 -7.37 -7.29
N ALA C 320 9.39 -8.03 -7.72
CA ALA C 320 8.32 -7.46 -8.54
C ALA C 320 7.62 -6.38 -7.67
N ALA C 321 6.91 -5.41 -8.28
CA ALA C 321 6.20 -4.42 -7.50
C ALA C 321 5.27 -5.19 -6.55
N MET C 322 5.03 -4.67 -5.33
CA MET C 322 4.15 -5.31 -4.36
C MET C 322 2.77 -5.69 -4.89
N ARG C 323 2.26 -4.99 -5.95
CA ARG C 323 0.96 -5.31 -6.56
C ARG C 323 0.97 -6.70 -7.18
N PHE C 324 2.14 -7.22 -7.56
CA PHE C 324 2.25 -8.55 -8.16
C PHE C 324 2.48 -9.67 -7.19
N THR C 325 3.24 -9.43 -6.10
CA THR C 325 3.60 -10.45 -5.13
C THR C 325 2.59 -10.79 -4.04
N GLU C 326 2.68 -12.02 -3.54
CA GLU C 326 1.83 -12.59 -2.49
C GLU C 326 2.74 -13.23 -1.47
N ALA C 327 2.38 -13.18 -0.17
CA ALA C 327 3.22 -13.75 0.89
C ALA C 327 2.45 -14.36 2.05
N ARG C 328 3.17 -15.04 2.96
CA ARG C 328 2.66 -15.68 4.19
C ARG C 328 3.86 -16.17 5.00
N MET C 329 3.60 -16.61 6.24
CA MET C 329 4.62 -17.14 7.13
C MET C 329 5.16 -18.50 6.65
N THR C 330 6.41 -18.80 7.02
CA THR C 330 7.02 -20.09 6.76
C THR C 330 6.73 -20.82 8.05
N LYS C 331 6.87 -22.16 8.08
CA LYS C 331 6.63 -23.00 9.27
C LYS C 331 7.54 -22.60 10.41
N ILE C 332 8.81 -22.27 10.09
CA ILE C 332 9.83 -21.84 11.04
C ILE C 332 9.40 -20.56 11.82
N THR C 333 8.68 -19.61 11.18
CA THR C 333 8.19 -18.36 11.79
C THR C 333 7.17 -18.67 12.89
N LEU C 334 6.35 -19.74 12.71
CA LEU C 334 5.37 -20.12 13.73
C LEU C 334 6.11 -20.35 15.07
N GLU C 335 7.37 -20.86 15.01
CA GLU C 335 8.24 -21.09 16.18
C GLU C 335 8.73 -19.77 16.78
N LEU C 336 8.81 -18.70 15.98
CA LEU C 336 9.23 -17.39 16.47
C LEU C 336 8.10 -16.75 17.24
N LEU C 337 6.85 -16.99 16.79
CA LEU C 337 5.62 -16.45 17.34
C LEU C 337 4.92 -17.33 18.35
N ARG C 338 5.34 -18.59 18.48
CA ARG C 338 4.77 -19.56 19.42
C ARG C 338 4.74 -19.03 20.86
N ASP C 339 3.54 -18.99 21.46
CA ASP C 339 3.19 -18.56 22.84
C ASP C 339 3.03 -17.07 23.07
N ILE C 340 2.90 -16.29 21.99
CA ILE C 340 2.73 -14.85 22.10
C ILE C 340 1.40 -14.48 22.75
N ASN C 341 0.41 -15.37 22.56
CA ASN C 341 -0.97 -15.31 23.02
C ASN C 341 -1.10 -15.72 24.48
N LYS C 342 0.00 -16.25 25.06
CA LYS C 342 0.09 -16.80 26.41
C LYS C 342 0.97 -16.06 27.44
N ASP C 343 0.94 -14.72 27.43
CA ASP C 343 1.66 -13.81 28.36
C ASP C 343 3.16 -14.02 28.58
N THR C 344 3.87 -14.43 27.53
CA THR C 344 5.31 -14.70 27.55
C THR C 344 6.15 -13.46 27.36
N ILE C 345 5.69 -12.53 26.54
CA ILE C 345 6.42 -11.30 26.23
C ILE C 345 5.65 -10.02 26.58
N ASP C 346 6.38 -8.94 26.82
CA ASP C 346 5.77 -7.66 27.13
C ASP C 346 5.29 -6.95 25.87
N PHE C 347 3.99 -6.59 25.88
CA PHE C 347 3.36 -5.83 24.81
C PHE C 347 3.50 -4.36 25.18
N ILE C 348 3.58 -3.49 24.18
CA ILE C 348 3.73 -2.06 24.38
C ILE C 348 2.78 -1.34 23.47
N ASP C 349 2.55 -0.06 23.72
CA ASP C 349 1.68 0.75 22.89
C ASP C 349 2.41 1.06 21.59
N ASN C 350 1.65 1.18 20.49
CA ASN C 350 2.23 1.52 19.20
C ASN C 350 2.58 3.03 19.14
N TYR C 351 3.08 3.50 17.98
CA TYR C 351 3.49 4.89 17.76
C TYR C 351 2.41 5.98 18.05
N ASP C 352 1.13 5.69 17.76
CA ASP C 352 0.03 6.62 17.95
C ASP C 352 -0.93 6.25 19.09
N GLY C 353 -0.61 5.19 19.83
CA GLY C 353 -1.42 4.73 20.94
C GLY C 353 -2.74 4.08 20.60
N ASN C 354 -3.05 3.81 19.32
CA ASN C 354 -4.33 3.15 18.92
C ASN C 354 -4.21 1.64 18.79
N GLU C 355 -2.97 1.10 18.83
CA GLU C 355 -2.72 -0.34 18.73
C GLU C 355 -1.69 -0.78 19.80
N ARG C 356 -1.52 -2.09 19.96
CA ARG C 356 -0.58 -2.70 20.88
C ARG C 356 0.33 -3.57 20.04
N GLU C 357 1.63 -3.63 20.40
CA GLU C 357 2.62 -4.40 19.63
C GLU C 357 3.62 -5.13 20.54
N PRO C 358 4.22 -6.27 20.10
CA PRO C 358 5.19 -6.95 20.96
C PRO C 358 6.52 -6.20 20.99
N SER C 359 7.17 -6.14 22.17
CA SER C 359 8.48 -5.50 22.31
C SER C 359 9.57 -6.46 21.82
N VAL C 360 9.31 -7.77 21.88
CA VAL C 360 10.20 -8.85 21.47
C VAL C 360 9.31 -10.09 21.16
N LEU C 361 9.72 -10.99 20.27
CA LEU C 361 8.92 -12.19 20.00
C LEU C 361 9.37 -13.30 20.94
N PRO C 362 8.49 -14.29 21.27
CA PRO C 362 8.92 -15.40 22.15
C PRO C 362 10.19 -16.14 21.61
N ALA C 363 10.35 -16.19 20.25
CA ALA C 363 11.47 -16.77 19.51
C ALA C 363 11.92 -18.09 20.06
N ARG C 364 11.20 -19.17 19.69
CA ARG C 364 11.48 -20.50 20.18
C ARG C 364 12.73 -21.16 19.62
N PHE C 365 13.43 -20.47 18.70
CA PHE C 365 14.69 -20.94 18.13
C PHE C 365 15.70 -19.75 18.18
N PRO C 366 17.05 -19.97 18.29
CA PRO C 366 17.99 -18.82 18.36
C PRO C 366 18.18 -18.04 17.05
N ASN C 367 17.21 -17.20 16.71
CA ASN C 367 17.18 -16.41 15.49
C ASN C 367 18.32 -15.45 15.22
N LEU C 368 18.85 -14.77 16.25
CA LEU C 368 19.97 -13.85 16.04
C LEU C 368 21.15 -14.55 15.38
N LEU C 369 21.52 -15.71 15.89
CA LEU C 369 22.64 -16.42 15.32
C LEU C 369 22.30 -17.22 14.08
N ALA C 370 21.07 -17.76 13.99
CA ALA C 370 20.61 -18.58 12.87
C ALA C 370 20.53 -17.82 11.54
N ASN C 371 19.87 -16.66 11.50
CA ASN C 371 19.75 -15.89 10.27
C ASN C 371 20.74 -14.72 10.18
N GLY C 372 21.44 -14.46 11.27
CA GLY C 372 22.39 -13.37 11.37
C GLY C 372 21.71 -12.02 11.36
N ALA C 373 22.50 -10.95 11.21
CA ALA C 373 22.02 -9.56 11.16
C ALA C 373 23.09 -8.71 10.49
N SER C 374 22.69 -7.64 9.81
CA SER C 374 23.56 -6.72 9.09
C SER C 374 22.89 -5.38 9.20
N GLY C 375 23.58 -4.42 9.81
CA GLY C 375 23.00 -3.10 9.98
C GLY C 375 24.01 -2.00 10.16
N ILE C 376 23.71 -0.82 9.58
CA ILE C 376 24.52 0.41 9.66
C ILE C 376 23.68 1.36 10.55
N ALA C 377 24.20 1.73 11.73
CA ALA C 377 23.50 2.61 12.67
C ALA C 377 24.23 3.96 12.70
N VAL C 378 24.24 4.66 13.84
CA VAL C 378 24.97 5.92 14.00
C VAL C 378 26.00 5.61 15.11
N GLY C 379 27.27 5.86 14.81
CA GLY C 379 28.38 5.60 15.73
C GLY C 379 28.82 4.15 15.81
N MET C 380 28.11 3.25 15.13
CA MET C 380 28.40 1.81 15.14
C MET C 380 27.64 1.11 14.02
N ALA C 381 27.97 -0.16 13.82
CA ALA C 381 27.37 -1.03 12.81
C ALA C 381 27.41 -2.47 13.36
N THR C 382 26.57 -3.36 12.83
CA THR C 382 26.55 -4.75 13.27
C THR C 382 26.75 -5.65 12.10
N ASN C 383 27.46 -6.75 12.27
CA ASN C 383 27.64 -7.73 11.19
C ASN C 383 27.68 -9.13 11.83
N ILE C 384 26.53 -9.81 11.86
CA ILE C 384 26.41 -11.14 12.49
C ILE C 384 26.15 -12.20 11.41
N PRO C 385 26.99 -13.25 11.29
CA PRO C 385 26.76 -14.22 10.23
C PRO C 385 25.69 -15.26 10.58
N PRO C 386 25.00 -15.84 9.56
CA PRO C 386 24.06 -16.93 9.86
C PRO C 386 24.82 -18.18 10.36
N HIS C 387 24.08 -19.10 11.01
CA HIS C 387 24.60 -20.34 11.56
C HIS C 387 23.63 -21.51 11.29
N ASN C 388 24.13 -22.76 11.48
CA ASN C 388 23.35 -23.96 11.31
C ASN C 388 22.54 -24.18 12.60
N LEU C 389 21.22 -24.31 12.47
CA LEU C 389 20.27 -24.50 13.57
C LEU C 389 20.54 -25.71 14.45
N THR C 390 20.99 -26.84 13.87
CA THR C 390 21.28 -28.06 14.63
C THR C 390 22.45 -27.81 15.56
N GLU C 391 23.50 -27.12 15.03
CA GLU C 391 24.71 -26.76 15.77
C GLU C 391 24.37 -25.81 16.93
N LEU C 392 23.63 -24.71 16.64
CA LEU C 392 23.21 -23.71 17.65
C LEU C 392 22.42 -24.32 18.77
N ILE C 393 21.41 -25.16 18.44
CA ILE C 393 20.58 -25.83 19.44
C ILE C 393 21.45 -26.74 20.29
N ASN C 394 22.37 -27.50 19.66
CA ASN C 394 23.28 -28.38 20.40
C ASN C 394 24.17 -27.58 21.37
N GLY C 395 24.57 -26.37 20.95
CA GLY C 395 25.35 -25.43 21.73
C GLY C 395 24.60 -24.89 22.94
N VAL C 396 23.28 -24.59 22.78
CA VAL C 396 22.42 -24.07 23.85
C VAL C 396 22.18 -25.17 24.91
N LEU C 397 21.94 -26.42 24.43
CA LEU C 397 21.73 -27.60 25.29
C LEU C 397 23.00 -27.84 26.16
N SER C 398 24.18 -27.64 25.56
CA SER C 398 25.48 -27.78 26.19
C SER C 398 25.69 -26.70 27.24
N LEU C 399 25.30 -25.45 26.93
CA LEU C 399 25.41 -24.35 27.88
C LEU C 399 24.39 -24.52 29.04
N SER C 400 23.21 -25.14 28.78
CA SER C 400 22.18 -25.37 29.80
C SER C 400 22.68 -26.38 30.87
N LYS C 401 23.47 -27.36 30.43
CA LYS C 401 24.06 -28.41 31.25
C LYS C 401 25.35 -27.94 31.94
N ASN C 402 25.99 -26.88 31.42
CA ASN C 402 27.24 -26.37 31.97
C ASN C 402 27.36 -24.84 31.84
N PRO C 403 26.93 -24.09 32.89
CA PRO C 403 27.04 -22.62 32.85
C PRO C 403 28.45 -22.10 32.61
N ASP C 404 29.48 -22.91 32.95
CA ASP C 404 30.88 -22.54 32.79
C ASP C 404 31.58 -23.04 31.51
N ILE C 405 30.77 -23.50 30.53
CA ILE C 405 31.24 -23.99 29.24
C ILE C 405 32.11 -22.90 28.57
N SER C 406 33.27 -23.28 28.05
CA SER C 406 34.19 -22.34 27.38
C SER C 406 33.77 -22.17 25.92
N ILE C 407 34.33 -21.15 25.23
CA ILE C 407 34.07 -20.92 23.81
C ILE C 407 34.62 -22.12 23.02
N ALA C 408 35.76 -22.70 23.47
CA ALA C 408 36.40 -23.86 22.82
C ALA C 408 35.50 -25.12 22.82
N GLU C 409 34.78 -25.36 23.94
CA GLU C 409 33.87 -26.50 24.08
C GLU C 409 32.62 -26.23 23.23
N LEU C 410 32.18 -24.94 23.14
CA LEU C 410 31.02 -24.56 22.34
C LEU C 410 31.26 -24.79 20.87
N MET C 411 32.51 -24.61 20.41
CA MET C 411 32.93 -24.80 19.02
C MET C 411 32.94 -26.28 18.55
N GLU C 412 32.71 -27.20 19.50
CA GLU C 412 32.62 -28.64 19.26
C GLU C 412 31.22 -28.88 18.67
N ASP C 413 30.27 -27.99 19.06
CA ASP C 413 28.90 -27.96 18.60
C ASP C 413 28.84 -26.96 17.48
N ILE C 414 29.09 -25.66 17.77
CA ILE C 414 29.06 -24.60 16.75
C ILE C 414 30.41 -24.48 16.02
N GLU C 415 30.53 -25.19 14.89
CA GLU C 415 31.75 -25.23 14.07
C GLU C 415 32.17 -23.88 13.54
N GLY C 416 31.21 -23.13 13.05
CA GLY C 416 31.42 -21.79 12.50
C GLY C 416 30.18 -21.31 11.78
N PRO C 417 30.21 -20.14 11.09
CA PRO C 417 29.02 -19.70 10.35
C PRO C 417 28.67 -20.72 9.28
N ASP C 418 27.41 -20.71 8.86
CA ASP C 418 26.89 -21.62 7.84
C ASP C 418 25.96 -20.79 6.96
N PHE C 419 26.50 -20.33 5.85
CA PHE C 419 25.81 -19.45 4.93
C PHE C 419 24.74 -20.11 4.12
N PRO C 420 23.63 -19.38 3.81
CA PRO C 420 22.57 -19.97 2.97
C PRO C 420 23.10 -20.29 1.57
N THR C 421 24.17 -19.57 1.13
CA THR C 421 24.82 -19.68 -0.18
C THR C 421 25.96 -20.72 -0.20
N ALA C 422 26.07 -21.52 0.91
CA ALA C 422 27.05 -22.58 1.12
C ALA C 422 28.48 -22.06 1.00
N GLY C 423 29.23 -22.50 -0.01
CA GLY C 423 30.61 -22.06 -0.19
C GLY C 423 31.58 -22.66 0.81
N LEU C 424 32.78 -22.05 0.89
CA LEU C 424 33.85 -22.51 1.76
C LEU C 424 34.33 -21.43 2.71
N ILE C 425 34.80 -21.85 3.90
CA ILE C 425 35.41 -20.98 4.89
C ILE C 425 36.84 -21.51 5.09
N LEU C 426 37.84 -20.61 5.00
CA LEU C 426 39.28 -20.89 5.14
C LEU C 426 39.78 -20.70 6.57
N GLY C 427 40.00 -21.80 7.27
CA GLY C 427 40.50 -21.83 8.64
C GLY C 427 39.52 -21.51 9.75
N LYS C 428 39.84 -22.00 10.97
CA LYS C 428 39.07 -21.79 12.20
C LYS C 428 39.56 -20.55 12.96
N SER C 429 40.66 -19.94 12.50
CA SER C 429 41.33 -18.76 13.07
C SER C 429 40.47 -17.51 13.29
N GLY C 430 39.80 -17.06 12.23
CA GLY C 430 38.91 -15.89 12.21
C GLY C 430 37.63 -16.15 12.97
N ILE C 431 37.10 -17.37 12.82
CA ILE C 431 35.90 -17.86 13.48
C ILE C 431 36.13 -17.78 15.01
N ARG C 432 37.25 -18.38 15.49
CA ARG C 432 37.65 -18.42 16.89
C ARG C 432 37.78 -17.02 17.51
N ARG C 433 38.40 -16.06 16.79
CA ARG C 433 38.61 -14.67 17.20
C ARG C 433 37.26 -13.96 17.35
N ALA C 434 36.35 -14.17 16.36
CA ALA C 434 34.99 -13.63 16.36
C ALA C 434 34.16 -14.19 17.52
N TYR C 435 34.23 -15.50 17.77
CA TYR C 435 33.44 -16.10 18.85
C TYR C 435 33.93 -15.76 20.23
N GLU C 436 35.17 -15.31 20.36
CA GLU C 436 35.71 -14.96 21.65
C GLU C 436 35.62 -13.48 21.93
N THR C 437 35.70 -12.66 20.90
CA THR C 437 35.70 -11.22 21.08
C THR C 437 34.50 -10.56 20.48
N GLY C 438 33.85 -11.22 19.53
CA GLY C 438 32.72 -10.69 18.79
C GLY C 438 33.19 -9.97 17.53
N ARG C 439 34.51 -10.03 17.25
N ARG C 439 34.52 -10.02 17.25
CA ARG C 439 35.15 -9.40 16.09
CA ARG C 439 35.16 -9.38 16.10
C ARG C 439 36.22 -10.30 15.47
C ARG C 439 36.23 -10.30 15.47
N GLY C 440 36.07 -10.55 14.18
CA GLY C 440 36.98 -11.40 13.41
C GLY C 440 36.66 -11.34 11.95
N SER C 441 37.68 -11.55 11.15
CA SER C 441 37.63 -11.55 9.70
C SER C 441 37.62 -13.02 9.28
N ILE C 442 36.52 -13.44 8.62
CA ILE C 442 36.32 -14.82 8.15
C ILE C 442 36.40 -14.85 6.66
N GLN C 443 37.37 -15.59 6.12
CA GLN C 443 37.55 -15.68 4.67
C GLN C 443 36.57 -16.67 4.08
N MET C 444 35.75 -16.19 3.14
CA MET C 444 34.74 -16.98 2.42
C MET C 444 35.22 -17.22 0.99
N ARG C 445 35.25 -18.47 0.59
CA ARG C 445 35.66 -18.83 -0.75
C ARG C 445 34.56 -19.54 -1.53
N SER C 446 34.50 -19.32 -2.84
CA SER C 446 33.54 -19.96 -3.73
C SER C 446 33.86 -21.45 -3.88
N ARG C 447 32.86 -22.27 -4.21
CA ARG C 447 33.12 -23.66 -4.48
C ARG C 447 33.46 -23.63 -5.98
N ALA C 448 34.72 -23.91 -6.32
CA ALA C 448 35.24 -23.86 -7.68
C ALA C 448 36.00 -25.14 -8.03
N VAL C 449 35.80 -25.67 -9.23
CA VAL C 449 36.50 -26.90 -9.66
C VAL C 449 37.17 -26.67 -11.00
N ILE C 450 38.18 -27.47 -11.33
CA ILE C 450 38.86 -27.41 -12.62
C ILE C 450 38.50 -28.69 -13.38
N GLU C 451 37.87 -28.55 -14.53
CA GLU C 451 37.48 -29.70 -15.32
C GLU C 451 37.79 -29.54 -16.81
N GLU C 452 37.96 -30.67 -17.52
CA GLU C 452 38.22 -30.68 -18.95
C GLU C 452 36.95 -30.29 -19.72
N ARG C 453 37.11 -29.75 -20.93
CA ARG C 453 35.98 -29.32 -21.75
C ARG C 453 36.06 -29.81 -23.20
N GLY C 454 37.09 -30.60 -23.48
CA GLY C 454 37.31 -31.12 -24.82
C GLY C 454 38.44 -30.41 -25.56
N GLY C 455 38.98 -31.12 -26.54
CA GLY C 455 40.09 -30.68 -27.39
C GLY C 455 41.38 -30.41 -26.67
N GLY C 456 41.59 -31.07 -25.53
CA GLY C 456 42.79 -30.93 -24.69
C GLY C 456 42.82 -29.69 -23.83
N ARG C 457 41.67 -28.98 -23.73
CA ARG C 457 41.44 -27.74 -22.99
C ARG C 457 40.61 -27.95 -21.67
N GLN C 458 40.70 -26.97 -20.73
CA GLN C 458 40.04 -26.98 -19.42
C GLN C 458 39.17 -25.74 -19.17
N ARG C 459 38.41 -25.76 -18.05
CA ARG C 459 37.53 -24.70 -17.58
C ARG C 459 37.40 -24.73 -16.07
N ILE C 460 37.07 -23.58 -15.47
CA ILE C 460 36.85 -23.43 -14.04
C ILE C 460 35.33 -23.32 -13.87
N VAL C 461 34.75 -24.23 -13.06
CA VAL C 461 33.31 -24.26 -12.80
C VAL C 461 33.01 -23.84 -11.35
N VAL C 462 32.35 -22.69 -11.17
CA VAL C 462 31.95 -22.12 -9.87
C VAL C 462 30.45 -22.48 -9.64
N THR C 463 30.12 -23.17 -8.53
CA THR C 463 28.73 -23.60 -8.25
C THR C 463 28.12 -23.06 -6.99
N GLU C 464 28.92 -22.37 -6.18
CA GLU C 464 28.50 -21.74 -4.93
C GLU C 464 29.34 -20.48 -4.87
N ILE C 465 28.72 -19.34 -4.59
CA ILE C 465 29.47 -18.07 -4.50
C ILE C 465 29.41 -17.56 -3.03
N PRO C 466 30.30 -16.64 -2.58
CA PRO C 466 30.19 -16.18 -1.17
C PRO C 466 28.89 -15.44 -0.86
N PHE C 467 28.53 -15.42 0.42
CA PHE C 467 27.32 -14.78 0.93
C PHE C 467 27.30 -13.27 0.66
N GLN C 468 26.12 -12.72 0.35
CA GLN C 468 25.88 -11.29 0.07
C GLN C 468 26.72 -10.78 -1.11
N VAL C 469 27.12 -11.69 -2.02
CA VAL C 469 27.91 -11.36 -3.22
C VAL C 469 26.96 -11.42 -4.41
N ASN C 470 26.87 -10.33 -5.19
CA ASN C 470 26.03 -10.29 -6.38
C ASN C 470 26.77 -11.07 -7.48
N LYS C 471 26.14 -12.17 -7.97
CA LYS C 471 26.67 -13.05 -9.01
C LYS C 471 27.02 -12.32 -10.31
N ALA C 472 26.02 -11.61 -10.91
CA ALA C 472 26.18 -10.86 -12.16
C ALA C 472 27.31 -9.81 -12.07
N ARG C 473 27.37 -9.08 -10.93
CA ARG C 473 28.36 -8.06 -10.63
C ARG C 473 29.76 -8.66 -10.49
N MET C 474 29.86 -9.88 -9.97
CA MET C 474 31.13 -10.59 -9.80
C MET C 474 31.61 -10.99 -11.19
N ILE C 475 30.68 -11.49 -12.05
CA ILE C 475 30.98 -11.91 -13.41
C ILE C 475 31.51 -10.69 -14.20
N GLU C 476 30.83 -9.54 -14.05
CA GLU C 476 31.18 -8.25 -14.67
C GLU C 476 32.60 -7.81 -14.26
N LYS C 477 32.97 -8.03 -12.97
CA LYS C 477 34.29 -7.72 -12.41
C LYS C 477 35.36 -8.62 -13.02
N ILE C 478 35.03 -9.90 -13.32
CA ILE C 478 35.97 -10.85 -13.93
C ILE C 478 36.15 -10.45 -15.40
N ALA C 479 35.05 -10.13 -16.10
CA ALA C 479 35.04 -9.69 -17.50
C ALA C 479 35.95 -8.48 -17.65
N GLU C 480 35.82 -7.51 -16.71
CA GLU C 480 36.58 -6.27 -16.61
C GLU C 480 38.09 -6.50 -16.59
N LEU C 481 38.55 -7.43 -15.73
CA LEU C 481 39.96 -7.79 -15.58
C LEU C 481 40.52 -8.40 -16.88
N VAL C 482 39.66 -9.13 -17.62
CA VAL C 482 40.01 -9.79 -18.87
C VAL C 482 40.13 -8.73 -19.97
N ARG C 483 39.12 -7.82 -20.10
CA ARG C 483 39.12 -6.75 -21.09
C ARG C 483 40.31 -5.80 -20.88
N ASP C 484 40.61 -5.46 -19.60
CA ASP C 484 41.70 -4.57 -19.21
C ASP C 484 43.09 -5.25 -19.02
N LYS C 485 43.29 -6.42 -19.64
CA LYS C 485 44.53 -7.21 -19.63
C LYS C 485 45.22 -7.40 -18.23
N LYS C 486 44.45 -7.22 -17.12
CA LYS C 486 44.95 -7.39 -15.73
C LYS C 486 45.00 -8.86 -15.28
N ILE C 487 44.47 -9.80 -16.11
CA ILE C 487 44.46 -11.24 -15.85
C ILE C 487 44.76 -12.03 -17.14
N ASP C 488 45.63 -13.05 -17.06
CA ASP C 488 45.99 -13.86 -18.21
C ASP C 488 45.43 -15.29 -18.15
N GLY C 489 45.03 -15.83 -19.31
CA GLY C 489 44.54 -17.20 -19.45
C GLY C 489 43.05 -17.42 -19.68
N ILE C 490 42.23 -16.41 -19.50
CA ILE C 490 40.80 -16.56 -19.68
C ILE C 490 40.41 -16.32 -21.12
N THR C 491 39.61 -17.24 -21.70
CA THR C 491 39.16 -17.16 -23.10
C THR C 491 37.67 -16.87 -23.27
N ASP C 492 36.86 -17.29 -22.31
CA ASP C 492 35.40 -17.09 -22.31
C ASP C 492 34.95 -17.14 -20.85
N LEU C 493 33.75 -16.60 -20.61
CA LEU C 493 33.15 -16.52 -19.28
C LEU C 493 31.64 -16.51 -19.46
N ARG C 494 30.94 -17.53 -18.93
CA ARG C 494 29.48 -17.61 -19.06
C ARG C 494 28.79 -17.93 -17.75
N ASP C 495 27.54 -17.50 -17.63
CA ASP C 495 26.70 -17.82 -16.49
C ASP C 495 25.77 -18.85 -17.03
N GLU C 496 25.90 -20.10 -16.55
CA GLU C 496 25.09 -21.24 -16.99
C GLU C 496 23.99 -21.60 -16.01
N THR C 497 23.79 -20.77 -14.95
CA THR C 497 22.78 -20.91 -13.90
C THR C 497 21.35 -21.13 -14.45
N SER C 498 20.62 -22.09 -13.89
CA SER C 498 19.25 -22.40 -14.28
C SER C 498 18.55 -22.93 -13.06
N LEU C 499 17.23 -23.22 -13.14
CA LEU C 499 16.49 -23.80 -12.03
C LEU C 499 16.86 -25.30 -11.93
N ARG C 500 17.18 -25.90 -13.08
CA ARG C 500 17.57 -27.29 -13.25
C ARG C 500 18.97 -27.54 -12.62
N THR C 501 19.98 -26.85 -13.17
CA THR C 501 21.40 -26.88 -12.82
C THR C 501 21.84 -26.20 -11.49
N GLY C 502 21.17 -25.13 -11.08
CA GLY C 502 21.54 -24.37 -9.89
C GLY C 502 22.64 -23.40 -10.29
N VAL C 503 23.31 -22.73 -9.34
CA VAL C 503 24.41 -21.80 -9.69
C VAL C 503 25.49 -22.55 -10.52
N ARG C 504 25.95 -21.94 -11.63
CA ARG C 504 26.98 -22.52 -12.49
C ARG C 504 27.69 -21.46 -13.32
N VAL C 505 28.85 -20.98 -12.84
CA VAL C 505 29.61 -19.98 -13.57
C VAL C 505 30.79 -20.65 -14.23
N VAL C 506 30.91 -20.49 -15.54
CA VAL C 506 31.97 -21.12 -16.32
C VAL C 506 33.03 -20.15 -16.86
N ILE C 507 34.29 -20.38 -16.48
CA ILE C 507 35.42 -19.58 -16.92
C ILE C 507 36.29 -20.47 -17.83
N ASP C 508 36.36 -20.17 -19.14
CA ASP C 508 37.17 -20.97 -20.06
C ASP C 508 38.64 -20.61 -19.96
N VAL C 509 39.49 -21.63 -19.93
CA VAL C 509 40.94 -21.52 -19.79
C VAL C 509 41.64 -21.79 -21.13
N ARG C 510 42.60 -20.92 -21.50
CA ARG C 510 43.41 -21.02 -22.71
C ARG C 510 44.20 -22.32 -22.70
N LYS C 511 44.19 -23.08 -23.84
CA LYS C 511 44.90 -24.35 -23.95
C LYS C 511 46.37 -24.20 -23.49
N ASP C 512 46.77 -25.08 -22.56
CA ASP C 512 48.11 -25.16 -21.94
C ASP C 512 48.36 -24.19 -20.78
N ALA C 513 47.45 -23.20 -20.56
CA ALA C 513 47.56 -22.25 -19.45
C ALA C 513 47.22 -23.01 -18.16
N ASN C 514 47.95 -22.74 -17.04
CA ASN C 514 47.69 -23.39 -15.75
C ASN C 514 46.39 -22.84 -15.16
N ALA C 515 45.37 -23.71 -15.10
CA ALA C 515 44.04 -23.37 -14.59
C ALA C 515 43.99 -23.04 -13.08
N SER C 516 44.81 -23.71 -12.24
CA SER C 516 44.84 -23.44 -10.80
C SER C 516 45.44 -22.05 -10.51
N VAL C 517 46.45 -21.63 -11.33
CA VAL C 517 47.12 -20.33 -11.26
C VAL C 517 46.05 -19.28 -11.63
N ILE C 518 45.25 -19.54 -12.69
CA ILE C 518 44.18 -18.61 -13.08
C ILE C 518 43.19 -18.45 -11.91
N LEU C 519 42.77 -19.58 -11.31
CA LEU C 519 41.85 -19.62 -10.18
C LEU C 519 42.37 -18.86 -8.96
N ASN C 520 43.63 -19.09 -8.56
CA ASN C 520 44.24 -18.40 -7.41
C ASN C 520 44.29 -16.88 -7.60
N ASN C 521 44.44 -16.42 -8.87
CA ASN C 521 44.47 -14.99 -9.19
C ASN C 521 43.07 -14.43 -9.06
N LEU C 522 42.08 -15.16 -9.58
CA LEU C 522 40.65 -14.81 -9.52
C LEU C 522 40.20 -14.61 -8.08
N TYR C 523 40.69 -15.46 -7.14
CA TYR C 523 40.40 -15.37 -5.71
C TYR C 523 41.00 -14.08 -5.14
N LYS C 524 42.25 -13.75 -5.54
CA LYS C 524 43.00 -12.57 -5.07
C LYS C 524 42.49 -11.25 -5.62
N GLN C 525 41.93 -11.27 -6.82
CA GLN C 525 41.47 -10.08 -7.53
C GLN C 525 39.98 -9.84 -7.66
N THR C 526 39.12 -10.80 -7.31
CA THR C 526 37.67 -10.63 -7.48
C THR C 526 36.83 -11.07 -6.26
N PRO C 527 35.48 -10.80 -6.25
CA PRO C 527 34.64 -11.29 -5.14
C PRO C 527 34.54 -12.82 -5.02
N LEU C 528 35.21 -13.60 -5.91
CA LEU C 528 35.28 -15.07 -5.88
C LEU C 528 35.74 -15.51 -4.47
N GLN C 529 36.53 -14.67 -3.80
CA GLN C 529 36.92 -14.80 -2.41
C GLN C 529 36.51 -13.47 -1.76
N THR C 530 35.73 -13.53 -0.71
CA THR C 530 35.25 -12.34 0.00
C THR C 530 35.47 -12.55 1.50
N SER C 531 35.60 -11.46 2.23
CA SER C 531 35.81 -11.52 3.68
C SER C 531 34.55 -11.08 4.42
N PHE C 532 34.16 -11.85 5.46
CA PHE C 532 33.01 -11.48 6.27
C PHE C 532 33.59 -10.90 7.55
N GLY C 533 33.41 -9.59 7.73
CA GLY C 533 33.94 -8.90 8.90
C GLY C 533 32.95 -8.94 10.04
N VAL C 534 33.10 -9.94 10.95
CA VAL C 534 32.21 -10.11 12.10
C VAL C 534 32.34 -8.93 13.05
N ASN C 535 31.21 -8.41 13.50
CA ASN C 535 31.06 -7.30 14.43
C ASN C 535 29.73 -7.53 15.13
N MET C 536 29.71 -8.47 16.08
CA MET C 536 28.52 -8.84 16.83
C MET C 536 27.99 -7.83 17.82
N ILE C 537 27.32 -6.77 17.29
CA ILE C 537 26.65 -5.77 18.13
C ILE C 537 25.13 -6.11 18.10
N ALA C 538 24.50 -6.15 19.28
CA ALA C 538 23.07 -6.44 19.42
C ALA C 538 22.54 -5.68 20.62
N LEU C 539 21.22 -5.39 20.65
CA LEU C 539 20.67 -4.69 21.82
C LEU C 539 20.52 -5.69 22.97
N VAL C 540 21.03 -5.32 24.15
CA VAL C 540 20.99 -6.13 25.38
C VAL C 540 20.44 -5.17 26.46
N ASN C 541 19.19 -5.39 26.91
CA ASN C 541 18.45 -4.53 27.85
C ASN C 541 18.24 -3.16 27.15
N GLY C 542 18.00 -3.20 25.85
CA GLY C 542 17.78 -2.04 25.00
C GLY C 542 19.00 -1.18 24.75
N ARG C 543 20.20 -1.71 25.03
CA ARG C 543 21.48 -1.01 24.87
C ARG C 543 22.39 -1.73 23.90
N PRO C 544 23.01 -1.01 22.93
CA PRO C 544 23.94 -1.67 21.99
C PRO C 544 25.15 -2.24 22.71
N LYS C 545 25.45 -3.53 22.47
CA LYS C 545 26.55 -4.18 23.13
C LYS C 545 27.27 -5.17 22.19
N LEU C 546 28.62 -5.13 22.23
CA LEU C 546 29.48 -6.02 21.47
C LEU C 546 29.57 -7.29 22.31
N ILE C 547 28.92 -8.34 21.83
CA ILE C 547 28.80 -9.64 22.48
C ILE C 547 29.59 -10.74 21.77
N ASN C 548 30.07 -11.76 22.51
CA ASN C 548 30.79 -12.87 21.91
C ASN C 548 29.79 -14.00 21.76
N LEU C 549 30.19 -15.18 21.22
CA LEU C 549 29.28 -16.33 21.03
C LEU C 549 28.60 -16.81 22.33
N LYS C 550 29.35 -16.90 23.45
CA LYS C 550 28.76 -17.35 24.70
C LYS C 550 27.65 -16.41 25.22
N GLU C 551 27.93 -15.08 25.28
CA GLU C 551 26.98 -14.06 25.72
C GLU C 551 25.69 -14.08 24.89
N ALA C 552 25.81 -14.28 23.57
CA ALA C 552 24.67 -14.37 22.66
C ALA C 552 23.81 -15.57 23.08
N LEU C 553 24.45 -16.74 23.31
CA LEU C 553 23.80 -17.98 23.74
C LEU C 553 23.20 -17.84 25.14
N VAL C 554 23.94 -17.23 26.10
CA VAL C 554 23.48 -16.99 27.49
C VAL C 554 22.20 -16.17 27.48
N HIS C 555 22.19 -15.01 26.81
CA HIS C 555 21.03 -14.12 26.69
C HIS C 555 19.86 -14.80 26.01
N TYR C 556 20.14 -15.70 25.04
CA TYR C 556 19.06 -16.43 24.34
C TYR C 556 18.38 -17.41 25.30
N LEU C 557 19.20 -18.17 26.07
CA LEU C 557 18.72 -19.13 27.03
C LEU C 557 17.90 -18.48 28.13
N GLU C 558 18.38 -17.35 28.70
CA GLU C 558 17.65 -16.65 29.74
C GLU C 558 16.29 -16.20 29.22
N HIS C 559 16.23 -15.69 27.97
CA HIS C 559 14.98 -15.28 27.35
C HIS C 559 14.01 -16.47 27.25
N GLN C 560 14.52 -17.67 26.89
CA GLN C 560 13.72 -18.88 26.78
C GLN C 560 13.23 -19.35 28.12
N LYS C 561 14.09 -19.29 29.15
CA LYS C 561 13.70 -19.68 30.50
C LYS C 561 12.52 -18.83 30.92
N THR C 562 12.61 -17.48 30.74
CA THR C 562 11.53 -16.54 31.05
C THR C 562 10.25 -16.80 30.20
N VAL C 563 10.40 -17.05 28.91
CA VAL C 563 9.26 -17.33 28.03
C VAL C 563 8.44 -18.53 28.57
N VAL C 564 9.12 -19.67 28.83
CA VAL C 564 8.50 -20.90 29.34
C VAL C 564 7.94 -20.66 30.76
N ARG C 565 8.70 -19.98 31.64
CA ARG C 565 8.26 -19.67 33.01
C ARG C 565 6.98 -18.86 32.97
N ARG C 566 6.88 -17.85 32.06
CA ARG C 566 5.69 -17.01 31.93
C ARG C 566 4.50 -17.74 31.34
N ARG C 567 4.73 -18.62 30.35
CA ARG C 567 3.72 -19.43 29.68
C ARG C 567 3.07 -20.36 30.73
N THR C 568 3.92 -21.02 31.55
CA THR C 568 3.53 -21.95 32.62
C THR C 568 2.66 -21.19 33.63
N GLN C 569 3.14 -20.01 34.06
CA GLN C 569 2.44 -19.14 34.99
C GLN C 569 1.05 -18.70 34.45
N TYR C 570 0.97 -18.43 33.13
CA TYR C 570 -0.25 -18.01 32.43
C TYR C 570 -1.31 -19.14 32.41
N ASN C 571 -0.89 -20.35 32.00
CA ASN C 571 -1.72 -21.54 31.89
C ASN C 571 -2.31 -21.88 33.25
N LEU C 572 -1.49 -21.79 34.34
CA LEU C 572 -1.89 -22.02 35.73
C LEU C 572 -2.98 -21.01 36.12
N ARG C 573 -2.84 -19.72 35.73
CA ARG C 573 -3.86 -18.73 36.03
C ARG C 573 -5.15 -19.10 35.25
N LYS C 574 -5.02 -19.44 33.96
CA LYS C 574 -6.11 -19.82 33.07
C LYS C 574 -6.86 -21.07 33.56
N ALA C 575 -6.13 -22.09 34.03
CA ALA C 575 -6.69 -23.35 34.53
C ALA C 575 -7.42 -23.11 35.85
N LYS C 576 -6.78 -22.40 36.79
CA LYS C 576 -7.41 -22.09 38.07
C LYS C 576 -8.72 -21.33 37.90
N ASP C 577 -8.78 -20.41 36.92
CA ASP C 577 -10.00 -19.66 36.60
C ASP C 577 -11.05 -20.60 36.03
N ARG C 578 -10.62 -21.57 35.19
CA ARG C 578 -11.51 -22.52 34.55
C ARG C 578 -12.11 -23.46 35.56
N ALA C 579 -11.29 -23.99 36.49
CA ALA C 579 -11.68 -24.91 37.58
C ALA C 579 -12.71 -24.26 38.49
N HIS C 580 -12.52 -22.98 38.79
CA HIS C 580 -13.39 -22.19 39.63
C HIS C 580 -14.75 -22.04 38.95
N ILE C 581 -14.77 -21.87 37.60
CA ILE C 581 -16.00 -21.73 36.82
C ILE C 581 -16.74 -23.04 36.86
N LEU C 582 -16.02 -24.16 36.66
CA LEU C 582 -16.57 -25.51 36.68
C LEU C 582 -17.11 -25.88 38.06
N GLU C 583 -16.51 -25.40 39.15
CA GLU C 583 -17.02 -25.65 40.50
C GLU C 583 -18.43 -25.06 40.63
N GLY C 584 -18.65 -23.91 39.99
CA GLY C 584 -19.94 -23.22 39.97
C GLY C 584 -21.00 -23.90 39.13
N LEU C 585 -20.61 -24.42 37.94
CA LEU C 585 -21.53 -25.11 37.03
C LEU C 585 -21.91 -26.46 37.64
N ARG C 586 -20.99 -27.05 38.43
CA ARG C 586 -21.15 -28.29 39.16
C ARG C 586 -22.32 -28.10 40.18
N ILE C 587 -22.32 -26.93 40.89
CA ILE C 587 -23.31 -26.52 41.89
C ILE C 587 -24.63 -26.18 41.16
N ALA C 588 -24.54 -25.48 40.01
CA ALA C 588 -25.70 -25.13 39.21
C ALA C 588 -26.44 -26.38 38.71
N LEU C 589 -25.72 -27.39 38.17
CA LEU C 589 -26.38 -28.61 37.68
C LEU C 589 -26.91 -29.52 38.80
N ASP C 590 -26.31 -29.43 40.00
CA ASP C 590 -26.76 -30.21 41.16
C ASP C 590 -28.04 -29.60 41.78
N HIS C 591 -28.39 -28.36 41.44
CA HIS C 591 -29.57 -27.70 41.99
C HIS C 591 -30.26 -26.95 40.87
N ILE C 592 -30.30 -27.54 39.64
CA ILE C 592 -30.89 -26.86 38.47
C ILE C 592 -32.27 -26.23 38.66
N ASP C 593 -33.18 -26.93 39.31
CA ASP C 593 -34.54 -26.47 39.57
C ASP C 593 -34.58 -25.17 40.43
N GLU C 594 -33.79 -25.12 41.52
CA GLU C 594 -33.71 -23.95 42.38
C GLU C 594 -33.00 -22.81 41.63
N ILE C 595 -31.96 -23.16 40.79
CA ILE C 595 -31.20 -22.20 39.96
C ILE C 595 -32.19 -21.52 39.01
N ILE C 596 -32.98 -22.31 38.23
CA ILE C 596 -33.96 -21.76 37.30
C ILE C 596 -35.01 -20.85 38.02
N SER C 597 -35.63 -21.35 39.13
CA SER C 597 -36.62 -20.55 39.87
C SER C 597 -36.00 -19.27 40.44
N THR C 598 -34.77 -19.35 40.96
CA THR C 598 -34.05 -18.17 41.45
C THR C 598 -34.02 -17.09 40.35
N ILE C 599 -33.63 -17.49 39.11
CA ILE C 599 -33.54 -16.59 37.94
C ILE C 599 -34.94 -16.12 37.47
N ARG C 600 -35.89 -17.07 37.36
CA ARG C 600 -37.29 -16.80 36.96
C ARG C 600 -37.97 -15.79 37.86
N GLU C 601 -37.66 -15.83 39.17
CA GLU C 601 -38.26 -14.92 40.14
C GLU C 601 -37.47 -13.62 40.34
N SER C 602 -36.46 -13.37 39.50
CA SER C 602 -35.64 -12.17 39.52
C SER C 602 -36.08 -11.25 38.39
N ASP C 603 -36.35 -9.97 38.72
CA ASP C 603 -36.80 -8.95 37.77
C ASP C 603 -35.66 -8.55 36.84
N THR C 604 -34.45 -8.39 37.40
CA THR C 604 -33.26 -8.02 36.62
C THR C 604 -32.14 -9.00 36.84
N ASP C 605 -31.17 -8.98 35.90
CA ASP C 605 -29.99 -9.83 35.85
C ASP C 605 -29.10 -9.65 37.07
N LYS C 606 -28.99 -8.39 37.58
CA LYS C 606 -28.19 -8.06 38.77
C LYS C 606 -28.81 -8.76 40.01
N VAL C 607 -30.17 -8.78 40.09
CA VAL C 607 -30.91 -9.41 41.18
C VAL C 607 -30.69 -10.92 41.16
N ALA C 608 -30.63 -11.53 39.94
CA ALA C 608 -30.38 -12.95 39.77
C ALA C 608 -28.95 -13.27 40.25
N MET C 609 -27.95 -12.43 39.85
CA MET C 609 -26.53 -12.52 40.24
C MET C 609 -26.42 -12.63 41.76
N GLU C 610 -26.84 -11.56 42.48
CA GLU C 610 -26.86 -11.46 43.93
C GLU C 610 -27.57 -12.65 44.57
N SER C 611 -28.71 -13.09 43.99
CA SER C 611 -29.44 -14.23 44.51
C SER C 611 -28.69 -15.56 44.37
N LEU C 612 -28.06 -15.82 43.20
CA LEU C 612 -27.30 -17.06 43.02
C LEU C 612 -26.07 -17.09 43.96
N GLN C 613 -25.39 -15.92 44.10
CA GLN C 613 -24.20 -15.70 44.93
C GLN C 613 -24.44 -16.03 46.42
N GLN C 614 -25.53 -15.48 47.01
CA GLN C 614 -25.86 -15.71 48.42
C GLN C 614 -26.32 -17.14 48.67
N ARG C 615 -27.31 -17.61 47.90
CA ARG C 615 -27.95 -18.92 48.02
C ARG C 615 -27.06 -20.12 47.79
N PHE C 616 -26.22 -20.07 46.75
CA PHE C 616 -25.37 -21.21 46.40
C PHE C 616 -23.89 -21.06 46.68
N LYS C 617 -23.46 -19.96 47.38
CA LYS C 617 -22.05 -19.69 47.74
C LYS C 617 -21.16 -19.56 46.48
N LEU C 618 -21.65 -18.79 45.50
CA LEU C 618 -20.97 -18.54 44.23
C LEU C 618 -20.32 -17.15 44.20
N SER C 619 -19.28 -16.98 43.38
CA SER C 619 -18.61 -15.68 43.21
C SER C 619 -19.31 -14.96 42.04
N GLU C 620 -18.88 -13.70 41.72
CA GLU C 620 -19.42 -12.91 40.63
C GLU C 620 -19.22 -13.65 39.29
N LYS C 621 -18.00 -14.17 39.04
CA LYS C 621 -17.67 -14.91 37.83
C LYS C 621 -18.50 -16.20 37.71
N GLN C 622 -18.66 -16.95 38.82
CA GLN C 622 -19.45 -18.19 38.86
C GLN C 622 -20.92 -17.94 38.54
N ALA C 623 -21.54 -16.89 39.16
CA ALA C 623 -22.95 -16.53 38.95
C ALA C 623 -23.19 -16.08 37.51
N GLN C 624 -22.22 -15.33 36.94
CA GLN C 624 -22.27 -14.84 35.57
C GLN C 624 -22.12 -16.01 34.56
N ALA C 625 -21.26 -16.99 34.86
CA ALA C 625 -21.03 -18.16 34.01
C ALA C 625 -22.31 -19.00 33.91
N ILE C 626 -23.11 -19.02 35.01
CA ILE C 626 -24.37 -19.73 35.11
C ILE C 626 -25.42 -18.97 34.30
N LEU C 627 -25.55 -17.65 34.50
CA LEU C 627 -26.51 -16.85 33.73
C LEU C 627 -26.23 -16.89 32.20
N ASP C 628 -24.96 -17.14 31.79
CA ASP C 628 -24.60 -17.18 30.37
C ASP C 628 -24.77 -18.56 29.76
N MET C 629 -24.96 -19.59 30.61
CA MET C 629 -25.18 -21.00 30.26
C MET C 629 -26.39 -21.19 29.33
N ARG C 630 -26.16 -21.88 28.20
CA ARG C 630 -27.25 -22.15 27.26
C ARG C 630 -28.04 -23.37 27.74
N LEU C 631 -29.35 -23.44 27.38
CA LEU C 631 -30.22 -24.55 27.73
C LEU C 631 -29.67 -25.92 27.34
N ARG C 632 -28.92 -26.03 26.21
CA ARG C 632 -28.29 -27.29 25.77
C ARG C 632 -27.30 -27.90 26.79
N ARG C 633 -26.72 -27.08 27.70
CA ARG C 633 -25.79 -27.56 28.74
C ARG C 633 -26.50 -28.43 29.80
N LEU C 634 -27.83 -28.42 29.80
CA LEU C 634 -28.68 -29.15 30.73
C LEU C 634 -28.93 -30.61 30.30
N THR C 635 -28.40 -31.04 29.11
CA THR C 635 -28.56 -32.44 28.63
C THR C 635 -27.74 -33.36 29.53
N GLY C 636 -28.05 -34.67 29.47
CA GLY C 636 -27.40 -35.73 30.24
C GLY C 636 -25.89 -35.85 30.10
N LEU C 637 -25.36 -35.72 28.86
CA LEU C 637 -23.92 -35.83 28.54
C LEU C 637 -23.08 -34.75 29.25
N GLU C 638 -23.66 -33.56 29.48
CA GLU C 638 -23.02 -32.40 30.09
C GLU C 638 -22.55 -32.47 31.55
N ARG C 639 -23.37 -32.97 32.50
CA ARG C 639 -22.94 -33.06 33.91
C ARG C 639 -21.71 -33.99 34.07
N ASP C 640 -21.60 -34.99 33.17
CA ASP C 640 -20.51 -35.96 33.11
C ASP C 640 -19.30 -35.31 32.42
N LYS C 641 -19.57 -34.49 31.37
CA LYS C 641 -18.57 -33.75 30.57
C LYS C 641 -17.83 -32.74 31.45
N ILE C 642 -18.58 -32.09 32.35
CA ILE C 642 -18.07 -31.10 33.29
C ILE C 642 -17.15 -31.75 34.33
N GLU C 643 -17.58 -32.88 34.92
CA GLU C 643 -16.78 -33.61 35.91
C GLU C 643 -15.53 -34.21 35.28
N ALA C 644 -15.57 -34.47 33.95
CA ALA C 644 -14.43 -34.99 33.18
C ALA C 644 -13.40 -33.87 33.02
N GLU C 645 -13.81 -32.69 32.48
CA GLU C 645 -12.95 -31.51 32.29
C GLU C 645 -12.29 -31.09 33.62
N TYR C 646 -13.11 -30.94 34.68
CA TYR C 646 -12.66 -30.57 36.02
C TYR C 646 -11.62 -31.54 36.57
N ASN C 647 -11.79 -32.84 36.35
CA ASN C 647 -10.79 -33.78 36.85
C ASN C 647 -9.48 -33.80 36.06
N GLU C 648 -9.53 -33.63 34.73
CA GLU C 648 -8.33 -33.56 33.90
C GLU C 648 -7.62 -32.19 34.14
N LEU C 649 -8.38 -31.20 34.59
CA LEU C 649 -7.85 -29.88 34.91
C LEU C 649 -7.02 -29.90 36.19
N LEU C 650 -7.44 -30.71 37.18
CA LEU C 650 -6.74 -30.82 38.47
C LEU C 650 -5.39 -31.47 38.29
N ASN C 651 -5.31 -32.46 37.39
CA ASN C 651 -4.08 -33.16 37.03
C ASN C 651 -3.17 -32.10 36.38
N TYR C 652 -3.73 -31.36 35.38
CA TYR C 652 -3.03 -30.32 34.64
C TYR C 652 -2.45 -29.27 35.59
N ILE C 653 -3.27 -28.75 36.52
CA ILE C 653 -2.83 -27.76 37.53
C ILE C 653 -1.61 -28.31 38.31
N SER C 654 -1.66 -29.60 38.71
CA SER C 654 -0.59 -30.27 39.44
C SER C 654 0.71 -30.24 38.65
N GLU C 655 0.65 -30.60 37.36
CA GLU C 655 1.77 -30.64 36.42
C GLU C 655 2.49 -29.27 36.33
N LEU C 656 1.70 -28.19 36.20
CA LEU C 656 2.17 -26.81 36.08
C LEU C 656 2.85 -26.34 37.34
N GLU C 657 2.29 -26.71 38.50
CA GLU C 657 2.86 -26.34 39.80
C GLU C 657 4.17 -27.06 40.08
N THR C 658 4.32 -28.28 39.55
CA THR C 658 5.54 -29.08 39.66
C THR C 658 6.65 -28.36 38.90
N ILE C 659 6.35 -27.88 37.66
CA ILE C 659 7.25 -27.13 36.77
C ILE C 659 7.73 -25.84 37.43
N LEU C 660 6.81 -25.08 38.07
CA LEU C 660 7.13 -23.81 38.73
C LEU C 660 7.79 -23.93 40.11
N ALA C 661 7.76 -25.13 40.74
CA ALA C 661 8.35 -25.35 42.06
C ALA C 661 9.82 -25.77 41.97
N ASP C 662 10.22 -26.44 40.85
CA ASP C 662 11.58 -26.89 40.60
C ASP C 662 12.15 -26.29 39.31
N GLU C 663 13.21 -25.48 39.44
CA GLU C 663 13.88 -24.82 38.33
C GLU C 663 14.57 -25.80 37.38
N GLU C 664 15.04 -26.95 37.93
CA GLU C 664 15.69 -28.00 37.12
C GLU C 664 14.67 -28.61 36.16
N VAL C 665 13.43 -28.80 36.64
CA VAL C 665 12.30 -29.34 35.86
C VAL C 665 11.98 -28.34 34.72
N LEU C 666 11.88 -27.02 35.05
CA LEU C 666 11.61 -25.93 34.10
C LEU C 666 12.70 -25.88 33.02
N LEU C 667 13.99 -26.02 33.43
CA LEU C 667 15.10 -26.01 32.49
C LEU C 667 15.07 -27.23 31.61
N GLN C 668 14.64 -28.38 32.16
CA GLN C 668 14.54 -29.62 31.37
C GLN C 668 13.44 -29.49 30.32
N LEU C 669 12.37 -28.73 30.63
CA LEU C 669 11.25 -28.48 29.73
C LEU C 669 11.71 -27.64 28.55
N VAL C 670 12.63 -26.66 28.80
CA VAL C 670 13.21 -25.78 27.79
C VAL C 670 14.03 -26.64 26.81
N ARG C 671 14.92 -27.48 27.38
CA ARG C 671 15.78 -28.40 26.65
C ARG C 671 14.95 -29.26 25.73
N ASP C 672 13.84 -29.84 26.24
CA ASP C 672 12.94 -30.73 25.52
C ASP C 672 12.31 -30.04 24.35
N GLU C 673 11.81 -28.83 24.56
CA GLU C 673 11.17 -28.05 23.51
C GLU C 673 12.16 -27.64 22.40
N LEU C 674 13.41 -27.28 22.74
CA LEU C 674 14.45 -26.93 21.76
C LEU C 674 14.89 -28.17 20.97
N THR C 675 14.90 -29.38 21.61
CA THR C 675 15.28 -30.66 21.00
C THR C 675 14.28 -31.03 19.91
N GLU C 676 13.00 -30.73 20.16
CA GLU C 676 11.92 -30.99 19.21
C GLU C 676 12.08 -30.12 17.99
N ILE C 677 12.35 -28.80 18.19
CA ILE C 677 12.57 -27.82 17.13
C ILE C 677 13.78 -28.26 16.30
N ARG C 678 14.85 -28.74 16.99
CA ARG C 678 16.05 -29.23 16.34
C ARG C 678 15.74 -30.43 15.44
N ASP C 679 14.90 -31.35 15.91
CA ASP C 679 14.53 -32.53 15.13
C ASP C 679 13.56 -32.21 14.02
N ARG C 680 12.79 -31.11 14.16
CA ARG C 680 11.78 -30.71 13.19
C ARG C 680 12.35 -29.79 12.11
N PHE C 681 13.22 -28.84 12.49
CA PHE C 681 13.79 -27.84 11.57
C PHE C 681 15.30 -27.87 11.30
N GLY C 682 16.06 -28.62 12.10
CA GLY C 682 17.49 -28.73 11.91
C GLY C 682 17.83 -29.29 10.53
N ASP C 683 18.77 -28.67 9.84
CA ASP C 683 19.19 -29.15 8.52
C ASP C 683 20.70 -29.42 8.49
N ASP C 684 21.23 -29.88 7.35
CA ASP C 684 22.66 -30.11 7.26
C ASP C 684 23.41 -28.82 7.02
N ARG C 685 24.70 -28.82 7.40
CA ARG C 685 25.64 -27.72 7.19
C ARG C 685 25.86 -27.65 5.66
N ARG C 686 25.80 -26.44 5.11
CA ARG C 686 25.96 -26.17 3.69
C ARG C 686 27.39 -25.74 3.36
N THR C 687 27.97 -24.86 4.25
CA THR C 687 29.29 -24.26 4.16
C THR C 687 30.38 -25.19 4.68
N GLU C 688 31.43 -25.46 3.87
CA GLU C 688 32.54 -26.31 4.29
C GLU C 688 33.66 -25.48 4.92
N ILE C 689 34.05 -25.83 6.16
CA ILE C 689 35.13 -25.14 6.86
C ILE C 689 36.41 -25.90 6.54
N GLN C 690 37.19 -25.36 5.60
CA GLN C 690 38.43 -25.98 5.16
C GLN C 690 39.60 -25.51 6.02
N LEU C 691 40.33 -26.47 6.61
CA LEU C 691 41.48 -26.18 7.47
C LEU C 691 42.65 -25.81 6.56
N GLY C 692 42.78 -24.50 6.30
CA GLY C 692 43.79 -23.95 5.39
C GLY C 692 44.88 -23.07 6.00
N LYS D 9 19.06 -2.59 -21.20
CA LYS D 9 17.86 -3.30 -20.72
C LYS D 9 17.81 -4.80 -21.13
N LEU D 10 18.34 -5.14 -22.33
CA LEU D 10 18.37 -6.51 -22.85
C LEU D 10 19.26 -7.46 -22.04
N ALA D 11 18.66 -8.58 -21.61
CA ALA D 11 19.29 -9.68 -20.89
C ALA D 11 19.46 -10.77 -21.97
N ASP D 12 20.56 -10.66 -22.75
CA ASP D 12 20.86 -11.56 -23.86
C ASP D 12 21.19 -13.01 -23.46
N CYS D 13 21.24 -13.90 -24.47
CA CYS D 13 21.56 -15.31 -24.34
C CYS D 13 23.05 -15.62 -24.69
N SER D 14 23.55 -16.82 -24.28
CA SER D 14 24.92 -17.30 -24.50
C SER D 14 25.18 -17.50 -25.99
N SER D 15 24.33 -18.30 -26.66
CA SER D 15 24.45 -18.61 -28.09
C SER D 15 24.46 -17.36 -28.98
N LYS D 16 25.00 -17.52 -30.20
CA LYS D 16 25.10 -16.46 -31.20
C LYS D 16 24.55 -16.92 -32.57
N SER D 17 23.92 -18.12 -32.61
CA SER D 17 23.30 -18.71 -33.80
C SER D 17 21.83 -18.31 -33.77
N PRO D 18 21.43 -17.26 -34.53
CA PRO D 18 20.02 -16.80 -34.51
C PRO D 18 18.93 -17.84 -34.70
N GLU D 19 19.23 -18.92 -35.45
CA GLU D 19 18.29 -20.00 -35.77
C GLU D 19 17.76 -20.73 -34.56
N GLU D 20 18.53 -20.75 -33.45
CA GLU D 20 18.12 -21.41 -32.21
C GLU D 20 17.79 -20.42 -31.08
N CYS D 21 18.17 -19.15 -31.28
CA CYS D 21 17.95 -18.06 -30.35
C CYS D 21 16.53 -17.47 -30.42
N GLU D 22 15.97 -17.15 -29.22
CA GLU D 22 14.63 -16.59 -29.03
C GLU D 22 14.69 -15.34 -28.17
N ILE D 23 13.88 -14.34 -28.51
CA ILE D 23 13.81 -13.11 -27.72
C ILE D 23 12.42 -12.97 -27.12
N PHE D 24 12.35 -12.82 -25.79
CA PHE D 24 11.06 -12.65 -25.12
C PHE D 24 10.87 -11.20 -24.73
N LEU D 25 9.78 -10.61 -25.22
CA LEU D 25 9.41 -9.22 -24.96
C LEU D 25 8.33 -9.22 -23.86
N VAL D 26 8.68 -8.59 -22.73
CA VAL D 26 7.82 -8.48 -21.54
C VAL D 26 7.47 -7.01 -21.20
N GLU D 27 6.40 -6.78 -20.41
CA GLU D 27 5.92 -5.44 -20.06
C GLU D 27 6.84 -4.52 -19.23
N GLY D 28 7.66 -5.13 -18.37
CA GLY D 28 8.57 -4.42 -17.48
C GLY D 28 9.38 -5.39 -16.66
N ASP D 29 10.17 -4.84 -15.71
CA ASP D 29 11.05 -5.63 -14.82
C ASP D 29 10.39 -6.58 -13.86
N SER D 30 9.13 -6.35 -13.46
CA SER D 30 8.44 -7.26 -12.55
C SER D 30 8.22 -8.61 -13.25
N ALA D 31 7.77 -8.56 -14.52
CA ALA D 31 7.54 -9.75 -15.35
C ALA D 31 8.88 -10.28 -15.82
N GLY D 32 9.82 -9.37 -16.06
CA GLY D 32 11.17 -9.67 -16.53
C GLY D 32 11.98 -10.54 -15.58
N GLY D 33 11.87 -10.27 -14.28
CA GLY D 33 12.59 -11.01 -13.26
C GLY D 33 12.22 -12.49 -13.21
N SER D 34 10.91 -12.79 -13.24
CA SER D 34 10.37 -14.14 -13.25
C SER D 34 10.86 -14.85 -14.54
N THR D 35 10.85 -14.11 -15.68
CA THR D 35 11.30 -14.54 -17.00
C THR D 35 12.81 -14.86 -16.99
N LYS D 36 13.66 -13.99 -16.40
CA LYS D 36 15.12 -14.22 -16.35
C LYS D 36 15.46 -15.43 -15.49
N SER D 37 14.64 -15.70 -14.46
CA SER D 37 14.89 -16.83 -13.58
C SER D 37 14.47 -18.16 -14.15
N GLY D 38 13.34 -18.19 -14.86
CA GLY D 38 12.80 -19.40 -15.44
C GLY D 38 13.36 -19.85 -16.77
N ARG D 39 13.89 -18.92 -17.60
CA ARG D 39 14.42 -19.19 -18.94
C ARG D 39 15.60 -20.13 -19.04
N ASP D 40 16.00 -20.38 -20.30
CA ASP D 40 17.17 -21.14 -20.72
C ASP D 40 18.09 -20.04 -21.28
N SER D 41 19.03 -19.57 -20.42
CA SER D 41 19.99 -18.50 -20.73
C SER D 41 20.91 -18.74 -21.92
N ARG D 42 20.95 -19.98 -22.44
CA ARG D 42 21.78 -20.31 -23.60
C ARG D 42 21.16 -19.79 -24.91
N THR D 43 19.83 -19.97 -25.05
CA THR D 43 19.11 -19.60 -26.26
C THR D 43 17.96 -18.61 -26.06
N GLN D 44 17.67 -18.18 -24.81
CA GLN D 44 16.54 -17.27 -24.61
C GLN D 44 16.85 -15.90 -24.04
N ALA D 45 16.80 -14.85 -24.89
CA ALA D 45 17.06 -13.47 -24.47
C ALA D 45 15.80 -12.81 -23.91
N ILE D 46 15.97 -11.80 -23.04
CA ILE D 46 14.82 -11.11 -22.47
C ILE D 46 14.91 -9.62 -22.61
N LEU D 47 13.89 -9.04 -23.24
CA LEU D 47 13.83 -7.60 -23.37
C LEU D 47 12.61 -7.09 -22.62
N PRO D 48 12.82 -6.45 -21.46
CA PRO D 48 11.68 -5.91 -20.72
C PRO D 48 11.40 -4.49 -21.23
N LEU D 49 10.16 -4.24 -21.66
CA LEU D 49 9.75 -2.94 -22.15
C LEU D 49 9.25 -2.08 -20.97
N ARG D 50 8.64 -0.92 -21.21
CA ARG D 50 8.20 -0.10 -20.08
C ARG D 50 6.72 0.25 -20.16
N GLY D 51 5.90 -0.80 -20.13
CA GLY D 51 4.45 -0.70 -20.21
C GLY D 51 3.96 -0.42 -21.60
N LYS D 52 3.07 0.57 -21.74
CA LYS D 52 2.48 0.89 -23.03
C LYS D 52 3.44 1.53 -23.98
N ILE D 53 3.60 0.90 -25.14
CA ILE D 53 4.52 1.38 -26.16
C ILE D 53 3.78 2.33 -27.09
N LEU D 54 4.54 3.19 -27.79
CA LEU D 54 4.02 4.15 -28.73
C LEU D 54 3.18 3.51 -29.85
N ASN D 55 2.11 4.21 -30.31
CA ASN D 55 1.24 3.79 -31.40
C ASN D 55 1.82 4.40 -32.68
N VAL D 56 2.61 3.59 -33.42
CA VAL D 56 3.28 4.03 -34.66
C VAL D 56 2.35 4.47 -35.79
N GLU D 57 1.09 3.99 -35.76
CA GLU D 57 0.04 4.32 -36.72
C GLU D 57 -0.40 5.80 -36.50
N LYS D 58 -0.60 6.23 -35.23
CA LYS D 58 -1.02 7.60 -34.86
C LYS D 58 0.14 8.59 -34.70
N ALA D 59 1.40 8.10 -34.61
CA ALA D 59 2.59 8.95 -34.43
C ALA D 59 3.34 9.41 -35.70
N ARG D 60 4.05 10.55 -35.56
CA ARG D 60 4.90 11.18 -36.58
C ARG D 60 6.25 10.44 -36.54
N LEU D 61 6.83 10.10 -37.71
CA LEU D 61 8.10 9.36 -37.83
C LEU D 61 9.25 9.77 -36.91
N ASP D 62 9.49 11.09 -36.73
CA ASP D 62 10.56 11.59 -35.87
C ASP D 62 10.42 11.10 -34.44
N ARG D 63 9.17 11.17 -33.92
CA ARG D 63 8.74 10.75 -32.58
C ARG D 63 9.02 9.25 -32.41
N ILE D 64 8.70 8.44 -33.46
CA ILE D 64 8.91 6.99 -33.49
C ILE D 64 10.40 6.65 -33.39
N LEU D 65 11.20 7.23 -34.28
CA LEU D 65 12.64 7.00 -34.34
C LEU D 65 13.42 7.48 -33.12
N ASN D 66 12.82 8.38 -32.31
CA ASN D 66 13.45 8.90 -31.10
C ASN D 66 12.93 8.29 -29.81
N ASN D 67 11.91 7.42 -29.90
CA ASN D 67 11.32 6.73 -28.77
C ASN D 67 12.29 5.67 -28.26
N ASN D 68 12.57 5.69 -26.95
CA ASN D 68 13.50 4.77 -26.30
C ASN D 68 13.14 3.28 -26.40
N GLU D 69 11.86 2.93 -26.25
CA GLU D 69 11.47 1.53 -26.34
C GLU D 69 11.50 0.94 -27.77
N ILE D 70 11.16 1.76 -28.79
CA ILE D 70 11.20 1.42 -30.22
C ILE D 70 12.67 1.17 -30.62
N ARG D 71 13.58 2.04 -30.16
CA ARG D 71 15.02 1.99 -30.43
C ARG D 71 15.66 0.73 -29.84
N GLN D 72 15.27 0.38 -28.61
CA GLN D 72 15.81 -0.78 -27.89
C GLN D 72 15.50 -2.08 -28.61
N MET D 73 14.31 -2.16 -29.24
CA MET D 73 13.85 -3.31 -30.02
C MET D 73 14.56 -3.39 -31.35
N ILE D 74 14.76 -2.24 -32.04
CA ILE D 74 15.46 -2.14 -33.32
C ILE D 74 16.90 -2.69 -33.11
N THR D 75 17.65 -2.12 -32.13
CA THR D 75 19.01 -2.48 -31.74
C THR D 75 19.10 -3.98 -31.41
N ALA D 76 18.13 -4.53 -30.65
CA ALA D 76 18.12 -5.94 -30.24
C ALA D 76 17.92 -6.91 -31.43
N PHE D 77 17.05 -6.55 -32.37
CA PHE D 77 16.75 -7.39 -33.53
C PHE D 77 17.87 -7.34 -34.56
N GLY D 78 18.58 -6.21 -34.63
CA GLY D 78 19.69 -5.94 -35.53
C GLY D 78 19.37 -5.99 -37.02
N THR D 79 18.09 -5.85 -37.38
CA THR D 79 17.58 -5.89 -38.75
C THR D 79 17.32 -4.53 -39.39
N GLY D 80 17.38 -3.45 -38.62
CA GLY D 80 17.07 -2.13 -39.17
C GLY D 80 15.57 -2.00 -39.44
N ILE D 81 15.11 -0.84 -39.95
CA ILE D 81 13.67 -0.65 -40.20
C ILE D 81 13.31 -0.13 -41.59
N GLY D 82 12.08 -0.45 -42.01
CA GLY D 82 11.51 -0.03 -43.29
C GLY D 82 12.19 -0.66 -44.49
N GLY D 83 12.82 0.20 -45.30
CA GLY D 83 13.52 -0.20 -46.51
C GLY D 83 14.89 -0.82 -46.30
N ASP D 84 15.59 -0.41 -45.20
CA ASP D 84 16.92 -0.92 -44.85
C ASP D 84 16.85 -2.26 -44.09
N PHE D 85 15.62 -2.78 -43.87
CA PHE D 85 15.36 -4.04 -43.17
C PHE D 85 15.94 -5.25 -43.88
N ASP D 86 16.88 -5.93 -43.21
CA ASP D 86 17.49 -7.14 -43.73
C ASP D 86 17.26 -8.30 -42.76
N LEU D 87 16.44 -9.25 -43.20
CA LEU D 87 16.08 -10.47 -42.46
C LEU D 87 17.29 -11.36 -42.17
N ALA D 88 18.38 -11.13 -42.92
CA ALA D 88 19.63 -11.85 -42.79
C ALA D 88 20.37 -11.35 -41.54
N LYS D 89 20.33 -10.00 -41.31
CA LYS D 89 20.94 -9.36 -40.15
C LYS D 89 20.15 -9.59 -38.80
N ALA D 90 19.09 -10.46 -38.81
CA ALA D 90 18.28 -10.81 -37.64
C ALA D 90 19.12 -11.54 -36.61
N ARG D 91 18.87 -11.27 -35.31
CA ARG D 91 19.60 -11.90 -34.20
C ARG D 91 18.85 -13.03 -33.51
N TYR D 92 17.55 -13.21 -33.82
CA TYR D 92 16.67 -14.26 -33.27
C TYR D 92 15.74 -14.73 -34.37
N HIS D 93 15.39 -16.01 -34.36
CA HIS D 93 14.46 -16.50 -35.39
C HIS D 93 13.04 -16.61 -34.86
N LYS D 94 12.90 -16.20 -33.59
CA LYS D 94 11.67 -16.15 -32.82
C LYS D 94 11.64 -14.84 -31.98
N ILE D 95 10.72 -13.94 -32.30
CA ILE D 95 10.46 -12.70 -31.57
C ILE D 95 9.15 -13.09 -30.88
N VAL D 96 9.22 -13.40 -29.57
CA VAL D 96 8.10 -13.86 -28.75
C VAL D 96 7.48 -12.73 -27.90
N ILE D 97 6.27 -12.30 -28.25
CA ILE D 97 5.53 -11.29 -27.51
C ILE D 97 4.90 -11.99 -26.31
N MET D 98 5.35 -11.63 -25.10
CA MET D 98 4.86 -12.22 -23.86
C MET D 98 4.36 -11.12 -22.91
N THR D 99 3.20 -10.57 -23.24
CA THR D 99 2.61 -9.53 -22.41
C THR D 99 1.81 -10.20 -21.30
N ASP D 100 1.26 -9.43 -20.36
CA ASP D 100 0.50 -10.02 -19.27
C ASP D 100 -0.82 -10.53 -19.72
N ALA D 101 -1.33 -11.58 -19.01
CA ALA D 101 -2.60 -12.27 -19.27
C ALA D 101 -3.83 -11.48 -18.76
N ASP D 102 -3.92 -10.21 -19.19
CA ASP D 102 -4.98 -9.24 -18.90
C ASP D 102 -5.27 -8.39 -20.17
N VAL D 103 -6.33 -7.56 -20.16
CA VAL D 103 -6.74 -6.71 -21.28
C VAL D 103 -5.70 -5.67 -21.76
N ASP D 104 -4.92 -5.09 -20.82
CA ASP D 104 -3.91 -4.11 -21.17
C ASP D 104 -2.67 -4.79 -21.84
N GLY D 105 -2.51 -6.10 -21.58
CA GLY D 105 -1.48 -6.96 -22.16
C GLY D 105 -1.84 -7.23 -23.61
N ALA D 106 -3.15 -7.44 -23.86
CA ALA D 106 -3.70 -7.65 -25.19
C ALA D 106 -3.49 -6.35 -25.99
N HIS D 107 -3.76 -5.17 -25.38
CA HIS D 107 -3.55 -3.86 -25.99
C HIS D 107 -2.07 -3.66 -26.36
N ILE D 108 -1.12 -3.94 -25.42
CA ILE D 108 0.32 -3.81 -25.69
C ILE D 108 0.72 -4.73 -26.87
N ARG D 109 0.05 -5.91 -27.00
CA ARG D 109 0.29 -6.86 -28.09
C ARG D 109 -0.12 -6.20 -29.40
N THR D 110 -1.30 -5.54 -29.43
CA THR D 110 -1.80 -4.83 -30.61
C THR D 110 -0.86 -3.68 -30.96
N LEU D 111 -0.32 -2.98 -29.94
CA LEU D 111 0.63 -1.88 -30.16
C LEU D 111 1.98 -2.39 -30.75
N LEU D 112 2.36 -3.62 -30.39
CA LEU D 112 3.60 -4.24 -30.87
C LEU D 112 3.45 -4.76 -32.29
N LEU D 113 2.37 -5.53 -32.54
CA LEU D 113 2.11 -6.08 -33.87
C LEU D 113 2.06 -4.95 -34.90
N THR D 114 1.56 -3.75 -34.51
CA THR D 114 1.44 -2.54 -35.31
C THR D 114 2.81 -1.98 -35.71
N PHE D 115 3.77 -1.96 -34.75
CA PHE D 115 5.13 -1.48 -35.00
C PHE D 115 5.86 -2.45 -35.92
N PHE D 116 5.67 -3.77 -35.70
CA PHE D 116 6.28 -4.82 -36.50
C PHE D 116 5.68 -4.80 -37.91
N TYR D 117 4.36 -4.54 -38.05
CA TYR D 117 3.70 -4.49 -39.35
C TYR D 117 4.11 -3.30 -40.21
N ARG D 118 4.20 -2.10 -39.60
CA ARG D 118 4.53 -0.89 -40.35
C ARG D 118 6.02 -0.65 -40.57
N PHE D 119 6.89 -1.33 -39.81
CA PHE D 119 8.34 -1.11 -39.92
C PHE D 119 9.19 -2.34 -40.19
N MET D 120 8.79 -3.49 -39.66
CA MET D 120 9.52 -4.75 -39.80
C MET D 120 8.58 -5.82 -40.37
N ARG D 121 7.85 -5.49 -41.46
CA ARG D 121 6.91 -6.43 -42.07
C ARG D 121 7.53 -7.77 -42.52
N PRO D 122 8.75 -7.83 -43.13
CA PRO D 122 9.32 -9.14 -43.52
C PRO D 122 9.57 -10.12 -42.36
N LEU D 123 9.66 -9.61 -41.11
CA LEU D 123 9.85 -10.39 -39.88
C LEU D 123 8.61 -11.28 -39.65
N ILE D 124 7.41 -10.73 -39.91
CA ILE D 124 6.12 -11.45 -39.80
C ILE D 124 6.07 -12.43 -40.99
N GLU D 125 6.36 -11.92 -42.22
CA GLU D 125 6.38 -12.66 -43.49
C GLU D 125 7.23 -13.93 -43.37
N ALA D 126 8.41 -13.80 -42.72
CA ALA D 126 9.35 -14.91 -42.48
C ALA D 126 8.85 -15.88 -41.41
N GLY D 127 7.73 -15.54 -40.74
CA GLY D 127 7.17 -16.34 -39.65
C GLY D 127 8.01 -16.32 -38.39
N TYR D 128 8.81 -15.24 -38.20
CA TYR D 128 9.71 -15.02 -37.04
C TYR D 128 8.98 -14.49 -35.78
N VAL D 129 7.79 -13.88 -35.93
CA VAL D 129 7.00 -13.29 -34.85
C VAL D 129 6.00 -14.26 -34.21
N TYR D 130 6.14 -14.48 -32.90
CA TYR D 130 5.25 -15.38 -32.16
C TYR D 130 4.55 -14.65 -31.02
N ILE D 131 3.58 -15.32 -30.40
CA ILE D 131 2.82 -14.87 -29.25
C ILE D 131 2.86 -15.99 -28.23
N ALA D 132 3.42 -15.71 -27.03
CA ALA D 132 3.50 -16.65 -25.92
C ALA D 132 2.13 -16.76 -25.26
N GLN D 133 1.90 -17.87 -24.53
CA GLN D 133 0.61 -18.07 -23.86
C GLN D 133 0.67 -18.42 -22.36
N PRO D 134 0.95 -17.40 -21.50
CA PRO D 134 0.99 -17.67 -20.05
C PRO D 134 -0.41 -17.93 -19.49
N PRO D 135 -0.52 -18.62 -18.33
CA PRO D 135 -1.86 -18.90 -17.76
C PRO D 135 -2.66 -17.67 -17.34
N THR D 136 -3.87 -17.75 -17.67
CA THR D 136 -4.77 -16.72 -17.23
C THR D 136 -4.80 -16.96 -15.76
N GLY D 137 -5.33 -16.04 -14.99
CA GLY D 137 -5.38 -16.24 -13.56
C GLY D 137 -4.25 -15.58 -12.84
N TYR D 138 -3.30 -15.00 -13.56
CA TYR D 138 -2.37 -14.08 -12.96
C TYR D 138 -2.53 -12.69 -13.55
N LYS D 139 -2.18 -11.61 -12.79
CA LYS D 139 -2.28 -10.19 -13.16
C LYS D 139 -1.01 -9.70 -13.89
N GLY D 140 0.09 -10.42 -13.68
CA GLY D 140 1.39 -10.17 -14.28
C GLY D 140 2.22 -11.41 -14.19
N LEU D 141 3.32 -11.50 -14.99
CA LEU D 141 4.22 -12.67 -14.92
C LEU D 141 5.05 -12.61 -13.62
N GLY D 142 5.13 -11.42 -13.00
CA GLY D 142 5.84 -11.20 -11.75
C GLY D 142 5.15 -11.83 -10.54
N GLU D 143 3.91 -12.33 -10.74
CA GLU D 143 3.08 -12.98 -9.74
C GLU D 143 3.35 -14.51 -9.78
N MET D 144 3.96 -14.97 -10.89
CA MET D 144 4.32 -16.36 -11.14
C MET D 144 5.72 -16.67 -10.60
N ASN D 145 5.92 -17.93 -10.19
CA ASN D 145 7.22 -18.39 -9.73
C ASN D 145 7.93 -18.76 -11.00
N ALA D 146 9.26 -18.63 -11.05
CA ALA D 146 10.07 -18.95 -12.23
C ALA D 146 9.78 -20.34 -12.83
N ASP D 147 9.64 -21.38 -11.99
CA ASP D 147 9.37 -22.76 -12.43
C ASP D 147 8.00 -22.89 -13.10
N GLN D 148 7.04 -22.09 -12.65
CA GLN D 148 5.67 -22.04 -13.17
C GLN D 148 5.68 -21.37 -14.55
N LEU D 149 6.45 -20.27 -14.72
CA LEU D 149 6.53 -19.58 -16.01
C LEU D 149 7.28 -20.45 -17.02
N TRP D 150 8.31 -21.17 -16.56
CA TRP D 150 9.08 -22.06 -17.40
C TRP D 150 8.26 -23.22 -17.96
N GLU D 151 7.70 -24.04 -17.11
CA GLU D 151 7.00 -25.19 -17.62
C GLU D 151 5.81 -24.85 -18.46
N THR D 152 4.99 -23.92 -18.00
CA THR D 152 3.83 -23.50 -18.76
C THR D 152 4.12 -22.74 -20.03
N THR D 153 5.06 -21.82 -19.99
CA THR D 153 5.18 -20.86 -21.05
C THR D 153 6.43 -20.86 -21.89
N MET D 154 7.56 -21.30 -21.34
CA MET D 154 8.82 -21.06 -22.00
C MET D 154 9.59 -22.24 -22.45
N ASN D 155 9.23 -23.41 -21.97
CA ASN D 155 9.94 -24.63 -22.28
C ASN D 155 9.46 -25.09 -23.59
N PRO D 156 10.37 -25.36 -24.52
CA PRO D 156 9.88 -25.77 -25.87
C PRO D 156 9.18 -27.14 -25.90
N GLU D 157 9.28 -27.90 -24.79
CA GLU D 157 8.69 -29.22 -24.53
C GLU D 157 7.21 -29.16 -24.12
N HIS D 158 6.76 -28.11 -23.44
CA HIS D 158 5.38 -28.02 -22.97
C HIS D 158 4.59 -26.81 -23.47
N ARG D 159 5.29 -25.73 -23.86
CA ARG D 159 4.71 -24.49 -24.33
C ARG D 159 3.81 -24.62 -25.55
N ALA D 160 2.80 -23.75 -25.62
CA ALA D 160 1.87 -23.64 -26.73
C ALA D 160 2.10 -22.24 -27.28
N LEU D 161 2.70 -22.14 -28.48
CA LEU D 161 3.02 -20.87 -29.14
C LEU D 161 2.15 -20.65 -30.39
N LEU D 162 1.82 -19.38 -30.65
CA LEU D 162 1.07 -19.03 -31.83
C LEU D 162 2.06 -18.40 -32.78
N GLN D 163 2.11 -18.86 -34.03
CA GLN D 163 3.00 -18.25 -35.00
C GLN D 163 2.12 -17.25 -35.75
N VAL D 164 2.61 -16.00 -35.89
CA VAL D 164 1.85 -14.96 -36.55
C VAL D 164 1.99 -15.10 -38.06
N LYS D 165 0.84 -15.27 -38.75
CA LYS D 165 0.76 -15.42 -40.20
C LYS D 165 -0.01 -14.29 -40.90
N LEU D 166 0.67 -13.55 -41.79
CA LEU D 166 0.04 -12.47 -42.59
C LEU D 166 -0.53 -13.12 -43.88
N GLU D 167 -1.86 -13.33 -43.93
CA GLU D 167 -2.48 -13.93 -45.11
C GLU D 167 -2.73 -12.78 -46.12
N ASP D 168 -3.95 -12.20 -46.13
CA ASP D 168 -4.31 -11.09 -47.02
C ASP D 168 -3.71 -9.77 -46.49
N ALA D 169 -2.75 -9.18 -47.25
CA ALA D 169 -2.05 -7.94 -46.91
C ALA D 169 -2.89 -6.66 -47.00
N ILE D 170 -3.80 -6.58 -48.00
CA ILE D 170 -4.71 -5.43 -48.18
C ILE D 170 -5.70 -5.42 -46.99
N GLU D 171 -6.22 -6.63 -46.60
CA GLU D 171 -7.12 -6.82 -45.47
C GLU D 171 -6.43 -6.38 -44.17
N ALA D 172 -5.13 -6.73 -44.01
CA ALA D 172 -4.31 -6.37 -42.86
C ALA D 172 -4.03 -4.88 -42.85
N ASP D 173 -3.73 -4.30 -44.02
CA ASP D 173 -3.47 -2.86 -44.19
C ASP D 173 -4.68 -2.00 -43.77
N GLN D 174 -5.91 -2.52 -44.04
CA GLN D 174 -7.21 -1.89 -43.71
C GLN D 174 -7.52 -2.04 -42.22
N THR D 175 -7.13 -3.19 -41.63
CA THR D 175 -7.30 -3.58 -40.22
C THR D 175 -6.48 -2.66 -39.32
N PHE D 176 -5.17 -2.57 -39.56
CA PHE D 176 -4.30 -1.70 -38.77
C PHE D 176 -4.75 -0.24 -38.83
N GLU D 177 -5.25 0.21 -40.00
CA GLU D 177 -5.72 1.58 -40.21
C GLU D 177 -7.01 1.82 -39.43
N MET D 178 -7.89 0.81 -39.37
CA MET D 178 -9.16 0.88 -38.67
C MET D 178 -9.02 0.96 -37.15
N LEU D 179 -8.35 -0.05 -36.56
CA LEU D 179 -8.15 -0.22 -35.13
C LEU D 179 -7.12 0.72 -34.51
N MET D 180 -6.04 0.99 -35.24
CA MET D 180 -4.95 1.78 -34.71
C MET D 180 -4.82 3.20 -35.22
N GLY D 181 -5.57 3.55 -36.26
CA GLY D 181 -5.51 4.86 -36.89
C GLY D 181 -6.14 5.97 -36.09
N ASP D 182 -6.05 7.20 -36.61
CA ASP D 182 -6.61 8.38 -35.95
C ASP D 182 -8.09 8.63 -36.20
N VAL D 183 -8.74 7.85 -37.09
CA VAL D 183 -10.17 8.04 -37.35
C VAL D 183 -10.99 7.18 -36.39
N VAL D 184 -11.56 7.86 -35.36
CA VAL D 184 -12.37 7.30 -34.29
C VAL D 184 -13.62 6.58 -34.80
N GLU D 185 -14.44 7.22 -35.65
CA GLU D 185 -15.69 6.63 -36.17
C GLU D 185 -15.58 5.20 -36.72
N ASN D 186 -14.47 4.87 -37.42
CA ASN D 186 -14.27 3.52 -37.95
C ASN D 186 -14.11 2.50 -36.83
N ARG D 187 -13.38 2.88 -35.76
CA ARG D 187 -13.16 2.07 -34.56
C ARG D 187 -14.49 1.88 -33.83
N ARG D 188 -15.27 2.97 -33.67
CA ARG D 188 -16.55 2.95 -33.02
C ARG D 188 -17.47 1.97 -33.75
N GLN D 189 -17.52 2.07 -35.10
CA GLN D 189 -18.33 1.18 -35.93
C GLN D 189 -17.93 -0.27 -35.73
N PHE D 190 -16.61 -0.55 -35.72
CA PHE D 190 -16.03 -1.87 -35.48
C PHE D 190 -16.47 -2.42 -34.11
N ILE D 191 -16.35 -1.61 -33.04
CA ILE D 191 -16.74 -2.02 -31.70
C ILE D 191 -18.24 -2.36 -31.66
N GLU D 192 -19.08 -1.46 -32.21
CA GLU D 192 -20.53 -1.62 -32.25
C GLU D 192 -20.99 -2.91 -32.97
N ASP D 193 -20.42 -3.18 -34.16
CA ASP D 193 -20.75 -4.34 -34.98
C ASP D 193 -20.27 -5.67 -34.39
N ASN D 194 -19.24 -5.65 -33.53
CA ASN D 194 -18.63 -6.86 -32.98
C ASN D 194 -18.73 -7.09 -31.48
N ALA D 195 -19.17 -6.08 -30.72
CA ALA D 195 -19.30 -6.19 -29.25
C ALA D 195 -20.39 -7.19 -28.86
N VAL D 196 -20.11 -8.00 -27.82
CA VAL D 196 -21.00 -9.02 -27.27
C VAL D 196 -21.18 -8.70 -25.78
N TYR D 197 -22.38 -8.32 -25.36
CA TYR D 197 -22.66 -7.96 -23.96
C TYR D 197 -23.43 -9.05 -23.19
N ASN D 211 0.64 -24.01 -33.40
CA ASN D 211 -0.51 -23.53 -34.17
C ASN D 211 -0.29 -22.09 -34.70
N GLU D 212 -0.74 -21.83 -35.95
CA GLU D 212 -0.64 -20.54 -36.63
C GLU D 212 -1.84 -19.66 -36.28
N ARG D 213 -1.67 -18.33 -36.39
CA ARG D 213 -2.68 -17.34 -36.05
C ARG D 213 -2.55 -16.17 -37.01
N ASN D 214 -3.63 -15.86 -37.74
CA ASN D 214 -3.59 -14.74 -38.69
C ASN D 214 -3.56 -13.42 -37.92
N ILE D 215 -2.66 -12.51 -38.33
CA ILE D 215 -2.45 -11.19 -37.73
C ILE D 215 -3.72 -10.34 -37.62
N THR D 216 -4.59 -10.37 -38.67
CA THR D 216 -5.86 -9.62 -38.78
C THR D 216 -6.82 -10.13 -37.71
N SER D 217 -6.90 -11.46 -37.55
CA SER D 217 -7.75 -12.10 -36.55
C SER D 217 -7.26 -11.68 -35.16
N GLU D 218 -5.93 -11.78 -34.93
CA GLU D 218 -5.27 -11.44 -33.69
C GLU D 218 -5.47 -9.97 -33.30
N MET D 219 -5.30 -9.05 -34.26
CA MET D 219 -5.47 -7.62 -34.03
C MET D 219 -6.92 -7.30 -33.69
N ARG D 220 -7.90 -7.90 -34.40
CA ARG D 220 -9.33 -7.71 -34.18
C ARG D 220 -9.82 -8.26 -32.82
N GLU D 221 -9.40 -9.48 -32.45
CA GLU D 221 -9.82 -10.11 -31.20
C GLU D 221 -9.22 -9.45 -29.96
N SER D 222 -7.91 -9.10 -30.01
CA SER D 222 -7.21 -8.46 -28.90
C SER D 222 -7.68 -7.01 -28.70
N PHE D 223 -7.84 -6.24 -29.80
CA PHE D 223 -8.31 -4.87 -29.70
C PHE D 223 -9.75 -4.83 -29.21
N LEU D 224 -10.59 -5.79 -29.64
CA LEU D 224 -11.98 -5.80 -29.16
C LEU D 224 -12.02 -6.16 -27.67
N ASP D 225 -11.07 -6.98 -27.20
CA ASP D 225 -10.97 -7.38 -25.80
C ASP D 225 -10.75 -6.14 -24.93
N TYR D 226 -9.76 -5.31 -25.32
CA TYR D 226 -9.36 -4.08 -24.65
C TYR D 226 -10.46 -3.02 -24.71
N ALA D 227 -10.93 -2.67 -25.93
CA ALA D 227 -11.97 -1.68 -26.18
C ALA D 227 -13.18 -1.89 -25.27
N MET D 228 -13.75 -3.10 -25.32
CA MET D 228 -14.89 -3.57 -24.55
C MET D 228 -14.74 -3.39 -23.03
N SER D 229 -13.57 -3.80 -22.52
CA SER D 229 -13.16 -3.77 -21.13
C SER D 229 -13.07 -2.34 -20.63
N VAL D 230 -12.50 -1.43 -21.44
CA VAL D 230 -12.34 -0.01 -21.10
C VAL D 230 -13.71 0.69 -21.06
N ILE D 231 -14.60 0.30 -22.00
CA ILE D 231 -15.96 0.81 -22.15
C ILE D 231 -16.85 0.37 -20.99
N VAL D 232 -17.03 -0.96 -20.75
CA VAL D 232 -17.91 -1.49 -19.68
C VAL D 232 -17.26 -1.64 -18.31
N ALA D 233 -15.92 -1.66 -18.22
CA ALA D 233 -15.32 -1.85 -16.90
C ALA D 233 -14.13 -0.92 -16.55
N ARG D 234 -14.17 0.33 -16.99
CA ARG D 234 -13.11 1.28 -16.66
C ARG D 234 -13.50 2.76 -16.75
N ALA D 235 -13.57 3.28 -18.01
CA ALA D 235 -13.78 4.66 -18.41
C ALA D 235 -15.17 5.28 -18.34
N LEU D 236 -16.25 4.46 -18.43
CA LEU D 236 -17.61 4.98 -18.44
C LEU D 236 -18.41 4.75 -17.18
N PRO D 237 -19.25 5.72 -16.76
CA PRO D 237 -20.03 5.52 -15.54
C PRO D 237 -21.31 4.76 -15.80
N ASP D 238 -21.86 4.17 -14.74
CA ASP D 238 -23.14 3.47 -14.80
C ASP D 238 -24.24 4.54 -14.62
N VAL D 239 -25.33 4.45 -15.35
CA VAL D 239 -26.42 5.40 -15.25
C VAL D 239 -27.15 5.39 -13.89
N ARG D 240 -27.22 4.22 -13.22
CA ARG D 240 -27.91 4.03 -11.95
C ARG D 240 -27.18 4.66 -10.74
N ASP D 241 -25.84 4.49 -10.62
CA ASP D 241 -25.11 5.11 -9.49
C ASP D 241 -24.12 6.25 -9.85
N GLY D 242 -23.83 6.42 -11.14
CA GLY D 242 -22.90 7.43 -11.61
C GLY D 242 -21.43 7.16 -11.33
N LEU D 243 -21.09 5.91 -10.97
CA LEU D 243 -19.72 5.53 -10.65
C LEU D 243 -19.07 4.64 -11.69
N LYS D 244 -17.73 4.71 -11.75
CA LYS D 244 -16.89 3.91 -12.60
C LYS D 244 -16.39 2.79 -11.65
N PRO D 245 -16.04 1.59 -12.16
CA PRO D 245 -15.52 0.53 -11.26
C PRO D 245 -14.54 0.97 -10.18
N VAL D 246 -13.53 1.77 -10.51
CA VAL D 246 -12.60 2.22 -9.47
C VAL D 246 -13.28 2.99 -8.30
N HIS D 247 -14.22 3.90 -8.59
CA HIS D 247 -14.87 4.65 -7.53
C HIS D 247 -15.75 3.75 -6.69
N ARG D 248 -16.51 2.86 -7.34
CA ARG D 248 -17.40 1.92 -6.68
C ARG D 248 -16.66 1.03 -5.69
N ARG D 249 -15.53 0.49 -6.12
CA ARG D 249 -14.67 -0.36 -5.31
C ARG D 249 -14.08 0.41 -4.13
N ILE D 250 -13.77 1.71 -4.33
CA ILE D 250 -13.20 2.55 -3.26
C ILE D 250 -14.29 2.74 -2.19
N LEU D 251 -15.47 3.23 -2.60
CA LEU D 251 -16.59 3.46 -1.68
C LEU D 251 -16.97 2.18 -0.92
N TYR D 252 -17.11 1.05 -1.64
CA TYR D 252 -17.43 -0.24 -1.05
C TYR D 252 -16.33 -0.69 -0.06
N GLY D 253 -15.06 -0.47 -0.43
CA GLY D 253 -13.90 -0.76 0.41
C GLY D 253 -14.02 0.01 1.72
N LEU D 254 -14.42 1.31 1.65
CA LEU D 254 -14.63 2.14 2.84
C LEU D 254 -15.82 1.62 3.66
N ASN D 255 -16.87 1.14 2.99
CA ASN D 255 -18.05 0.60 3.65
C ASN D 255 -17.72 -0.68 4.43
N GLU D 256 -17.02 -1.62 3.76
CA GLU D 256 -16.56 -2.91 4.27
C GLU D 256 -15.69 -2.80 5.51
N GLN D 257 -14.82 -1.79 5.54
CA GLN D 257 -13.90 -1.53 6.64
C GLN D 257 -14.46 -0.60 7.74
N GLY D 258 -15.76 -0.27 7.65
CA GLY D 258 -16.46 0.60 8.59
C GLY D 258 -15.89 2.00 8.73
N MET D 259 -15.28 2.53 7.64
CA MET D 259 -14.67 3.86 7.57
C MET D 259 -15.73 4.98 7.35
N THR D 260 -16.80 4.91 8.18
CA THR D 260 -17.97 5.77 8.23
C THR D 260 -17.60 7.15 8.82
N PRO D 261 -18.43 8.22 8.64
CA PRO D 261 -18.04 9.55 9.14
C PRO D 261 -17.91 9.74 10.66
N ASP D 262 -18.64 8.94 11.45
CA ASP D 262 -18.64 8.95 12.93
C ASP D 262 -17.32 8.42 13.50
N LYS D 263 -16.68 7.47 12.79
CA LYS D 263 -15.41 6.89 13.19
C LYS D 263 -14.29 7.82 12.78
N SER D 264 -13.07 7.56 13.32
CA SER D 264 -11.87 8.33 13.03
C SER D 264 -11.35 8.08 11.60
N TYR D 265 -10.42 8.94 11.14
CA TYR D 265 -9.84 8.79 9.81
C TYR D 265 -8.93 7.55 9.83
N LYS D 266 -8.91 6.86 8.69
CA LYS D 266 -8.12 5.67 8.46
C LYS D 266 -7.08 5.98 7.39
N LYS D 267 -5.87 5.49 7.61
CA LYS D 267 -4.75 5.71 6.71
C LYS D 267 -5.07 5.28 5.26
N SER D 268 -4.72 6.13 4.27
CA SER D 268 -4.93 5.92 2.83
C SER D 268 -4.26 4.65 2.32
N ALA D 269 -3.03 4.34 2.80
CA ALA D 269 -2.29 3.15 2.41
C ALA D 269 -3.10 1.87 2.70
N ARG D 270 -3.78 1.82 3.85
CA ARG D 270 -4.63 0.69 4.26
C ARG D 270 -5.82 0.52 3.29
N ILE D 271 -6.50 1.64 2.91
CA ILE D 271 -7.65 1.66 1.99
C ILE D 271 -7.20 1.21 0.60
N VAL D 272 -6.12 1.84 0.08
CA VAL D 272 -5.56 1.51 -1.25
C VAL D 272 -5.20 0.02 -1.36
N GLY D 273 -4.46 -0.50 -0.37
CA GLY D 273 -4.02 -1.89 -0.28
C GLY D 273 -5.17 -2.88 -0.18
N ASP D 274 -6.23 -2.54 0.58
CA ASP D 274 -7.44 -3.35 0.78
C ASP D 274 -8.21 -3.43 -0.54
N VAL D 275 -8.55 -2.25 -1.14
CA VAL D 275 -9.26 -2.11 -2.42
C VAL D 275 -8.52 -2.86 -3.54
N MET D 276 -7.18 -2.68 -3.64
CA MET D 276 -6.35 -3.33 -4.66
C MET D 276 -6.29 -4.84 -4.50
N GLY D 277 -6.05 -5.28 -3.28
CA GLY D 277 -5.96 -6.69 -2.95
C GLY D 277 -7.26 -7.39 -3.26
N LYS D 278 -8.36 -6.86 -2.70
CA LYS D 278 -9.72 -7.41 -2.82
C LYS D 278 -10.55 -7.13 -4.08
N TYR D 279 -10.46 -5.92 -4.68
CA TYR D 279 -11.36 -5.61 -5.80
C TYR D 279 -10.76 -5.06 -7.06
N HIS D 280 -9.69 -4.26 -6.94
CA HIS D 280 -9.10 -3.55 -8.07
C HIS D 280 -7.71 -4.03 -8.49
N PRO D 281 -7.59 -4.91 -9.49
CA PRO D 281 -6.25 -5.42 -9.89
C PRO D 281 -5.46 -4.46 -10.79
N HIS D 282 -5.26 -3.25 -10.30
CA HIS D 282 -4.53 -2.24 -11.06
C HIS D 282 -3.58 -1.57 -10.13
N GLY D 283 -2.79 -0.65 -10.65
CA GLY D 283 -1.77 0.08 -9.89
C GLY D 283 -2.35 1.03 -8.88
N ASP D 284 -1.66 1.14 -7.75
CA ASP D 284 -1.95 2.00 -6.59
C ASP D 284 -2.28 3.43 -6.99
N SER D 285 -1.54 3.94 -8.00
CA SER D 285 -1.64 5.28 -8.56
C SER D 285 -3.04 5.53 -9.05
N SER D 286 -3.63 4.58 -9.78
CA SER D 286 -4.98 4.71 -10.30
C SER D 286 -6.03 4.78 -9.20
N ILE D 287 -5.90 3.93 -8.16
CA ILE D 287 -6.82 3.86 -7.01
C ILE D 287 -6.68 5.09 -6.10
N TYR D 288 -5.45 5.42 -5.66
CA TYR D 288 -5.22 6.56 -4.77
C TYR D 288 -5.62 7.89 -5.39
N GLU D 289 -5.31 8.06 -6.69
CA GLU D 289 -5.67 9.28 -7.39
C GLU D 289 -7.19 9.41 -7.56
N ALA D 290 -7.91 8.31 -7.80
CA ALA D 290 -9.36 8.34 -7.91
C ALA D 290 -9.99 8.69 -6.56
N MET D 291 -9.39 8.17 -5.46
CA MET D 291 -9.84 8.44 -4.09
C MET D 291 -9.64 9.91 -3.72
N VAL D 292 -8.45 10.46 -4.06
CA VAL D 292 -8.07 11.85 -3.83
C VAL D 292 -9.05 12.85 -4.49
N ARG D 293 -9.36 12.63 -5.77
N ARG D 293 -9.37 12.62 -5.77
CA ARG D 293 -10.28 13.47 -6.55
CA ARG D 293 -10.29 13.43 -6.56
C ARG D 293 -11.66 13.56 -5.89
C ARG D 293 -11.66 13.54 -5.89
N MET D 294 -12.17 12.41 -5.38
CA MET D 294 -13.48 12.33 -4.70
C MET D 294 -13.50 13.10 -3.38
N ALA D 295 -12.30 13.45 -2.87
CA ALA D 295 -12.09 14.18 -1.62
C ALA D 295 -11.79 15.65 -1.84
N GLN D 296 -11.88 16.16 -3.08
CA GLN D 296 -11.59 17.56 -3.45
C GLN D 296 -12.85 18.36 -3.72
N ASP D 297 -13.04 19.47 -2.99
CA ASP D 297 -14.22 20.35 -3.13
C ASP D 297 -14.26 21.13 -4.45
N PHE D 298 -13.12 21.21 -5.16
CA PHE D 298 -13.05 21.90 -6.44
C PHE D 298 -13.28 20.93 -7.59
N SER D 299 -13.29 19.60 -7.32
CA SER D 299 -13.53 18.55 -8.30
C SER D 299 -14.93 17.98 -8.18
N TYR D 300 -15.37 17.73 -6.94
CA TYR D 300 -16.68 17.15 -6.65
C TYR D 300 -17.67 18.16 -6.04
N ARG D 301 -18.85 18.25 -6.68
CA ARG D 301 -19.97 19.10 -6.31
C ARG D 301 -20.56 18.63 -4.95
N TYR D 302 -20.48 17.31 -4.70
CA TYR D 302 -20.88 16.61 -3.47
C TYR D 302 -19.71 15.63 -3.17
N PRO D 303 -18.58 16.12 -2.54
CA PRO D 303 -17.43 15.22 -2.27
C PRO D 303 -17.83 13.91 -1.60
N LEU D 304 -17.31 12.78 -2.15
CA LEU D 304 -17.62 11.44 -1.67
C LEU D 304 -16.67 10.93 -0.59
N VAL D 305 -15.43 11.48 -0.55
CA VAL D 305 -14.40 11.10 0.40
C VAL D 305 -14.07 12.34 1.20
N ASP D 306 -13.83 12.15 2.49
CA ASP D 306 -13.47 13.17 3.47
C ASP D 306 -12.02 12.88 3.82
N GLY D 307 -11.11 13.71 3.28
CA GLY D 307 -9.67 13.54 3.47
C GLY D 307 -8.95 14.40 4.49
N GLN D 308 -8.09 13.76 5.29
CA GLN D 308 -7.24 14.40 6.30
C GLN D 308 -5.84 14.49 5.68
N GLY D 309 -5.35 15.72 5.49
CA GLY D 309 -4.05 15.95 4.89
C GLY D 309 -4.05 16.73 3.59
N ASN D 310 -2.91 16.72 2.89
CA ASN D 310 -2.74 17.43 1.62
C ASN D 310 -3.41 16.64 0.49
N PHE D 311 -4.58 17.12 0.01
CA PHE D 311 -5.30 16.42 -1.04
C PHE D 311 -5.24 17.16 -2.37
N GLY D 312 -4.17 17.93 -2.55
CA GLY D 312 -3.95 18.69 -3.77
C GLY D 312 -4.72 20.00 -3.83
N SER D 313 -4.40 20.82 -4.85
CA SER D 313 -5.00 22.14 -5.06
C SER D 313 -5.50 22.40 -6.49
N MET D 314 -6.08 23.61 -6.68
CA MET D 314 -6.61 24.15 -7.93
C MET D 314 -5.47 24.60 -8.86
N ASP D 315 -4.21 24.53 -8.37
CA ASP D 315 -3.02 24.94 -9.10
C ASP D 315 -2.30 23.73 -9.68
N GLY D 316 -3.00 22.59 -9.70
CA GLY D 316 -2.51 21.31 -10.20
C GLY D 316 -1.55 20.60 -9.28
N ASP D 317 -1.42 21.09 -8.03
CA ASP D 317 -0.55 20.45 -7.06
C ASP D 317 -1.18 19.12 -6.72
N GLY D 318 -0.35 18.10 -6.64
CA GLY D 318 -0.82 16.78 -6.33
C GLY D 318 -0.99 16.57 -4.84
N ALA D 319 -1.68 15.48 -4.48
CA ALA D 319 -1.88 15.12 -3.09
C ALA D 319 -0.55 14.61 -2.53
N ALA D 320 -0.45 14.55 -1.19
CA ALA D 320 0.73 14.02 -0.55
C ALA D 320 0.76 12.52 -0.87
N ALA D 321 1.91 11.84 -0.70
CA ALA D 321 2.00 10.38 -0.90
C ALA D 321 0.99 9.73 0.04
N MET D 322 0.46 8.56 -0.33
CA MET D 322 -0.54 7.88 0.50
C MET D 322 -0.12 7.57 1.94
N ARG D 323 1.21 7.55 2.24
CA ARG D 323 1.65 7.31 3.61
C ARG D 323 1.27 8.48 4.54
N PHE D 324 1.17 9.69 3.97
CA PHE D 324 0.84 10.89 4.75
C PHE D 324 -0.63 11.15 4.95
N THR D 325 -1.43 10.97 3.93
CA THR D 325 -2.87 11.24 4.01
C THR D 325 -3.68 10.18 4.73
N GLU D 326 -4.94 10.52 5.08
CA GLU D 326 -5.94 9.66 5.74
C GLU D 326 -7.29 10.00 5.15
N ALA D 327 -8.27 9.10 5.27
CA ALA D 327 -9.60 9.37 4.72
C ALA D 327 -10.72 8.55 5.37
N ARG D 328 -11.96 8.91 5.00
CA ARG D 328 -13.19 8.27 5.43
C ARG D 328 -14.34 8.72 4.48
N MET D 329 -15.55 8.19 4.66
CA MET D 329 -16.67 8.59 3.80
C MET D 329 -17.18 9.93 4.28
N THR D 330 -17.86 10.64 3.39
CA THR D 330 -18.54 11.86 3.78
C THR D 330 -19.93 11.39 4.26
N LYS D 331 -20.71 12.27 4.89
CA LYS D 331 -22.06 11.90 5.33
C LYS D 331 -22.92 11.49 4.13
N ILE D 332 -22.85 12.22 3.00
CA ILE D 332 -23.59 11.93 1.77
C ILE D 332 -23.26 10.54 1.14
N THR D 333 -22.00 10.06 1.31
CA THR D 333 -21.55 8.75 0.81
C THR D 333 -22.37 7.64 1.47
N LEU D 334 -22.81 7.84 2.73
CA LEU D 334 -23.67 6.87 3.43
C LEU D 334 -24.94 6.69 2.62
N GLU D 335 -25.46 7.75 1.97
CA GLU D 335 -26.67 7.69 1.14
C GLU D 335 -26.44 6.88 -0.14
N LEU D 336 -25.19 6.79 -0.62
CA LEU D 336 -24.82 6.02 -1.79
C LEU D 336 -24.76 4.53 -1.44
N LEU D 337 -24.37 4.22 -0.21
CA LEU D 337 -24.24 2.86 0.27
C LEU D 337 -25.40 2.37 1.11
N ARG D 338 -26.39 3.26 1.41
CA ARG D 338 -27.55 2.93 2.26
C ARG D 338 -28.32 1.73 1.73
N ASP D 339 -28.47 0.69 2.59
CA ASP D 339 -29.20 -0.58 2.36
C ASP D 339 -28.50 -1.58 1.45
N ILE D 340 -27.17 -1.45 1.26
CA ILE D 340 -26.38 -2.38 0.44
C ILE D 340 -26.48 -3.83 1.02
N ASN D 341 -26.62 -3.93 2.35
CA ASN D 341 -26.73 -5.18 3.10
C ASN D 341 -28.16 -5.70 3.20
N LYS D 342 -29.11 -5.03 2.53
CA LYS D 342 -30.51 -5.39 2.55
C LYS D 342 -31.08 -5.92 1.22
N ASP D 343 -30.27 -6.71 0.49
CA ASP D 343 -30.61 -7.35 -0.79
C ASP D 343 -31.21 -6.43 -1.86
N THR D 344 -30.74 -5.17 -1.90
CA THR D 344 -31.18 -4.12 -2.81
C THR D 344 -30.47 -4.21 -4.17
N ILE D 345 -29.17 -4.48 -4.16
CA ILE D 345 -28.35 -4.58 -5.35
C ILE D 345 -27.76 -5.99 -5.48
N ASP D 346 -27.44 -6.40 -6.71
CA ASP D 346 -26.87 -7.72 -7.00
C ASP D 346 -25.34 -7.73 -6.86
N PHE D 347 -24.83 -8.74 -6.14
CA PHE D 347 -23.41 -8.94 -5.93
C PHE D 347 -22.91 -9.88 -7.01
N ILE D 348 -21.61 -9.79 -7.27
CA ILE D 348 -20.93 -10.60 -8.26
C ILE D 348 -19.60 -10.99 -7.67
N ASP D 349 -18.96 -11.98 -8.29
CA ASP D 349 -17.66 -12.44 -7.89
C ASP D 349 -16.61 -11.42 -8.31
N ASN D 350 -15.57 -11.26 -7.49
CA ASN D 350 -14.48 -10.34 -7.79
C ASN D 350 -13.60 -10.96 -8.89
N TYR D 351 -12.50 -10.30 -9.25
CA TYR D 351 -11.58 -10.73 -10.29
C TYR D 351 -10.96 -12.14 -10.15
N ASP D 352 -10.83 -12.67 -8.92
CA ASP D 352 -10.19 -13.98 -8.68
C ASP D 352 -11.07 -15.03 -7.96
N GLY D 353 -12.34 -14.74 -7.74
CA GLY D 353 -13.26 -15.65 -7.09
C GLY D 353 -13.31 -15.59 -5.58
N ASN D 354 -12.21 -15.13 -4.93
CA ASN D 354 -12.08 -15.02 -3.45
C ASN D 354 -12.97 -13.99 -2.75
N GLU D 355 -13.46 -12.98 -3.46
CA GLU D 355 -14.31 -11.96 -2.83
C GLU D 355 -15.55 -11.72 -3.64
N ARG D 356 -16.51 -11.00 -3.02
CA ARG D 356 -17.76 -10.58 -3.61
C ARG D 356 -17.78 -9.05 -3.62
N GLU D 357 -18.25 -8.47 -4.73
CA GLU D 357 -18.30 -7.02 -4.89
C GLU D 357 -19.66 -6.57 -5.43
N PRO D 358 -20.11 -5.31 -5.18
CA PRO D 358 -21.40 -4.87 -5.73
C PRO D 358 -21.31 -4.58 -7.24
N SER D 359 -22.39 -4.83 -7.98
CA SER D 359 -22.39 -4.55 -9.42
C SER D 359 -22.73 -3.08 -9.61
N VAL D 360 -23.55 -2.54 -8.68
CA VAL D 360 -24.04 -1.16 -8.61
C VAL D 360 -24.29 -0.84 -7.11
N LEU D 361 -24.30 0.43 -6.74
CA LEU D 361 -24.55 0.86 -5.38
C LEU D 361 -26.01 1.26 -5.27
N PRO D 362 -26.65 1.16 -4.08
CA PRO D 362 -28.08 1.54 -3.98
C PRO D 362 -28.35 2.95 -4.53
N ALA D 363 -27.41 3.91 -4.28
CA ALA D 363 -27.42 5.29 -4.78
C ALA D 363 -28.70 6.07 -4.49
N ARG D 364 -28.96 6.28 -3.20
CA ARG D 364 -30.16 6.97 -2.71
C ARG D 364 -30.33 8.47 -3.08
N PHE D 365 -29.37 9.06 -3.85
CA PHE D 365 -29.35 10.43 -4.43
C PHE D 365 -28.77 10.34 -5.90
N PRO D 366 -29.28 11.15 -6.89
CA PRO D 366 -28.81 10.99 -8.30
C PRO D 366 -27.37 11.41 -8.62
N ASN D 367 -26.42 10.55 -8.26
CA ASN D 367 -25.00 10.76 -8.41
C ASN D 367 -24.46 11.04 -9.79
N LEU D 368 -24.99 10.40 -10.88
CA LEU D 368 -24.52 10.65 -12.25
C LEU D 368 -24.62 12.15 -12.59
N LEU D 369 -25.78 12.73 -12.38
CA LEU D 369 -25.93 14.13 -12.67
C LEU D 369 -25.34 15.06 -11.59
N ALA D 370 -25.42 14.69 -10.30
CA ALA D 370 -24.90 15.48 -9.18
C ALA D 370 -23.39 15.77 -9.26
N ASN D 371 -22.55 14.71 -9.34
CA ASN D 371 -21.10 14.86 -9.42
C ASN D 371 -20.53 14.86 -10.85
N GLY D 372 -21.38 14.51 -11.81
CA GLY D 372 -20.98 14.46 -13.20
C GLY D 372 -20.04 13.31 -13.44
N ALA D 373 -19.35 13.34 -14.57
CA ALA D 373 -18.38 12.32 -15.00
C ALA D 373 -17.61 12.80 -16.24
N SER D 374 -16.41 12.27 -16.43
CA SER D 374 -15.56 12.51 -17.59
C SER D 374 -14.65 11.29 -17.73
N GLY D 375 -14.53 10.75 -18.92
CA GLY D 375 -13.71 9.57 -19.11
C GLY D 375 -13.43 9.30 -20.56
N ILE D 376 -12.19 8.99 -20.87
CA ILE D 376 -11.75 8.72 -22.24
C ILE D 376 -11.78 7.20 -22.42
N ALA D 377 -12.68 6.66 -23.28
CA ALA D 377 -12.75 5.21 -23.51
C ALA D 377 -12.05 4.85 -24.85
N VAL D 378 -12.52 3.82 -25.53
CA VAL D 378 -11.97 3.43 -26.82
C VAL D 378 -13.17 3.56 -27.77
N GLY D 379 -13.02 4.37 -28.82
CA GLY D 379 -14.08 4.62 -29.79
C GLY D 379 -15.12 5.62 -29.32
N MET D 380 -15.01 6.08 -28.06
CA MET D 380 -15.96 7.02 -27.46
C MET D 380 -15.38 7.60 -26.18
N ALA D 381 -16.05 8.61 -25.65
CA ALA D 381 -15.69 9.31 -24.41
C ALA D 381 -16.98 9.82 -23.71
N THR D 382 -16.84 10.39 -22.52
CA THR D 382 -17.99 10.89 -21.76
C THR D 382 -17.64 12.20 -21.09
N ASN D 383 -18.63 13.09 -21.01
CA ASN D 383 -18.46 14.39 -20.37
C ASN D 383 -19.81 14.85 -19.90
N ILE D 384 -20.08 14.59 -18.62
CA ILE D 384 -21.32 14.92 -17.94
C ILE D 384 -20.96 15.96 -16.86
N PRO D 385 -21.57 17.16 -16.89
CA PRO D 385 -21.21 18.15 -15.88
C PRO D 385 -21.96 17.92 -14.55
N PRO D 386 -21.44 18.51 -13.43
CA PRO D 386 -22.18 18.39 -12.16
C PRO D 386 -23.46 19.24 -12.17
N HIS D 387 -24.40 18.90 -11.27
CA HIS D 387 -25.69 19.56 -11.10
C HIS D 387 -25.99 19.83 -9.60
N ASN D 388 -26.99 20.67 -9.35
CA ASN D 388 -27.42 21.01 -7.99
C ASN D 388 -28.42 19.93 -7.51
N LEU D 389 -28.11 19.36 -6.33
CA LEU D 389 -28.91 18.31 -5.71
C LEU D 389 -30.39 18.67 -5.50
N THR D 390 -30.69 19.91 -5.04
CA THR D 390 -32.07 20.32 -4.83
C THR D 390 -32.85 20.26 -6.14
N GLU D 391 -32.27 20.82 -7.20
CA GLU D 391 -32.86 20.83 -8.54
C GLU D 391 -32.99 19.41 -9.08
N LEU D 392 -31.99 18.53 -8.89
CA LEU D 392 -32.10 17.13 -9.37
C LEU D 392 -33.21 16.38 -8.71
N ILE D 393 -33.29 16.43 -7.35
CA ILE D 393 -34.35 15.75 -6.60
C ILE D 393 -35.73 16.25 -7.02
N ASN D 394 -35.95 17.59 -7.04
CA ASN D 394 -37.20 18.19 -7.51
C ASN D 394 -37.52 17.73 -8.95
N GLY D 395 -36.47 17.54 -9.76
CA GLY D 395 -36.60 17.06 -11.12
C GLY D 395 -37.14 15.64 -11.10
N VAL D 396 -36.50 14.75 -10.31
CA VAL D 396 -36.90 13.33 -10.15
C VAL D 396 -38.33 13.28 -9.59
N LEU D 397 -38.65 14.13 -8.58
CA LEU D 397 -40.00 14.21 -7.98
C LEU D 397 -41.05 14.64 -9.01
N SER D 398 -40.73 15.61 -9.88
CA SER D 398 -41.67 16.05 -10.91
C SER D 398 -41.91 14.89 -11.90
N LEU D 399 -40.84 14.13 -12.24
CA LEU D 399 -40.93 12.99 -13.15
C LEU D 399 -41.78 11.83 -12.57
N SER D 400 -41.70 11.59 -11.23
CA SER D 400 -42.45 10.53 -10.53
C SER D 400 -43.95 10.76 -10.62
N LYS D 401 -44.35 12.05 -10.57
CA LYS D 401 -45.76 12.44 -10.64
C LYS D 401 -46.25 12.49 -12.10
N ASN D 402 -45.32 12.56 -13.08
CA ASN D 402 -45.67 12.67 -14.50
C ASN D 402 -44.69 11.94 -15.39
N PRO D 403 -45.00 10.69 -15.80
CA PRO D 403 -44.08 9.96 -16.71
C PRO D 403 -43.86 10.64 -18.06
N ASP D 404 -44.85 11.45 -18.52
CA ASP D 404 -44.85 12.16 -19.80
C ASP D 404 -44.19 13.56 -19.83
N ILE D 405 -43.61 14.00 -18.71
CA ILE D 405 -42.95 15.31 -18.56
C ILE D 405 -41.91 15.60 -19.68
N SER D 406 -41.90 16.82 -20.22
CA SER D 406 -40.95 17.17 -21.29
C SER D 406 -39.63 17.67 -20.67
N ILE D 407 -38.57 17.81 -21.49
CA ILE D 407 -37.27 18.32 -21.03
C ILE D 407 -37.48 19.77 -20.57
N ALA D 408 -38.29 20.55 -21.32
CA ALA D 408 -38.61 21.93 -21.02
C ALA D 408 -39.20 22.05 -19.64
N GLU D 409 -40.19 21.18 -19.30
CA GLU D 409 -40.80 21.19 -17.98
C GLU D 409 -39.78 20.80 -16.93
N LEU D 410 -38.95 19.76 -17.20
CA LEU D 410 -37.90 19.32 -16.27
C LEU D 410 -36.91 20.44 -16.00
N MET D 411 -36.68 21.29 -17.02
CA MET D 411 -35.79 22.44 -16.91
C MET D 411 -36.32 23.52 -15.96
N GLU D 412 -37.62 23.46 -15.61
CA GLU D 412 -38.22 24.40 -14.66
C GLU D 412 -37.58 24.12 -13.30
N ASP D 413 -37.28 22.82 -13.04
CA ASP D 413 -36.61 22.31 -11.85
C ASP D 413 -35.08 22.41 -12.00
N ILE D 414 -34.52 21.76 -13.04
CA ILE D 414 -33.09 21.69 -13.39
C ILE D 414 -32.74 22.82 -14.39
N GLU D 415 -32.31 23.98 -13.87
CA GLU D 415 -31.94 25.17 -14.65
C GLU D 415 -30.75 24.91 -15.58
N GLY D 416 -29.75 24.21 -15.05
CA GLY D 416 -28.57 23.84 -15.81
C GLY D 416 -27.49 23.26 -14.91
N PRO D 417 -26.25 23.07 -15.42
CA PRO D 417 -25.18 22.54 -14.56
C PRO D 417 -24.89 23.46 -13.37
N ASP D 418 -24.21 22.92 -12.35
CA ASP D 418 -23.87 23.66 -11.16
C ASP D 418 -22.50 23.19 -10.75
N PHE D 419 -21.49 23.95 -11.16
CA PHE D 419 -20.09 23.64 -10.91
C PHE D 419 -19.62 23.84 -9.46
N PRO D 420 -18.80 22.92 -8.88
CA PRO D 420 -18.29 23.16 -7.52
C PRO D 420 -17.49 24.48 -7.39
N THR D 421 -16.91 24.95 -8.53
CA THR D 421 -16.10 26.16 -8.69
C THR D 421 -16.95 27.44 -9.02
N ALA D 422 -18.31 27.30 -9.00
CA ALA D 422 -19.30 28.34 -9.26
C ALA D 422 -19.18 28.96 -10.66
N GLY D 423 -18.85 30.26 -10.76
CA GLY D 423 -18.73 30.97 -12.03
C GLY D 423 -20.06 31.27 -12.72
N LEU D 424 -19.99 31.52 -14.04
CA LEU D 424 -21.13 31.87 -14.88
C LEU D 424 -21.26 31.00 -16.13
N ILE D 425 -22.49 30.78 -16.56
CA ILE D 425 -22.80 30.10 -17.79
C ILE D 425 -23.49 31.18 -18.65
N LEU D 426 -23.03 31.36 -19.89
CA LEU D 426 -23.64 32.35 -20.78
C LEU D 426 -24.71 31.75 -21.66
N GLY D 427 -25.96 32.01 -21.31
CA GLY D 427 -27.11 31.55 -22.07
C GLY D 427 -27.60 30.17 -21.71
N LYS D 428 -28.86 29.88 -22.11
CA LYS D 428 -29.51 28.59 -21.84
C LYS D 428 -29.64 27.72 -23.09
N SER D 429 -29.19 28.21 -24.26
CA SER D 429 -29.30 27.44 -25.52
C SER D 429 -28.40 26.16 -25.60
N GLY D 430 -27.16 26.25 -25.11
CA GLY D 430 -26.23 25.13 -25.06
C GLY D 430 -26.73 24.06 -24.09
N ILE D 431 -27.30 24.52 -22.96
CA ILE D 431 -27.88 23.69 -21.93
C ILE D 431 -29.07 22.92 -22.51
N ARG D 432 -30.01 23.63 -23.18
CA ARG D 432 -31.24 23.11 -23.81
C ARG D 432 -30.88 21.96 -24.77
N ARG D 433 -29.90 22.20 -25.65
CA ARG D 433 -29.44 21.22 -26.62
C ARG D 433 -28.81 19.99 -25.95
N ALA D 434 -27.99 20.18 -24.88
CA ALA D 434 -27.35 19.10 -24.12
C ALA D 434 -28.41 18.22 -23.39
N TYR D 435 -29.49 18.81 -22.90
CA TYR D 435 -30.56 18.08 -22.21
C TYR D 435 -31.51 17.39 -23.18
N GLU D 436 -31.59 17.85 -24.41
CA GLU D 436 -32.50 17.29 -25.40
C GLU D 436 -31.87 16.21 -26.25
N THR D 437 -30.59 16.38 -26.61
CA THR D 437 -29.86 15.45 -27.45
C THR D 437 -28.81 14.65 -26.71
N GLY D 438 -28.31 15.18 -25.60
CA GLY D 438 -27.24 14.59 -24.82
C GLY D 438 -25.89 15.22 -25.19
N ARG D 439 -25.93 16.18 -26.17
CA ARG D 439 -24.76 16.89 -26.66
C ARG D 439 -24.96 18.40 -26.78
N GLY D 440 -23.93 19.15 -26.43
CA GLY D 440 -23.99 20.60 -26.47
C GLY D 440 -22.78 21.27 -25.90
N SER D 441 -22.54 22.55 -26.31
CA SER D 441 -21.43 23.39 -25.87
C SER D 441 -21.92 24.37 -24.81
N ILE D 442 -21.36 24.28 -23.61
CA ILE D 442 -21.75 25.15 -22.50
C ILE D 442 -20.62 26.14 -22.19
N GLN D 443 -20.86 27.40 -22.54
CA GLN D 443 -19.95 28.52 -22.39
C GLN D 443 -19.87 28.93 -20.94
N MET D 444 -18.70 28.71 -20.32
CA MET D 444 -18.49 29.03 -18.91
C MET D 444 -17.64 30.28 -18.77
N ARG D 445 -17.94 31.08 -17.74
CA ARG D 445 -17.15 32.26 -17.47
C ARG D 445 -16.78 32.39 -16.02
N SER D 446 -15.67 33.06 -15.79
CA SER D 446 -15.13 33.34 -14.49
C SER D 446 -15.94 34.48 -13.91
N ARG D 447 -15.92 34.61 -12.58
CA ARG D 447 -16.60 35.74 -11.96
C ARG D 447 -15.48 36.78 -11.82
N ALA D 448 -15.60 37.83 -12.63
CA ALA D 448 -14.66 38.93 -12.72
C ALA D 448 -15.44 40.19 -12.53
N VAL D 449 -14.83 41.20 -11.89
CA VAL D 449 -15.41 42.52 -11.67
C VAL D 449 -14.33 43.57 -11.86
N ILE D 450 -14.74 44.79 -12.25
CA ILE D 450 -13.81 45.92 -12.40
C ILE D 450 -14.00 46.81 -11.18
N GLU D 451 -12.90 47.14 -10.49
CA GLU D 451 -12.93 48.01 -9.32
C GLU D 451 -11.76 48.96 -9.30
N GLU D 452 -11.91 50.03 -8.52
CA GLU D 452 -10.89 51.05 -8.35
C GLU D 452 -9.85 50.60 -7.35
N ARG D 453 -8.62 51.07 -7.55
CA ARG D 453 -7.48 50.77 -6.67
C ARG D 453 -6.88 52.08 -6.11
N GLY D 454 -7.47 53.20 -6.54
CA GLY D 454 -7.07 54.53 -6.13
C GLY D 454 -6.10 55.17 -7.10
N GLY D 455 -6.08 56.49 -7.07
CA GLY D 455 -5.23 57.31 -7.92
C GLY D 455 -5.75 57.36 -9.34
N GLY D 456 -7.04 57.10 -9.49
CA GLY D 456 -7.70 57.08 -10.80
C GLY D 456 -7.41 55.84 -11.62
N ARG D 457 -6.74 54.84 -11.02
CA ARG D 457 -6.37 53.57 -11.62
C ARG D 457 -7.41 52.47 -11.27
N GLN D 458 -7.35 51.32 -11.96
CA GLN D 458 -8.30 50.20 -11.77
C GLN D 458 -7.62 48.84 -11.85
N ARG D 459 -8.39 47.79 -11.54
CA ARG D 459 -7.97 46.40 -11.60
C ARG D 459 -9.17 45.52 -11.94
N ILE D 460 -8.91 44.29 -12.38
CA ILE D 460 -9.93 43.28 -12.69
C ILE D 460 -9.70 42.28 -11.56
N VAL D 461 -10.77 41.89 -10.87
CA VAL D 461 -10.72 40.96 -9.74
C VAL D 461 -11.50 39.70 -10.10
N VAL D 462 -10.81 38.57 -10.22
CA VAL D 462 -11.42 37.28 -10.55
C VAL D 462 -11.61 36.53 -9.20
N THR D 463 -12.82 36.05 -8.90
CA THR D 463 -13.04 35.34 -7.64
C THR D 463 -13.49 33.89 -7.82
N GLU D 464 -13.89 33.54 -9.04
CA GLU D 464 -14.38 32.21 -9.43
C GLU D 464 -13.82 31.96 -10.80
N ILE D 465 -13.20 30.81 -10.99
CA ILE D 465 -12.58 30.43 -12.25
C ILE D 465 -13.44 29.29 -12.85
N PRO D 466 -13.39 28.99 -14.17
CA PRO D 466 -14.23 27.90 -14.69
C PRO D 466 -13.81 26.51 -14.16
N PHE D 467 -14.71 25.55 -14.32
CA PHE D 467 -14.55 24.21 -13.88
C PHE D 467 -13.45 23.53 -14.66
N GLN D 468 -12.60 22.75 -13.95
CA GLN D 468 -11.49 21.99 -14.53
C GLN D 468 -10.37 22.83 -15.16
N VAL D 469 -10.31 24.13 -14.83
CA VAL D 469 -9.29 25.06 -15.30
C VAL D 469 -8.25 25.18 -14.18
N ASN D 470 -6.97 25.04 -14.50
CA ASN D 470 -5.89 25.14 -13.54
C ASN D 470 -5.59 26.63 -13.30
N LYS D 471 -5.83 27.12 -12.07
CA LYS D 471 -5.65 28.53 -11.73
C LYS D 471 -4.24 29.09 -12.00
N ALA D 472 -3.18 28.37 -11.57
CA ALA D 472 -1.78 28.79 -11.78
C ALA D 472 -1.44 28.86 -13.27
N ARG D 473 -1.79 27.80 -14.01
CA ARG D 473 -1.59 27.67 -15.45
C ARG D 473 -2.31 28.80 -16.22
N MET D 474 -3.48 29.24 -15.72
CA MET D 474 -4.30 30.30 -16.30
C MET D 474 -3.58 31.63 -16.13
N ILE D 475 -3.08 31.88 -14.90
CA ILE D 475 -2.31 33.07 -14.53
C ILE D 475 -1.04 33.14 -15.40
N GLU D 476 -0.34 31.99 -15.57
N GLU D 476 -0.37 31.99 -15.58
CA GLU D 476 0.87 31.91 -16.39
CA GLU D 476 0.84 31.75 -16.37
C GLU D 476 0.59 32.22 -17.86
C GLU D 476 0.60 32.16 -17.84
N LYS D 477 -0.63 31.90 -18.36
CA LYS D 477 -1.06 32.20 -19.73
C LYS D 477 -1.29 33.72 -19.90
N ILE D 478 -1.81 34.41 -18.86
CA ILE D 478 -2.01 35.86 -18.92
C ILE D 478 -0.61 36.51 -18.90
N ALA D 479 0.31 36.01 -18.04
CA ALA D 479 1.70 36.47 -17.86
C ALA D 479 2.46 36.43 -19.19
N GLU D 480 2.27 35.31 -19.91
CA GLU D 480 2.81 34.94 -21.21
C GLU D 480 2.31 35.93 -22.25
N LEU D 481 1.00 36.22 -22.27
CA LEU D 481 0.40 37.18 -23.22
C LEU D 481 0.89 38.59 -23.02
N VAL D 482 1.15 38.98 -21.75
CA VAL D 482 1.63 40.32 -21.37
C VAL D 482 3.09 40.43 -21.83
N ARG D 483 3.94 39.47 -21.40
CA ARG D 483 5.37 39.38 -21.73
C ARG D 483 5.62 39.42 -23.25
N ASP D 484 4.81 38.68 -24.04
CA ASP D 484 4.89 38.63 -25.50
C ASP D 484 4.16 39.80 -26.19
N LYS D 485 3.70 40.81 -25.42
CA LYS D 485 2.98 41.99 -25.93
C LYS D 485 1.70 41.67 -26.78
N LYS D 486 1.08 40.51 -26.49
CA LYS D 486 -0.12 39.94 -27.11
C LYS D 486 -1.44 40.51 -26.56
N ILE D 487 -1.35 41.33 -25.50
CA ILE D 487 -2.48 41.99 -24.84
C ILE D 487 -1.99 43.34 -24.30
N ASP D 488 -2.80 44.40 -24.42
CA ASP D 488 -2.40 45.72 -23.93
C ASP D 488 -3.22 46.16 -22.71
N GLY D 489 -2.59 46.94 -21.83
CA GLY D 489 -3.23 47.48 -20.64
C GLY D 489 -2.86 46.91 -19.29
N ILE D 490 -2.33 45.67 -19.23
CA ILE D 490 -1.99 45.02 -17.96
C ILE D 490 -0.67 45.48 -17.33
N THR D 491 -0.78 46.18 -16.17
CA THR D 491 0.42 46.66 -15.46
C THR D 491 0.93 45.70 -14.37
N ASP D 492 0.07 44.80 -13.88
CA ASP D 492 0.43 43.82 -12.82
C ASP D 492 -0.52 42.60 -12.78
N LEU D 493 -0.03 41.48 -12.29
CA LEU D 493 -0.83 40.26 -12.19
C LEU D 493 -0.48 39.50 -10.90
N ARG D 494 -1.45 39.33 -9.99
CA ARG D 494 -1.19 38.67 -8.71
C ARG D 494 -2.25 37.66 -8.29
N ASP D 495 -1.81 36.56 -7.66
CA ASP D 495 -2.71 35.56 -7.12
C ASP D 495 -2.76 35.87 -5.65
N GLU D 496 -3.84 36.51 -5.20
CA GLU D 496 -4.00 36.88 -3.80
C GLU D 496 -4.88 35.89 -3.04
N THR D 497 -5.08 34.67 -3.61
CA THR D 497 -5.87 33.58 -3.02
C THR D 497 -5.30 33.23 -1.64
N SER D 498 -6.19 32.87 -0.73
CA SER D 498 -5.87 32.46 0.64
C SER D 498 -7.00 31.59 1.14
N LEU D 499 -6.71 30.82 2.18
CA LEU D 499 -7.65 29.97 2.88
C LEU D 499 -8.83 30.82 3.39
N ARG D 500 -8.47 32.02 3.83
CA ARG D 500 -9.23 33.10 4.44
C ARG D 500 -10.11 33.93 3.49
N THR D 501 -9.54 34.48 2.39
CA THR D 501 -10.26 35.31 1.41
C THR D 501 -10.79 34.54 0.17
N GLY D 502 -10.52 33.24 0.08
CA GLY D 502 -10.93 32.44 -1.08
C GLY D 502 -10.09 32.78 -2.31
N VAL D 503 -10.56 32.38 -3.48
CA VAL D 503 -9.94 32.62 -4.77
C VAL D 503 -9.98 34.14 -5.02
N ARG D 504 -8.83 34.72 -5.34
CA ARG D 504 -8.70 36.13 -5.62
C ARG D 504 -7.49 36.33 -6.56
N VAL D 505 -7.78 36.62 -7.83
CA VAL D 505 -6.77 36.87 -8.85
C VAL D 505 -6.97 38.33 -9.26
N VAL D 506 -5.90 39.14 -9.16
CA VAL D 506 -5.89 40.57 -9.48
C VAL D 506 -5.03 40.88 -10.72
N ILE D 507 -5.64 41.58 -11.69
CA ILE D 507 -4.99 42.02 -12.93
C ILE D 507 -5.08 43.56 -12.88
N ASP D 508 -3.95 44.26 -12.62
CA ASP D 508 -3.92 45.73 -12.55
C ASP D 508 -3.92 46.37 -13.95
N VAL D 509 -4.83 47.31 -14.19
CA VAL D 509 -4.96 48.01 -15.47
C VAL D 509 -4.18 49.34 -15.47
N ARG D 510 -3.63 49.72 -16.65
CA ARG D 510 -2.87 50.95 -16.88
C ARG D 510 -3.85 52.14 -16.83
N LYS D 511 -3.46 53.25 -16.17
CA LYS D 511 -4.26 54.46 -16.04
C LYS D 511 -4.78 54.91 -17.40
N ASP D 512 -6.11 55.15 -17.47
CA ASP D 512 -6.88 55.57 -18.65
C ASP D 512 -7.32 54.46 -19.62
N ALA D 513 -6.69 53.25 -19.52
CA ALA D 513 -7.05 52.11 -20.36
C ALA D 513 -8.41 51.56 -19.96
N ASN D 514 -9.20 51.12 -20.95
CA ASN D 514 -10.53 50.57 -20.71
C ASN D 514 -10.36 49.15 -20.20
N ALA D 515 -10.71 48.92 -18.91
CA ALA D 515 -10.63 47.63 -18.22
C ALA D 515 -11.66 46.62 -18.75
N SER D 516 -12.82 47.10 -19.22
CA SER D 516 -13.85 46.23 -19.79
C SER D 516 -13.39 45.67 -21.13
N VAL D 517 -12.53 46.41 -21.84
CA VAL D 517 -11.97 45.98 -23.12
C VAL D 517 -10.87 44.95 -22.82
N ILE D 518 -10.01 45.23 -21.82
CA ILE D 518 -8.96 44.31 -21.38
C ILE D 518 -9.58 42.98 -20.89
N LEU D 519 -10.72 43.05 -20.17
CA LEU D 519 -11.46 41.91 -19.67
C LEU D 519 -12.02 41.09 -20.85
N ASN D 520 -12.66 41.77 -21.84
CA ASN D 520 -13.22 41.11 -23.02
C ASN D 520 -12.15 40.37 -23.82
N ASN D 521 -10.93 40.96 -23.87
CA ASN D 521 -9.76 40.38 -24.55
C ASN D 521 -9.27 39.14 -23.80
N LEU D 522 -9.26 39.19 -22.44
CA LEU D 522 -8.86 38.09 -21.55
C LEU D 522 -9.78 36.90 -21.72
N TYR D 523 -11.08 37.19 -21.97
CA TYR D 523 -12.10 36.18 -22.21
C TYR D 523 -11.85 35.45 -23.54
N LYS D 524 -11.32 36.14 -24.61
CA LYS D 524 -11.07 35.55 -25.93
C LYS D 524 -9.74 34.83 -26.02
N GLN D 525 -8.77 35.27 -25.19
CA GLN D 525 -7.40 34.80 -25.22
C GLN D 525 -6.93 33.86 -24.14
N THR D 526 -7.69 33.70 -23.05
CA THR D 526 -7.26 32.83 -21.94
C THR D 526 -8.37 31.87 -21.49
N PRO D 527 -8.04 30.84 -20.63
CA PRO D 527 -9.10 29.94 -20.12
C PRO D 527 -10.10 30.63 -19.19
N LEU D 528 -10.03 31.97 -19.03
CA LEU D 528 -10.96 32.78 -18.23
C LEU D 528 -12.43 32.56 -18.71
N GLN D 529 -12.55 32.11 -19.99
CA GLN D 529 -13.76 31.69 -20.67
C GLN D 529 -13.39 30.35 -21.29
N THR D 530 -14.06 29.30 -20.83
CA THR D 530 -13.84 27.95 -21.26
C THR D 530 -15.19 27.36 -21.59
N SER D 531 -15.25 26.50 -22.59
CA SER D 531 -16.53 25.88 -22.87
C SER D 531 -16.50 24.45 -22.31
N PHE D 532 -17.71 23.90 -22.05
CA PHE D 532 -17.90 22.53 -21.56
C PHE D 532 -18.70 21.81 -22.62
N GLY D 533 -18.05 20.89 -23.33
CA GLY D 533 -18.70 20.12 -24.38
C GLY D 533 -19.32 18.89 -23.77
N VAL D 534 -20.62 19.00 -23.51
CA VAL D 534 -21.43 17.92 -22.92
C VAL D 534 -21.58 16.76 -23.91
N ASN D 535 -21.26 15.56 -23.47
CA ASN D 535 -21.34 14.34 -24.27
C ASN D 535 -21.78 13.25 -23.29
N MET D 536 -23.11 13.15 -23.06
CA MET D 536 -23.70 12.24 -22.08
C MET D 536 -23.78 10.77 -22.39
N ILE D 537 -22.63 10.10 -22.30
CA ILE D 537 -22.52 8.66 -22.52
C ILE D 537 -22.36 7.97 -21.14
N ALA D 538 -23.24 7.02 -20.84
CA ALA D 538 -23.22 6.27 -19.57
C ALA D 538 -23.59 4.85 -19.90
N LEU D 539 -23.33 3.90 -18.99
CA LEU D 539 -23.70 2.52 -19.24
C LEU D 539 -25.14 2.31 -18.83
N VAL D 540 -25.98 1.96 -19.82
CA VAL D 540 -27.41 1.67 -19.62
C VAL D 540 -27.52 0.19 -19.91
N ASN D 541 -28.01 -0.62 -18.95
CA ASN D 541 -28.08 -2.08 -19.08
C ASN D 541 -26.72 -2.65 -19.58
N GLY D 542 -25.62 -2.15 -18.99
CA GLY D 542 -24.24 -2.56 -19.31
C GLY D 542 -23.71 -2.23 -20.70
N ARG D 543 -24.42 -1.41 -21.48
CA ARG D 543 -24.04 -1.00 -22.83
C ARG D 543 -23.85 0.51 -22.85
N PRO D 544 -22.85 1.05 -23.57
CA PRO D 544 -22.68 2.52 -23.59
C PRO D 544 -23.79 3.14 -24.44
N LYS D 545 -24.41 4.19 -23.93
CA LYS D 545 -25.49 4.85 -24.65
C LYS D 545 -25.44 6.35 -24.42
N LEU D 546 -25.72 7.14 -25.48
CA LEU D 546 -25.77 8.59 -25.39
C LEU D 546 -27.20 8.84 -24.97
N ILE D 547 -27.38 9.43 -23.80
CA ILE D 547 -28.66 9.71 -23.17
C ILE D 547 -28.91 11.22 -23.00
N ASN D 548 -30.20 11.62 -22.86
CA ASN D 548 -30.63 13.01 -22.67
C ASN D 548 -30.99 13.18 -21.19
N LEU D 549 -31.35 14.40 -20.75
CA LEU D 549 -31.68 14.64 -19.35
C LEU D 549 -32.79 13.74 -18.80
N LYS D 550 -33.94 13.63 -19.51
CA LYS D 550 -35.08 12.80 -19.07
C LYS D 550 -34.68 11.35 -18.88
N GLU D 551 -33.96 10.78 -19.88
CA GLU D 551 -33.50 9.40 -19.84
C GLU D 551 -32.59 9.12 -18.64
N ALA D 552 -31.63 10.02 -18.37
CA ALA D 552 -30.75 9.87 -17.22
C ALA D 552 -31.59 9.71 -15.93
N LEU D 553 -32.60 10.59 -15.73
CA LEU D 553 -33.51 10.59 -14.59
C LEU D 553 -34.44 9.38 -14.50
N VAL D 554 -34.97 8.92 -15.67
CA VAL D 554 -35.87 7.76 -15.79
C VAL D 554 -35.14 6.54 -15.29
N HIS D 555 -33.89 6.35 -15.75
CA HIS D 555 -33.04 5.24 -15.34
C HIS D 555 -32.74 5.28 -13.85
N TYR D 556 -32.50 6.48 -13.31
CA TYR D 556 -32.26 6.70 -11.89
C TYR D 556 -33.50 6.30 -11.07
N LEU D 557 -34.69 6.75 -11.51
CA LEU D 557 -35.96 6.47 -10.85
C LEU D 557 -36.33 4.96 -10.94
N GLU D 558 -36.13 4.29 -12.10
CA GLU D 558 -36.41 2.84 -12.26
C GLU D 558 -35.56 2.10 -11.20
N HIS D 559 -34.29 2.54 -11.03
CA HIS D 559 -33.31 1.99 -10.08
C HIS D 559 -33.74 2.17 -8.63
N GLN D 560 -34.26 3.36 -8.29
CA GLN D 560 -34.72 3.64 -6.93
C GLN D 560 -35.98 2.86 -6.56
N LYS D 561 -36.91 2.64 -7.51
CA LYS D 561 -38.12 1.87 -7.27
C LYS D 561 -37.73 0.41 -6.91
N THR D 562 -36.75 -0.15 -7.66
CA THR D 562 -36.19 -1.49 -7.53
C THR D 562 -35.48 -1.66 -6.17
N VAL D 563 -34.53 -0.76 -5.84
CA VAL D 563 -33.77 -0.75 -4.57
C VAL D 563 -34.74 -0.77 -3.36
N VAL D 564 -35.72 0.17 -3.31
CA VAL D 564 -36.72 0.28 -2.24
C VAL D 564 -37.60 -0.95 -2.15
N ARG D 565 -38.08 -1.47 -3.31
CA ARG D 565 -38.92 -2.68 -3.32
C ARG D 565 -38.17 -3.91 -2.74
N ARG D 566 -36.93 -4.15 -3.21
CA ARG D 566 -36.06 -5.26 -2.78
C ARG D 566 -35.70 -5.17 -1.29
N ARG D 567 -35.48 -3.94 -0.77
CA ARG D 567 -35.18 -3.69 0.63
C ARG D 567 -36.41 -4.09 1.48
N THR D 568 -37.62 -3.71 1.02
CA THR D 568 -38.89 -4.03 1.68
C THR D 568 -39.15 -5.54 1.65
N GLN D 569 -38.83 -6.22 0.53
CA GLN D 569 -39.00 -7.67 0.38
C GLN D 569 -38.05 -8.44 1.31
N TYR D 570 -36.84 -7.89 1.52
CA TYR D 570 -35.80 -8.46 2.35
C TYR D 570 -36.15 -8.24 3.82
N ASN D 571 -36.48 -7.00 4.20
CA ASN D 571 -36.86 -6.66 5.57
C ASN D 571 -38.04 -7.52 6.02
N LEU D 572 -38.98 -7.89 5.09
CA LEU D 572 -40.15 -8.73 5.34
C LEU D 572 -39.77 -10.19 5.59
N ARG D 573 -38.83 -10.75 4.77
CA ARG D 573 -38.32 -12.11 4.92
C ARG D 573 -37.66 -12.21 6.31
N LYS D 574 -36.80 -11.21 6.66
CA LYS D 574 -36.06 -11.19 7.92
C LYS D 574 -36.93 -11.03 9.14
N ALA D 575 -37.97 -10.17 9.04
CA ALA D 575 -38.91 -9.88 10.11
C ALA D 575 -39.74 -11.14 10.38
N LYS D 576 -40.13 -11.86 9.32
CA LYS D 576 -40.91 -13.10 9.44
C LYS D 576 -40.10 -14.25 10.07
N ASP D 577 -38.80 -14.33 9.75
CA ASP D 577 -37.86 -15.33 10.26
C ASP D 577 -37.66 -15.09 11.75
N ARG D 578 -37.55 -13.81 12.13
CA ARG D 578 -37.36 -13.39 13.49
C ARG D 578 -38.66 -13.50 14.33
N ALA D 579 -39.84 -13.32 13.70
CA ALA D 579 -41.12 -13.48 14.38
C ALA D 579 -41.30 -14.99 14.67
N HIS D 580 -40.84 -15.83 13.72
CA HIS D 580 -40.89 -17.28 13.80
C HIS D 580 -40.11 -17.76 15.00
N ILE D 581 -38.84 -17.30 15.14
CA ILE D 581 -37.95 -17.65 16.24
C ILE D 581 -38.58 -17.22 17.55
N LEU D 582 -39.08 -15.95 17.63
CA LEU D 582 -39.73 -15.40 18.83
C LEU D 582 -40.99 -16.15 19.22
N GLU D 583 -41.70 -16.75 18.25
CA GLU D 583 -42.88 -17.56 18.51
C GLU D 583 -42.45 -18.81 19.27
N GLY D 584 -41.25 -19.31 18.96
CA GLY D 584 -40.66 -20.48 19.59
C GLY D 584 -40.17 -20.19 20.99
N LEU D 585 -39.52 -19.02 21.20
CA LEU D 585 -39.01 -18.60 22.51
C LEU D 585 -40.19 -18.33 23.45
N ARG D 586 -41.33 -17.78 22.90
CA ARG D 586 -42.57 -17.49 23.62
C ARG D 586 -43.25 -18.77 24.09
N ILE D 587 -43.29 -19.82 23.24
CA ILE D 587 -43.83 -21.13 23.58
C ILE D 587 -43.00 -21.67 24.75
N ALA D 588 -41.64 -21.57 24.67
CA ALA D 588 -40.74 -22.03 25.72
C ALA D 588 -40.98 -21.30 27.06
N LEU D 589 -41.25 -19.99 27.00
CA LEU D 589 -41.50 -19.19 28.20
C LEU D 589 -42.83 -19.56 28.84
N ASP D 590 -43.80 -20.02 28.02
CA ASP D 590 -45.13 -20.45 28.44
C ASP D 590 -45.09 -21.85 29.02
N HIS D 591 -44.04 -22.65 28.72
CA HIS D 591 -43.94 -24.03 29.19
C HIS D 591 -42.54 -24.37 29.66
N ILE D 592 -41.90 -23.44 30.40
CA ILE D 592 -40.54 -23.61 30.85
C ILE D 592 -40.20 -24.90 31.61
N ASP D 593 -40.98 -25.29 32.64
CA ASP D 593 -40.71 -26.56 33.35
C ASP D 593 -40.64 -27.74 32.40
N GLU D 594 -41.65 -27.87 31.53
CA GLU D 594 -41.78 -28.89 30.51
C GLU D 594 -40.57 -28.89 29.56
N ILE D 595 -40.17 -27.69 29.04
CA ILE D 595 -39.01 -27.49 28.15
C ILE D 595 -37.77 -28.00 28.86
N ILE D 596 -37.54 -27.57 30.11
CA ILE D 596 -36.41 -27.98 30.93
C ILE D 596 -36.39 -29.50 31.06
N SER D 597 -37.54 -30.13 31.44
CA SER D 597 -37.67 -31.59 31.59
C SER D 597 -37.26 -32.31 30.31
N THR D 598 -37.71 -31.80 29.14
CA THR D 598 -37.41 -32.35 27.83
C THR D 598 -35.90 -32.36 27.57
N ILE D 599 -35.19 -31.23 27.83
CA ILE D 599 -33.73 -31.10 27.64
C ILE D 599 -32.99 -32.02 28.63
N ARG D 600 -33.36 -31.95 29.93
CA ARG D 600 -32.77 -32.73 31.02
C ARG D 600 -32.83 -34.25 30.83
N GLU D 601 -33.94 -34.75 30.25
CA GLU D 601 -34.17 -36.17 29.99
C GLU D 601 -33.49 -36.67 28.69
N SER D 602 -32.76 -35.79 27.99
CA SER D 602 -32.10 -36.12 26.73
C SER D 602 -30.61 -36.32 26.92
N ASP D 603 -30.07 -37.38 26.32
CA ASP D 603 -28.65 -37.65 26.43
C ASP D 603 -27.82 -36.71 25.57
N THR D 604 -28.27 -36.48 24.32
CA THR D 604 -27.58 -35.62 23.37
C THR D 604 -28.37 -34.36 23.02
N ASP D 605 -27.76 -33.46 22.23
CA ASP D 605 -28.36 -32.21 21.74
C ASP D 605 -29.34 -32.53 20.62
N LYS D 606 -29.08 -33.64 19.86
CA LYS D 606 -29.90 -34.14 18.75
C LYS D 606 -31.26 -34.63 19.27
N VAL D 607 -31.23 -35.46 20.31
CA VAL D 607 -32.38 -36.05 21.02
C VAL D 607 -33.26 -34.94 21.61
N ALA D 608 -32.65 -33.96 22.32
CA ALA D 608 -33.35 -32.82 22.93
C ALA D 608 -34.06 -32.02 21.86
N MET D 609 -33.37 -31.72 20.75
CA MET D 609 -33.87 -30.97 19.62
C MET D 609 -35.05 -31.70 18.96
N GLU D 610 -34.95 -33.04 18.78
CA GLU D 610 -36.02 -33.85 18.19
C GLU D 610 -37.25 -33.93 19.10
N SER D 611 -37.03 -34.19 20.41
CA SER D 611 -38.06 -34.28 21.44
C SER D 611 -38.83 -32.97 21.59
N LEU D 612 -38.13 -31.79 21.52
CA LEU D 612 -38.71 -30.45 21.61
C LEU D 612 -39.63 -30.20 20.41
N GLN D 613 -39.17 -30.56 19.18
CA GLN D 613 -39.89 -30.39 17.92
C GLN D 613 -41.21 -31.14 17.92
N GLN D 614 -41.18 -32.37 18.45
CA GLN D 614 -42.30 -33.26 18.55
C GLN D 614 -43.31 -32.79 19.62
N ARG D 615 -42.85 -32.65 20.87
CA ARG D 615 -43.64 -32.23 22.03
C ARG D 615 -44.28 -30.89 21.88
N PHE D 616 -43.60 -29.91 21.27
CA PHE D 616 -44.18 -28.56 21.18
C PHE D 616 -44.51 -28.03 19.81
N LYS D 617 -44.51 -28.90 18.77
CA LYS D 617 -44.82 -28.56 17.37
C LYS D 617 -43.90 -27.45 16.83
N LEU D 618 -42.63 -27.48 17.28
CA LEU D 618 -41.62 -26.49 16.90
C LEU D 618 -40.86 -26.90 15.65
N SER D 619 -40.32 -25.91 14.91
CA SER D 619 -39.48 -26.18 13.73
C SER D 619 -38.06 -26.46 14.27
N GLU D 620 -37.13 -26.88 13.39
CA GLU D 620 -35.73 -27.15 13.76
C GLU D 620 -35.08 -25.84 14.22
N LYS D 621 -35.41 -24.73 13.51
CA LYS D 621 -34.91 -23.39 13.79
C LYS D 621 -35.39 -22.90 15.15
N GLN D 622 -36.66 -23.17 15.46
CA GLN D 622 -37.28 -22.80 16.73
C GLN D 622 -36.65 -23.58 17.88
N ALA D 623 -36.50 -24.91 17.75
CA ALA D 623 -35.91 -25.73 18.80
C ALA D 623 -34.44 -25.40 19.03
N GLN D 624 -33.66 -25.06 17.95
CA GLN D 624 -32.25 -24.70 18.09
C GLN D 624 -32.13 -23.40 18.87
N ALA D 625 -33.03 -22.44 18.60
CA ALA D 625 -33.11 -21.15 19.26
C ALA D 625 -33.36 -21.32 20.76
N ILE D 626 -34.23 -22.29 21.13
CA ILE D 626 -34.53 -22.58 22.53
C ILE D 626 -33.26 -23.18 23.17
N LEU D 627 -32.66 -24.20 22.51
CA LEU D 627 -31.42 -24.84 22.99
C LEU D 627 -30.27 -23.83 23.16
N ASP D 628 -30.28 -22.74 22.36
CA ASP D 628 -29.23 -21.72 22.41
C ASP D 628 -29.55 -20.62 23.39
N MET D 629 -30.78 -20.59 23.92
CA MET D 629 -31.24 -19.57 24.86
C MET D 629 -30.45 -19.64 26.17
N ARG D 630 -29.96 -18.49 26.64
CA ARG D 630 -29.20 -18.41 27.90
C ARG D 630 -30.12 -18.33 29.12
N LEU D 631 -29.62 -18.74 30.31
CA LEU D 631 -30.38 -18.71 31.56
C LEU D 631 -30.78 -17.29 31.95
N ARG D 632 -29.92 -16.30 31.68
CA ARG D 632 -30.21 -14.88 31.95
C ARG D 632 -31.49 -14.40 31.25
N ARG D 633 -31.91 -15.05 30.14
CA ARG D 633 -33.12 -14.71 29.36
C ARG D 633 -34.43 -15.10 30.06
N LEU D 634 -34.32 -15.82 31.20
CA LEU D 634 -35.45 -16.26 32.02
C LEU D 634 -35.96 -15.22 33.09
N THR D 635 -35.23 -14.10 33.27
CA THR D 635 -35.55 -13.01 34.22
C THR D 635 -36.71 -12.19 33.69
N GLY D 636 -37.34 -11.43 34.58
CA GLY D 636 -38.48 -10.58 34.27
C GLY D 636 -38.28 -9.65 33.08
N LEU D 637 -37.18 -8.87 33.09
CA LEU D 637 -36.85 -7.91 32.05
C LEU D 637 -36.67 -8.56 30.68
N GLU D 638 -35.90 -9.67 30.63
CA GLU D 638 -35.59 -10.42 29.42
C GLU D 638 -36.81 -11.08 28.82
N ARG D 639 -37.75 -11.54 29.68
CA ARG D 639 -38.99 -12.19 29.26
C ARG D 639 -39.86 -11.16 28.57
N ASP D 640 -39.86 -9.93 29.10
CA ASP D 640 -40.59 -8.78 28.60
C ASP D 640 -40.04 -8.37 27.23
N LYS D 641 -38.68 -8.27 27.08
CA LYS D 641 -37.96 -7.91 25.86
C LYS D 641 -38.35 -8.80 24.70
N ILE D 642 -38.53 -10.12 24.95
CA ILE D 642 -38.95 -11.11 23.96
C ILE D 642 -40.37 -10.80 23.47
N GLU D 643 -41.27 -10.46 24.41
CA GLU D 643 -42.66 -10.12 24.10
C GLU D 643 -42.77 -8.78 23.35
N ALA D 644 -41.97 -7.77 23.76
CA ALA D 644 -41.98 -6.45 23.15
C ALA D 644 -41.39 -6.46 21.75
N GLU D 645 -40.30 -7.23 21.53
CA GLU D 645 -39.66 -7.34 20.21
C GLU D 645 -40.65 -7.93 19.22
N TYR D 646 -41.41 -8.94 19.67
CA TYR D 646 -42.42 -9.67 18.92
C TYR D 646 -43.59 -8.78 18.52
N ASN D 647 -44.17 -8.03 19.48
CA ASN D 647 -45.29 -7.15 19.20
C ASN D 647 -44.93 -6.03 18.24
N GLU D 648 -43.69 -5.50 18.35
CA GLU D 648 -43.09 -4.45 17.51
C GLU D 648 -42.95 -4.99 16.07
N LEU D 649 -42.41 -6.22 15.94
CA LEU D 649 -42.16 -6.91 14.69
C LEU D 649 -43.44 -7.23 13.91
N LEU D 650 -44.53 -7.55 14.65
CA LEU D 650 -45.84 -7.85 14.08
C LEU D 650 -46.39 -6.60 13.40
N ASN D 651 -46.17 -5.44 14.01
CA ASN D 651 -46.58 -4.14 13.49
C ASN D 651 -45.75 -3.79 12.26
N TYR D 652 -44.41 -4.04 12.33
CA TYR D 652 -43.43 -3.81 11.29
C TYR D 652 -43.79 -4.67 10.05
N ILE D 653 -44.13 -5.98 10.25
CA ILE D 653 -44.53 -6.90 9.17
C ILE D 653 -45.79 -6.31 8.45
N SER D 654 -46.75 -5.79 9.22
CA SER D 654 -47.98 -5.20 8.69
C SER D 654 -47.63 -3.99 7.82
N GLU D 655 -46.80 -3.05 8.34
CA GLU D 655 -46.33 -1.85 7.67
C GLU D 655 -45.65 -2.20 6.32
N LEU D 656 -44.78 -3.22 6.31
CA LEU D 656 -44.07 -3.69 5.13
C LEU D 656 -45.03 -4.30 4.11
N GLU D 657 -45.94 -5.18 4.59
CA GLU D 657 -46.94 -5.84 3.74
C GLU D 657 -47.82 -4.83 3.00
N THR D 658 -48.05 -3.63 3.60
CA THR D 658 -48.84 -2.54 3.01
C THR D 658 -48.08 -2.02 1.78
N ILE D 659 -46.78 -1.67 1.93
CA ILE D 659 -45.91 -1.17 0.87
C ILE D 659 -45.91 -2.09 -0.37
N LEU D 660 -45.77 -3.41 -0.19
CA LEU D 660 -45.76 -4.38 -1.30
C LEU D 660 -47.14 -4.70 -1.92
N ALA D 661 -48.25 -4.33 -1.24
CA ALA D 661 -49.63 -4.56 -1.69
C ALA D 661 -50.16 -3.48 -2.68
N ASP D 662 -49.54 -2.27 -2.67
CA ASP D 662 -49.92 -1.13 -3.49
C ASP D 662 -48.67 -0.46 -4.10
N GLU D 663 -48.64 -0.33 -5.43
CA GLU D 663 -47.54 0.31 -6.15
C GLU D 663 -47.45 1.82 -5.95
N GLU D 664 -48.58 2.48 -5.63
CA GLU D 664 -48.62 3.91 -5.38
C GLU D 664 -48.03 4.23 -4.00
N VAL D 665 -48.09 3.26 -3.05
CA VAL D 665 -47.55 3.41 -1.69
C VAL D 665 -46.03 3.27 -1.74
N LEU D 666 -45.53 2.34 -2.58
CA LEU D 666 -44.10 2.07 -2.81
C LEU D 666 -43.46 3.34 -3.42
N LEU D 667 -44.13 3.91 -4.44
CA LEU D 667 -43.68 5.10 -5.16
C LEU D 667 -43.65 6.31 -4.25
N GLN D 668 -44.62 6.43 -3.34
CA GLN D 668 -44.68 7.53 -2.40
C GLN D 668 -43.55 7.43 -1.36
N LEU D 669 -43.05 6.20 -1.08
CA LEU D 669 -41.97 6.01 -0.11
C LEU D 669 -40.64 6.50 -0.72
N VAL D 670 -40.46 6.22 -2.02
CA VAL D 670 -39.31 6.62 -2.83
C VAL D 670 -39.25 8.16 -2.80
N ARG D 671 -40.40 8.84 -3.07
CA ARG D 671 -40.56 10.29 -3.05
C ARG D 671 -40.25 10.87 -1.68
N ASP D 672 -40.74 10.21 -0.60
CA ASP D 672 -40.53 10.67 0.77
C ASP D 672 -39.07 10.56 1.15
N GLU D 673 -38.40 9.50 0.70
CA GLU D 673 -36.98 9.25 0.98
C GLU D 673 -36.06 10.19 0.24
N LEU D 674 -36.41 10.57 -1.02
CA LEU D 674 -35.66 11.55 -1.81
C LEU D 674 -35.85 12.93 -1.18
N THR D 675 -37.07 13.19 -0.64
CA THR D 675 -37.39 14.46 0.02
C THR D 675 -36.53 14.62 1.25
N GLU D 676 -36.40 13.56 2.08
CA GLU D 676 -35.53 13.62 3.27
C GLU D 676 -34.09 14.01 2.85
N ILE D 677 -33.53 13.33 1.83
CA ILE D 677 -32.18 13.58 1.31
C ILE D 677 -31.99 15.03 0.81
N ARG D 678 -32.97 15.54 0.05
CA ARG D 678 -32.98 16.90 -0.48
C ARG D 678 -32.95 17.91 0.66
N ASP D 679 -33.69 17.64 1.74
CA ASP D 679 -33.77 18.51 2.91
C ASP D 679 -32.51 18.52 3.75
N ARG D 680 -31.80 17.39 3.80
CA ARG D 680 -30.56 17.24 4.56
C ARG D 680 -29.32 17.68 3.77
N PHE D 681 -29.19 17.23 2.51
CA PHE D 681 -28.04 17.50 1.65
C PHE D 681 -28.15 18.56 0.57
N GLY D 682 -29.37 18.90 0.15
CA GLY D 682 -29.59 19.91 -0.87
C GLY D 682 -28.98 21.24 -0.44
N ASP D 683 -28.27 21.91 -1.37
CA ASP D 683 -27.63 23.19 -1.11
C ASP D 683 -27.95 24.27 -2.16
N ASP D 684 -27.40 25.47 -1.97
CA ASP D 684 -27.64 26.55 -2.92
C ASP D 684 -26.85 26.42 -4.22
N ARG D 685 -27.44 26.94 -5.30
CA ARG D 685 -26.82 26.97 -6.62
C ARG D 685 -25.56 27.83 -6.51
N ARG D 686 -24.46 27.35 -7.08
CA ARG D 686 -23.20 28.07 -7.07
C ARG D 686 -23.00 28.81 -8.42
N THR D 687 -23.27 28.13 -9.52
CA THR D 687 -23.12 28.62 -10.86
C THR D 687 -24.33 29.48 -11.30
N GLU D 688 -24.06 30.76 -11.65
CA GLU D 688 -25.08 31.70 -12.13
C GLU D 688 -25.28 31.55 -13.63
N ILE D 689 -26.54 31.30 -14.06
CA ILE D 689 -26.86 31.16 -15.49
C ILE D 689 -27.37 32.52 -16.06
N GLN D 690 -26.52 33.19 -16.85
CA GLN D 690 -26.86 34.48 -17.46
C GLN D 690 -27.55 34.39 -18.83
N LEU D 691 -28.45 35.34 -19.14
CA LEU D 691 -29.21 35.40 -20.41
C LEU D 691 -28.48 36.16 -21.53
C2 31N E . 10.49 7.47 -10.05
C3 31N E . 9.47 6.94 -9.27
C7 31N E . 9.87 4.85 -10.40
C9 31N E . 8.05 5.01 -8.70
C10 31N E . 8.34 4.17 -7.50
C11 31N E . 7.03 3.79 -6.78
C12 31N E . 6.10 3.04 -7.75
C13 31N E . 4.83 2.65 -7.04
C15 31N E . 5.07 4.64 -5.59
C18 31N E . 6.11 2.50 -4.88
N19 31N E . 3.64 2.68 -4.90
C20 31N E . 3.49 1.20 -4.72
C21 31N E . 2.40 0.76 -3.81
C 31N E . 10.08 9.56 -8.96
F 31N E . 9.63 3.54 -10.60
N 31N E . 8.78 7.67 -8.37
O 31N E . 8.44 9.77 -7.30
C1 31N E . 10.77 8.80 -9.87
C4 31N E . 9.11 8.95 -8.22
N5 31N E . 11.17 6.76 -10.96
C6 31N E . 10.86 5.48 -11.12
C8 31N E . 9.18 5.60 -9.46
C14 31N E . 4.91 3.12 -5.60
O16 31N E . 6.34 4.96 -6.22
C17 31N E . 7.38 2.84 -5.63
N22 31N E . 2.44 1.19 -2.54
C23 31N E . 1.45 0.79 -1.74
C24 31N E . 0.43 -0.05 -2.16
C25 31N E . 0.41 -0.48 -3.46
C26 31N E . 1.42 -0.08 -4.31
O27 31N E . 8.98 3.01 -8.03
N28 31N E . 1.49 1.19 -0.39
C29 31N E . 0.73 0.51 0.51
C30 31N E . -0.20 -0.59 0.07
O31 31N E . -0.57 -0.44 -1.29
O32 31N E . 0.80 0.81 1.69
C33 31N E . 7.43 9.06 -6.59
S SO4 F . -21.18 -20.69 24.73
O1 SO4 F . -20.96 -19.36 24.12
O2 SO4 F . -22.23 -20.59 25.77
O3 SO4 F . -21.60 -21.67 23.69
O4 SO4 F . -19.95 -21.16 25.38
MN MN G . 9.47 13.25 6.71
S SO4 H . -26.81 -14.77 22.55
O1 SO4 H . -27.40 -13.94 21.49
O2 SO4 H . -26.56 -13.89 23.72
O3 SO4 H . -27.77 -15.84 22.89
O4 SO4 H . -25.53 -15.38 22.09
S SO4 I . 0.13 53.26 -14.80
O1 SO4 I . 0.38 54.70 -14.79
O2 SO4 I . 0.56 52.63 -13.52
O3 SO4 I . -1.27 53.05 -14.92
O4 SO4 I . 0.83 52.63 -15.93
MN MN J . 0.76 -5.66 -17.02
#